data_3SDX
#
_entry.id   3SDX
#
_cell.length_a   209.041
_cell.length_b   152.337
_cell.length_c   85.119
_cell.angle_alpha   90.00
_cell.angle_beta   97.24
_cell.angle_gamma   90.00
#
_symmetry.space_group_name_H-M   'C 1 2 1'
#
loop_
_entity.id
_entity.type
_entity.pdbx_description
1 polymer 'Antigen-presenting glycoprotein CD1d'
2 polymer Beta-2-microglobulin
3 polymer 'NKT TCR Valpha24 chain'
4 polymer 'NKT TCR autoreactive-Vbeta11 chain'
5 non-polymer N-[(2S,3R)-1-(beta-D-galactopyranosyloxy)-3-hydroxyoctadec-4-en-2-yl]tetracosanamide
6 water water
#
loop_
_entity_poly.entity_id
_entity_poly.type
_entity_poly.pdbx_seq_one_letter_code
_entity_poly.pdbx_strand_id
1 'polypeptide(L)'
;RLFPLRCLQISSFANSSWTRTDGLAWLGELQTHSWSNDSDTVRSLKPWSQGTFSDQQWETLQHIFRVYRSSFTRDVKEFA
KMLRLSYPLELQVSAGCEVHPGNASNNFFHVAFQGKDILSFQGTSWEPTQEAPLWVNLAIQVLNQDKWTRETVQWLLNGT
CPQFVSGLLESGKSELKKQVKPKAWLSRGPSPGPGRLLLVCHVSGFYPKPVWVKWMRGEQEQQGTQPGDILPNADETWYL
RATLDVVAGEAAGLSCRVKHSSLEGQDIVLYWHHH
;
A,C
2 'polypeptide(L)'
;IQRTPKIQVYSRHPAENGKSNFLNCYVSGFHPSDIEVDLLKNGERIEKVEHSDLSFSKDWSFYLLYYTEFTPTEKDEYAC
RVNHVTLSQPKIVKWDRDM
;
B,D
3 'polypeptide(L)'
;NQVEQSPQSLIILEGKNCTLQCNYTVSPFSNLRWYKQDTGRGPVSLTIMTFSENTKSNGRYTATLDADTKQSSLHITASQ
LSDSASYICVVSDRGSTLGRLYFGRGTQLTVWPDIQNPDPAVYQLRDSKSSDKSVCLFTDFDSQTNVSQSKDSDVYITDK
CVLDMRSMDFKSNSAVAWSNKSDFACANAFNNSIIPEDTFFPSP
;
E,G
4 'polypeptide(L)'
;EADIYQTPRYLVIGTGKKITLECSQTMGHDKMYWYQQDPGMELHLIHYSYGVNSTEKGDLSSESTVSRIRTEHFPLTLES
ARPSHTSQYLCASSEFGGTERTQETQYFGPGTRLLVLEDLKNVFPPEVAVFEPSEAEISHTQKATLVCLATGFYPDHVEL
SWWVNGKEVHSGVCTDPQPLKEQPALNDSRYALSSRLRVSATFWQNPRNHFRCQVQFYGLSENDEWTQDRAKPVTQIVSA
EAWGRAD
;
F,H
#
loop_
_chem_comp.id
_chem_comp.type
_chem_comp.name
_chem_comp.formula
GCY non-polymer N-[(2S,3R)-1-(beta-D-galactopyranosyloxy)-3-hydroxyoctadec-4-en-2-yl]tetracosanamide 'C48 H93 N O8'
#
# COMPACT_ATOMS: atom_id res chain seq x y z
N ARG A 1 0.34 -38.03 28.64
CA ARG A 1 0.68 -36.62 29.01
C ARG A 1 1.44 -35.96 27.84
N LEU A 2 1.31 -34.63 27.71
CA LEU A 2 1.92 -33.86 26.60
C LEU A 2 2.78 -32.66 27.06
N PHE A 3 3.89 -32.47 26.35
CA PHE A 3 4.89 -31.50 26.77
C PHE A 3 5.33 -30.58 25.63
N PRO A 4 4.61 -29.48 25.42
CA PRO A 4 5.00 -28.50 24.39
C PRO A 4 6.21 -27.63 24.76
N LEU A 5 7.09 -27.41 23.79
CA LEU A 5 8.15 -26.44 23.98
C LEU A 5 7.55 -25.09 23.68
N ARG A 6 7.84 -24.13 24.53
CA ARG A 6 7.36 -22.78 24.35
C ARG A 6 8.49 -21.78 24.56
N CYS A 7 8.91 -21.09 23.50
CA CYS A 7 9.98 -20.08 23.61
C CYS A 7 9.39 -18.70 23.62
N LEU A 8 9.56 -17.97 24.71
CA LEU A 8 8.97 -16.64 24.82
C LEU A 8 9.99 -15.51 24.68
N GLN A 9 9.62 -14.41 24.06
CA GLN A 9 10.51 -13.28 23.92
C GLN A 9 9.81 -12.04 24.46
N ILE A 10 10.52 -11.16 25.15
CA ILE A 10 9.88 -9.92 25.60
C ILE A 10 10.72 -8.69 25.25
N SER A 11 10.26 -7.88 24.30
CA SER A 11 11.07 -6.79 23.80
C SER A 11 10.37 -5.47 24.03
N SER A 12 11.11 -4.52 24.61
CA SER A 12 10.56 -3.24 25.07
C SER A 12 11.40 -2.02 24.68
N PHE A 13 10.81 -1.13 23.89
CA PHE A 13 11.54 0.02 23.39
C PHE A 13 10.86 1.23 23.98
N ALA A 14 11.53 1.93 24.90
CA ALA A 14 10.96 3.12 25.55
C ALA A 14 11.10 4.35 24.64
N ASN A 15 12.32 4.64 24.24
CA ASN A 15 12.61 5.58 23.17
C ASN A 15 13.43 4.83 22.11
N SER A 16 14.07 5.53 21.18
CA SER A 16 14.89 4.85 20.16
C SER A 16 16.36 4.61 20.56
N SER A 17 16.64 4.77 21.85
CA SER A 17 17.97 4.52 22.42
C SER A 17 17.94 3.51 23.55
N TRP A 18 16.80 3.40 24.22
CA TRP A 18 16.68 2.49 25.35
C TRP A 18 15.74 1.38 24.95
N THR A 19 16.23 0.14 25.08
CA THR A 19 15.54 -1.05 24.58
C THR A 19 16.15 -2.32 25.16
N ARG A 20 15.32 -3.30 25.47
CA ARG A 20 15.81 -4.58 25.97
C ARG A 20 15.00 -5.77 25.43
N THR A 21 15.67 -6.92 25.29
CA THR A 21 15.05 -8.15 24.79
C THR A 21 15.45 -9.31 25.69
N ASP A 22 14.47 -9.88 26.37
CA ASP A 22 14.73 -10.98 27.26
C ASP A 22 13.89 -12.17 26.83
N GLY A 23 14.48 -13.35 26.91
CA GLY A 23 13.81 -14.59 26.49
C GLY A 23 13.75 -15.66 27.56
N LEU A 24 13.07 -16.76 27.23
CA LEU A 24 12.99 -17.91 28.11
C LEU A 24 12.21 -19.03 27.44
N ALA A 25 12.47 -20.26 27.88
CA ALA A 25 11.78 -21.43 27.33
C ALA A 25 11.18 -22.31 28.43
N TRP A 26 10.00 -22.86 28.14
CA TRP A 26 9.32 -23.78 29.03
C TRP A 26 9.13 -25.13 28.34
N LEU A 27 9.54 -26.21 28.98
CA LEU A 27 9.08 -27.51 28.52
C LEU A 27 7.96 -27.94 29.43
N GLY A 28 6.74 -27.92 28.91
CA GLY A 28 5.56 -28.21 29.72
C GLY A 28 5.36 -27.13 30.75
N GLU A 29 5.47 -27.49 32.02
CA GLU A 29 5.39 -26.50 33.09
C GLU A 29 6.75 -26.07 33.61
N LEU A 30 7.75 -26.92 33.38
CA LEU A 30 9.11 -26.68 33.80
C LEU A 30 9.79 -25.63 32.92
N GLN A 31 10.39 -24.60 33.53
CA GLN A 31 11.22 -23.67 32.77
C GLN A 31 12.66 -24.18 32.56
N THR A 32 13.11 -24.28 31.30
CA THR A 32 14.40 -24.93 31.00
C THR A 32 15.53 -24.01 30.56
N HIS A 33 15.23 -22.86 29.99
CA HIS A 33 16.29 -21.91 29.62
C HIS A 33 15.87 -20.49 29.98
N SER A 34 16.79 -19.55 29.81
CA SER A 34 16.53 -18.13 29.99
C SER A 34 17.66 -17.36 29.35
N TRP A 35 17.39 -16.14 28.93
CA TRP A 35 18.34 -15.39 28.14
C TRP A 35 18.06 -13.90 28.36
N SER A 36 18.88 -13.21 29.16
CA SER A 36 18.60 -11.77 29.44
C SER A 36 19.37 -10.80 28.53
N ASN A 37 19.03 -9.51 28.58
CA ASN A 37 19.61 -8.52 27.66
C ASN A 37 21.11 -8.46 27.73
N ASP A 38 21.63 -8.46 28.95
CA ASP A 38 23.05 -8.19 29.19
C ASP A 38 23.99 -9.38 28.91
N SER A 39 23.44 -10.59 28.91
CA SER A 39 24.21 -11.80 28.61
C SER A 39 24.23 -12.12 27.10
N ASP A 40 25.39 -12.45 26.55
CA ASP A 40 25.46 -12.82 25.13
C ASP A 40 25.37 -14.34 24.84
N THR A 41 25.07 -15.14 25.86
CA THR A 41 24.78 -16.56 25.66
C THR A 41 23.48 -16.92 26.37
N VAL A 42 23.04 -18.17 26.16
CA VAL A 42 21.75 -18.64 26.67
C VAL A 42 21.96 -19.51 27.89
N ARG A 43 21.42 -19.10 29.04
CA ARG A 43 21.57 -19.84 30.30
C ARG A 43 20.71 -21.10 30.42
N SER A 44 21.34 -22.24 30.68
CA SER A 44 20.58 -23.46 30.91
C SER A 44 20.12 -23.52 32.35
N LEU A 45 18.98 -24.16 32.60
CA LEU A 45 18.36 -24.20 33.93
C LEU A 45 18.16 -25.58 34.51
N LYS A 46 18.37 -26.61 33.70
CA LYS A 46 18.34 -28.00 34.15
C LYS A 46 19.59 -28.68 33.65
N PRO A 47 20.15 -29.61 34.43
CA PRO A 47 21.31 -30.36 33.93
C PRO A 47 21.11 -30.93 32.52
N TRP A 48 19.86 -31.21 32.15
CA TRP A 48 19.50 -31.87 30.89
C TRP A 48 18.92 -30.93 29.82
N SER A 49 19.09 -29.62 30.01
CA SER A 49 18.56 -28.61 29.08
C SER A 49 19.10 -28.66 27.67
N GLN A 50 20.27 -29.26 27.47
CA GLN A 50 20.86 -29.31 26.13
C GLN A 50 20.28 -30.47 25.34
N GLY A 51 19.36 -31.20 25.97
CA GLY A 51 18.69 -32.31 25.32
C GLY A 51 19.66 -33.36 24.83
N THR A 52 19.76 -33.50 23.53
CA THR A 52 20.49 -34.60 22.93
C THR A 52 21.50 -34.06 21.91
N PHE A 53 21.52 -32.74 21.79
CA PHE A 53 22.31 -32.03 20.80
C PHE A 53 23.76 -32.08 21.21
N SER A 54 24.67 -32.08 20.25
CA SER A 54 26.10 -32.04 20.55
C SER A 54 26.45 -30.66 21.07
N ASP A 55 27.64 -30.52 21.62
CA ASP A 55 28.10 -29.20 22.06
C ASP A 55 28.41 -28.24 20.89
N GLN A 56 28.64 -28.79 19.70
CA GLN A 56 28.89 -27.96 18.52
CA GLN A 56 28.88 -27.93 18.55
C GLN A 56 27.56 -27.59 17.87
N GLN A 57 26.59 -28.51 17.94
CA GLN A 57 25.26 -28.26 17.40
C GLN A 57 24.67 -27.13 18.23
N TRP A 58 24.70 -27.30 19.54
CA TRP A 58 24.13 -26.32 20.43
C TRP A 58 24.75 -24.94 20.23
N GLU A 59 25.96 -24.92 19.70
CA GLU A 59 26.65 -23.66 19.47
C GLU A 59 26.16 -22.91 18.24
N THR A 60 26.03 -23.59 17.11
CA THR A 60 25.56 -22.97 15.88
C THR A 60 24.14 -22.46 16.04
N LEU A 61 23.44 -23.01 17.04
CA LEU A 61 22.08 -22.62 17.34
C LEU A 61 22.13 -21.31 18.10
N GLN A 62 22.84 -21.30 19.22
CA GLN A 62 23.06 -20.07 19.96
C GLN A 62 23.54 -18.93 19.06
N HIS A 63 24.29 -19.28 18.02
CA HIS A 63 24.77 -18.28 17.09
C HIS A 63 23.62 -17.68 16.29
N ILE A 64 22.69 -18.53 15.85
CA ILE A 64 21.55 -18.10 15.08
C ILE A 64 20.72 -17.10 15.88
N PHE A 65 20.48 -17.46 17.15
CA PHE A 65 19.78 -16.61 18.10
C PHE A 65 20.45 -15.29 18.31
N ARG A 66 21.77 -15.33 18.47
CA ARG A 66 22.57 -14.12 18.70
C ARG A 66 22.46 -13.12 17.57
N VAL A 67 22.52 -13.62 16.34
CA VAL A 67 22.35 -12.79 15.15
C VAL A 67 20.91 -12.26 15.01
N TYR A 68 19.93 -13.06 15.46
CA TYR A 68 18.51 -12.68 15.40
C TYR A 68 18.19 -11.54 16.35
N ARG A 69 18.51 -11.70 17.64
CA ARG A 69 18.25 -10.68 18.64
C ARG A 69 18.72 -9.29 18.20
N SER A 70 19.96 -9.20 17.72
CA SER A 70 20.50 -7.89 17.38
C SER A 70 19.81 -7.30 16.14
N SER A 71 19.53 -8.19 15.17
CA SER A 71 18.93 -7.81 13.90
C SER A 71 17.45 -7.47 14.04
N PHE A 72 16.74 -8.29 14.81
CA PHE A 72 15.37 -7.99 15.20
C PHE A 72 15.28 -6.56 15.78
N THR A 73 16.20 -6.21 16.67
CA THR A 73 16.15 -4.91 17.32
C THR A 73 16.20 -3.74 16.33
N ARG A 74 17.20 -3.73 15.44
CA ARG A 74 17.32 -2.64 14.46
C ARG A 74 16.10 -2.56 13.53
N ASP A 75 15.56 -3.73 13.19
CA ASP A 75 14.48 -3.80 12.24
C ASP A 75 13.20 -3.17 12.78
N VAL A 76 12.95 -3.36 14.07
CA VAL A 76 11.81 -2.73 14.75
C VAL A 76 11.97 -1.22 14.77
N LYS A 77 13.13 -0.74 15.19
CA LYS A 77 13.39 0.70 15.23
C LYS A 77 13.13 1.33 13.87
N GLU A 78 13.35 0.52 12.83
CA GLU A 78 13.26 0.96 11.46
C GLU A 78 11.84 0.83 10.91
N PHE A 79 11.07 -0.15 11.41
CA PHE A 79 9.65 -0.21 11.10
C PHE A 79 8.97 1.00 11.70
N ALA A 80 9.39 1.40 12.90
CA ALA A 80 8.76 2.52 13.56
C ALA A 80 8.74 3.72 12.62
N LYS A 81 9.83 3.95 11.91
CA LYS A 81 9.90 5.09 10.99
C LYS A 81 8.95 4.95 9.81
N MET A 82 8.89 3.74 9.26
CA MET A 82 8.15 3.47 8.03
C MET A 82 6.65 3.39 8.27
N LEU A 83 6.26 2.86 9.41
CA LEU A 83 4.86 2.63 9.73
C LEU A 83 4.27 3.76 10.59
N ARG A 84 5.09 4.74 10.96
CA ARG A 84 4.69 5.88 11.82
C ARG A 84 4.10 5.51 13.18
N LEU A 85 4.78 4.65 13.93
CA LEU A 85 4.34 4.30 15.27
C LEU A 85 5.17 5.04 16.29
N SER A 86 4.56 5.39 17.42
CA SER A 86 5.19 6.19 18.47
C SER A 86 5.58 5.31 19.63
N TYR A 87 6.79 5.51 20.14
CA TYR A 87 7.28 4.85 21.34
C TYR A 87 6.47 5.28 22.58
N PRO A 88 6.39 4.44 23.62
CA PRO A 88 6.99 3.11 23.82
C PRO A 88 6.30 2.02 23.01
N LEU A 89 7.06 1.00 22.60
CA LEU A 89 6.51 -0.19 21.93
C LEU A 89 6.74 -1.41 22.80
N GLU A 90 5.85 -2.40 22.68
CA GLU A 90 6.00 -3.65 23.41
C GLU A 90 5.74 -4.82 22.49
N LEU A 91 6.75 -5.62 22.21
CA LEU A 91 6.57 -6.77 21.32
C LEU A 91 6.79 -8.06 22.06
N GLN A 92 5.98 -9.08 21.78
CA GLN A 92 6.19 -10.42 22.35
C GLN A 92 6.12 -11.43 21.23
N VAL A 93 6.95 -12.47 21.30
CA VAL A 93 6.87 -13.59 20.37
C VAL A 93 6.64 -14.82 21.22
N SER A 94 5.98 -15.82 20.65
CA SER A 94 5.83 -17.09 21.29
C SER A 94 5.89 -18.13 20.19
N ALA A 95 6.96 -18.90 20.21
CA ALA A 95 7.27 -19.88 19.16
C ALA A 95 7.67 -21.18 19.79
N GLY A 96 7.36 -22.28 19.11
CA GLY A 96 7.66 -23.60 19.63
C GLY A 96 6.88 -24.68 18.91
N CYS A 97 7.09 -25.91 19.33
CA CYS A 97 6.43 -27.05 18.70
C CYS A 97 6.02 -28.04 19.75
N GLU A 98 5.27 -29.06 19.32
CA GLU A 98 4.75 -30.10 20.20
C GLU A 98 4.82 -31.44 19.48
N VAL A 99 5.69 -32.33 19.96
CA VAL A 99 5.93 -33.64 19.33
C VAL A 99 4.88 -34.69 19.74
N HIS A 100 4.20 -35.25 18.74
CA HIS A 100 3.14 -36.23 18.99
C HIS A 100 3.60 -37.68 18.79
N PRO A 101 3.00 -38.62 19.56
CA PRO A 101 3.22 -40.05 19.40
C PRO A 101 3.07 -40.46 17.93
N GLY A 102 3.87 -41.45 17.52
CA GLY A 102 3.90 -41.85 16.10
C GLY A 102 4.49 -40.76 15.22
N ASN A 103 5.66 -40.24 15.63
CA ASN A 103 6.58 -39.45 14.79
C ASN A 103 6.13 -38.05 14.22
N ALA A 104 4.86 -37.69 14.41
CA ALA A 104 4.34 -36.41 13.92
C ALA A 104 4.56 -35.27 14.92
N SER A 105 4.20 -34.05 14.48
CA SER A 105 4.38 -32.83 15.27
C SER A 105 3.67 -31.64 14.64
N ASN A 106 3.16 -30.73 15.47
CA ASN A 106 2.72 -29.44 14.98
C ASN A 106 3.55 -28.32 15.64
N ASN A 107 3.46 -27.10 15.10
CA ASN A 107 4.26 -25.95 15.59
C ASN A 107 3.61 -24.60 15.35
N PHE A 108 4.23 -23.55 15.89
CA PHE A 108 3.65 -22.20 15.90
C PHE A 108 4.71 -21.09 16.07
N PHE A 109 4.31 -19.85 15.79
CA PHE A 109 5.17 -18.67 15.88
C PHE A 109 4.23 -17.47 15.78
N HIS A 110 3.73 -16.97 16.90
CA HIS A 110 2.82 -15.84 16.89
C HIS A 110 3.52 -14.68 17.50
N VAL A 111 3.35 -13.49 16.94
CA VAL A 111 3.87 -12.28 17.58
C VAL A 111 2.74 -11.34 17.99
N ALA A 112 2.99 -10.47 18.97
CA ALA A 112 1.96 -9.57 19.47
C ALA A 112 2.52 -8.16 19.72
N PHE A 113 1.75 -7.14 19.33
CA PHE A 113 2.20 -5.75 19.44
C PHE A 113 1.27 -5.03 20.41
N GLN A 114 1.85 -4.32 21.37
CA GLN A 114 1.13 -3.71 22.50
C GLN A 114 0.14 -4.67 23.14
N GLY A 115 0.44 -5.96 23.13
CA GLY A 115 -0.40 -6.92 23.83
C GLY A 115 -1.52 -7.56 23.05
N LYS A 116 -1.61 -7.30 21.74
CA LYS A 116 -2.62 -7.90 20.87
C LYS A 116 -1.96 -8.63 19.71
N ASP A 117 -2.55 -9.73 19.25
CA ASP A 117 -1.96 -10.48 18.14
C ASP A 117 -1.81 -9.63 16.87
N ILE A 118 -0.70 -9.76 16.16
CA ILE A 118 -0.63 -9.09 14.85
C ILE A 118 -0.22 -9.98 13.69
N LEU A 119 0.61 -10.99 13.91
CA LEU A 119 0.99 -11.90 12.81
C LEU A 119 1.48 -13.28 13.23
N SER A 120 1.84 -14.14 12.28
CA SER A 120 2.35 -15.47 12.59
C SER A 120 2.92 -16.15 11.39
N PHE A 121 3.60 -17.26 11.60
CA PHE A 121 4.18 -18.02 10.52
C PHE A 121 3.31 -19.22 10.17
N GLN A 122 3.04 -19.37 8.87
CA GLN A 122 2.18 -20.42 8.35
C GLN A 122 2.84 -21.02 7.11
N GLY A 123 3.13 -22.32 7.18
CA GLY A 123 3.72 -23.02 6.04
C GLY A 123 5.04 -22.43 5.60
N THR A 124 4.97 -21.40 4.76
CA THR A 124 6.17 -20.81 4.17
C THR A 124 6.34 -19.29 4.37
N SER A 125 5.30 -18.64 4.92
CA SER A 125 5.17 -17.17 4.89
C SER A 125 4.56 -16.53 6.13
N TRP A 126 4.72 -15.21 6.21
CA TRP A 126 4.09 -14.41 7.26
C TRP A 126 2.65 -14.07 6.89
N GLU A 127 1.78 -14.00 7.88
CA GLU A 127 0.37 -13.79 7.64
C GLU A 127 -0.18 -12.90 8.72
N PRO A 128 -1.15 -12.02 8.39
CA PRO A 128 -1.70 -11.12 9.39
C PRO A 128 -2.79 -11.79 10.22
N THR A 129 -3.05 -11.20 11.38
CA THR A 129 -4.12 -11.63 12.26
C THR A 129 -5.45 -11.12 11.74
N GLN A 130 -6.45 -11.99 11.82
CA GLN A 130 -7.86 -11.66 11.54
C GLN A 130 -8.28 -10.40 12.31
N GLU A 131 -8.27 -9.26 11.64
CA GLU A 131 -8.66 -7.97 12.24
C GLU A 131 -7.49 -7.06 12.67
N ALA A 132 -6.27 -7.43 12.31
CA ALA A 132 -5.11 -6.58 12.57
C ALA A 132 -5.25 -5.27 11.80
N PRO A 133 -4.68 -4.16 12.32
CA PRO A 133 -4.69 -2.84 11.70
C PRO A 133 -4.16 -2.81 10.26
N LEU A 134 -4.34 -1.66 9.61
CA LEU A 134 -3.97 -1.50 8.21
C LEU A 134 -2.46 -1.62 8.01
N TRP A 135 -1.69 -0.93 8.84
CA TRP A 135 -0.24 -0.90 8.70
C TRP A 135 0.38 -2.29 8.71
N VAL A 136 -0.19 -3.19 9.50
CA VAL A 136 0.30 -4.57 9.58
C VAL A 136 0.53 -5.17 8.20
N ASN A 137 -0.33 -4.86 7.22
CA ASN A 137 -0.21 -5.36 5.85
C ASN A 137 1.09 -4.92 5.14
N LEU A 138 1.59 -3.74 5.49
CA LEU A 138 2.86 -3.27 4.98
C LEU A 138 4.02 -4.02 5.63
N ALA A 139 3.96 -4.20 6.96
CA ALA A 139 5.00 -4.95 7.65
C ALA A 139 5.13 -6.33 7.03
N ILE A 140 4.00 -6.98 6.78
CA ILE A 140 4.03 -8.33 6.23
C ILE A 140 4.72 -8.33 4.86
N GLN A 141 4.42 -7.31 4.07
CA GLN A 141 4.99 -7.20 2.75
C GLN A 141 6.51 -7.20 2.88
N VAL A 142 7.02 -6.35 3.78
CA VAL A 142 8.46 -6.16 3.97
C VAL A 142 9.13 -7.38 4.59
N LEU A 143 8.42 -8.09 5.48
CA LEU A 143 8.95 -9.31 6.10
C LEU A 143 9.07 -10.45 5.11
N ASN A 144 8.13 -10.54 4.18
CA ASN A 144 8.13 -11.62 3.20
C ASN A 144 9.13 -11.43 2.04
N GLN A 145 9.73 -10.25 1.91
CA GLN A 145 10.80 -10.05 0.93
C GLN A 145 12.02 -10.91 1.27
N ASP A 146 12.25 -11.10 2.57
CA ASP A 146 13.46 -11.74 3.10
C ASP A 146 13.39 -13.26 2.95
N LYS A 147 13.70 -13.76 1.76
CA LYS A 147 13.55 -15.18 1.48
C LYS A 147 14.39 -16.06 2.40
N TRP A 148 15.59 -15.62 2.73
CA TRP A 148 16.46 -16.43 3.60
C TRP A 148 15.93 -16.57 5.02
N THR A 149 15.33 -15.50 5.57
CA THR A 149 14.78 -15.59 6.91
C THR A 149 13.62 -16.56 6.94
N ARG A 150 12.80 -16.51 5.89
CA ARG A 150 11.63 -17.38 5.81
C ARG A 150 12.01 -18.85 5.83
N GLU A 151 13.06 -19.20 5.11
CA GLU A 151 13.44 -20.59 5.04
C GLU A 151 14.15 -21.08 6.31
N THR A 152 14.76 -20.13 7.01
CA THR A 152 15.38 -20.39 8.29
C THR A 152 14.32 -20.63 9.36
N VAL A 153 13.32 -19.75 9.43
CA VAL A 153 12.23 -19.96 10.37
C VAL A 153 11.56 -21.30 10.13
N GLN A 154 11.38 -21.65 8.86
CA GLN A 154 10.72 -22.88 8.44
C GLN A 154 11.53 -24.13 8.82
N TRP A 155 12.82 -24.10 8.52
CA TRP A 155 13.75 -25.15 8.89
C TRP A 155 13.77 -25.36 10.40
N LEU A 156 13.71 -24.27 11.15
CA LEU A 156 13.76 -24.33 12.61
C LEU A 156 12.52 -24.93 13.23
N LEU A 157 11.35 -24.67 12.63
CA LEU A 157 10.08 -25.10 13.20
C LEU A 157 9.72 -26.48 12.75
N ASN A 158 9.83 -26.73 11.44
CA ASN A 158 9.45 -28.03 10.87
C ASN A 158 10.47 -29.12 11.15
N GLY A 159 11.72 -28.72 11.40
CA GLY A 159 12.84 -29.66 11.49
C GLY A 159 13.69 -29.68 12.74
N THR A 160 14.17 -28.52 13.16
CA THR A 160 15.07 -28.44 14.31
C THR A 160 14.31 -28.59 15.62
N CYS A 161 13.18 -27.90 15.75
CA CYS A 161 12.41 -27.96 16.98
C CYS A 161 12.05 -29.41 17.35
N PRO A 162 11.37 -30.14 16.42
CA PRO A 162 11.01 -31.54 16.68
C PRO A 162 12.18 -32.42 17.12
N GLN A 163 13.33 -32.29 16.48
CA GLN A 163 14.55 -32.99 16.88
C GLN A 163 15.09 -32.64 18.27
N PHE A 164 14.87 -31.42 18.70
CA PHE A 164 15.37 -30.95 19.98
C PHE A 164 14.44 -31.40 21.09
N VAL A 165 13.14 -31.30 20.83
CA VAL A 165 12.15 -31.68 21.82
C VAL A 165 12.14 -33.18 22.05
N SER A 166 12.51 -33.98 21.04
CA SER A 166 12.61 -35.43 21.21
C SER A 166 13.72 -35.78 22.19
N GLY A 167 14.89 -35.18 22.00
CA GLY A 167 16.01 -35.36 22.92
C GLY A 167 15.68 -34.99 24.35
N LEU A 168 15.16 -33.78 24.54
CA LEU A 168 14.78 -33.27 25.86
C LEU A 168 13.88 -34.22 26.63
N LEU A 169 13.01 -34.92 25.90
CA LEU A 169 12.02 -35.83 26.50
C LEU A 169 12.61 -37.11 27.08
N GLU A 170 13.65 -37.63 26.44
CA GLU A 170 14.32 -38.81 26.97
C GLU A 170 15.51 -38.42 27.86
N SER A 171 15.93 -37.16 27.83
CA SER A 171 17.05 -36.72 28.67
C SER A 171 16.59 -36.05 29.96
N GLY A 172 15.40 -35.48 29.95
CA GLY A 172 14.78 -34.97 31.17
C GLY A 172 13.67 -35.89 31.62
N LYS A 173 13.81 -37.17 31.26
CA LYS A 173 12.79 -38.23 31.47
C LYS A 173 12.30 -38.38 32.90
N SER A 174 13.23 -38.60 33.83
CA SER A 174 12.90 -38.86 35.23
C SER A 174 12.39 -37.66 36.01
N GLU A 175 12.67 -36.45 35.53
CA GLU A 175 12.18 -35.22 36.18
C GLU A 175 10.76 -34.87 35.74
N LEU A 176 10.45 -35.25 34.52
CA LEU A 176 9.12 -35.03 33.95
C LEU A 176 8.08 -36.01 34.54
N LYS A 177 8.55 -37.03 35.26
CA LYS A 177 7.65 -38.03 35.85
C LYS A 177 7.58 -37.92 37.36
N LYS A 178 8.57 -37.26 37.95
CA LYS A 178 8.60 -36.98 39.40
C LYS A 178 7.20 -36.62 39.90
N GLN A 179 6.88 -37.09 41.11
CA GLN A 179 5.61 -36.79 41.79
C GLN A 179 5.87 -36.30 43.20
N VAL A 180 5.14 -35.29 43.64
CA VAL A 180 5.32 -34.76 45.00
C VAL A 180 3.97 -34.61 45.72
N LYS A 181 3.82 -35.31 46.85
CA LYS A 181 2.59 -35.29 47.65
C LYS A 181 2.34 -33.91 48.25
N PRO A 182 1.07 -33.49 48.32
CA PRO A 182 0.71 -32.24 48.97
C PRO A 182 0.38 -32.40 50.45
N LYS A 183 0.48 -31.30 51.18
CA LYS A 183 -0.03 -31.22 52.55
C LYS A 183 -1.19 -30.23 52.54
N ALA A 184 -2.31 -30.62 53.16
CA ALA A 184 -3.52 -29.80 53.17
C ALA A 184 -3.99 -29.48 54.59
N TRP A 185 -4.74 -28.39 54.75
CA TRP A 185 -5.38 -28.07 56.03
C TRP A 185 -6.54 -27.07 55.85
N LEU A 186 -7.38 -26.94 56.88
CA LEU A 186 -8.56 -26.06 56.80
C LEU A 186 -8.47 -24.87 57.75
N SER A 187 -9.05 -23.75 57.35
CA SER A 187 -9.12 -22.57 58.22
C SER A 187 -10.34 -21.70 57.92
N ARG A 188 -10.47 -20.61 58.67
CA ARG A 188 -11.64 -19.73 58.63
C ARG A 188 -11.22 -18.29 58.33
N GLY A 189 -11.70 -17.76 57.21
CA GLY A 189 -11.31 -16.42 56.76
C GLY A 189 -12.19 -15.33 57.32
N PRO A 190 -12.24 -14.17 56.63
CA PRO A 190 -13.09 -13.05 57.03
C PRO A 190 -14.58 -13.35 56.80
N SER A 191 -15.44 -12.79 57.66
CA SER A 191 -16.89 -13.02 57.59
C SER A 191 -17.53 -12.33 56.37
N PRO A 192 -18.37 -13.06 55.61
CA PRO A 192 -19.14 -12.40 54.54
C PRO A 192 -20.56 -12.03 54.98
N GLY A 193 -20.84 -12.15 56.28
CA GLY A 193 -22.18 -11.92 56.83
C GLY A 193 -22.34 -10.59 57.58
N PRO A 194 -22.91 -10.63 58.81
CA PRO A 194 -23.40 -11.81 59.52
C PRO A 194 -24.69 -12.38 58.90
N GLY A 195 -25.05 -13.61 59.26
CA GLY A 195 -24.30 -14.47 60.18
C GLY A 195 -23.85 -15.77 59.54
N ARG A 196 -22.90 -15.66 58.61
CA ARG A 196 -22.44 -16.81 57.83
C ARG A 196 -20.92 -16.90 57.89
N LEU A 197 -20.39 -18.10 57.70
CA LEU A 197 -18.94 -18.32 57.83
C LEU A 197 -18.24 -18.59 56.49
N LEU A 198 -16.94 -18.32 56.45
CA LEU A 198 -16.11 -18.58 55.27
C LEU A 198 -15.22 -19.79 55.49
N LEU A 199 -15.35 -20.77 54.61
CA LEU A 199 -14.57 -21.99 54.69
C LEU A 199 -13.44 -22.01 53.67
N VAL A 200 -12.21 -22.22 54.14
CA VAL A 200 -11.00 -22.23 53.30
C VAL A 200 -10.30 -23.57 53.42
N CYS A 201 -10.08 -24.23 52.29
CA CYS A 201 -9.35 -25.51 52.24
C CYS A 201 -8.03 -25.35 51.48
N HIS A 202 -6.93 -25.13 52.21
CA HIS A 202 -5.60 -25.02 51.61
C HIS A 202 -5.03 -26.35 51.10
N VAL A 203 -4.30 -26.30 50.00
CA VAL A 203 -3.60 -27.47 49.44
C VAL A 203 -2.26 -26.99 48.90
N SER A 204 -1.18 -27.37 49.59
CA SER A 204 0.14 -26.85 49.26
C SER A 204 1.16 -27.92 48.88
N GLY A 205 2.03 -27.55 47.96
CA GLY A 205 3.26 -28.30 47.71
C GLY A 205 3.19 -29.49 46.77
N PHE A 206 2.17 -29.55 45.93
CA PHE A 206 2.03 -30.65 44.98
C PHE A 206 2.76 -30.40 43.66
N TYR A 207 3.04 -31.48 42.94
CA TYR A 207 3.66 -31.45 41.61
C TYR A 207 3.45 -32.83 40.96
N PRO A 208 3.05 -32.87 39.68
CA PRO A 208 2.78 -31.83 38.68
C PRO A 208 1.55 -30.94 38.93
N LYS A 209 1.33 -29.99 38.02
CA LYS A 209 0.26 -29.01 38.16
C LYS A 209 -1.17 -29.59 38.15
N PRO A 210 -1.50 -30.51 37.21
CA PRO A 210 -2.89 -30.99 37.14
C PRO A 210 -3.45 -31.55 38.47
N VAL A 211 -4.54 -30.95 38.96
CA VAL A 211 -5.11 -31.26 40.27
C VAL A 211 -6.64 -31.05 40.29
N TRP A 212 -7.28 -31.41 41.39
CA TRP A 212 -8.75 -31.35 41.51
C TRP A 212 -9.21 -31.23 42.98
N VAL A 213 -9.83 -30.11 43.32
CA VAL A 213 -10.32 -29.88 44.68
C VAL A 213 -11.76 -29.40 44.65
N LYS A 214 -12.58 -29.93 45.54
CA LYS A 214 -13.97 -29.49 45.70
C LYS A 214 -14.42 -29.62 47.16
N TRP A 215 -15.48 -28.90 47.52
CA TRP A 215 -16.09 -29.06 48.85
C TRP A 215 -17.25 -30.04 48.80
N MET A 216 -17.23 -31.00 49.73
CA MET A 216 -18.14 -32.14 49.69
C MET A 216 -19.10 -32.21 50.89
N ARG A 217 -20.33 -32.66 50.62
CA ARG A 217 -21.22 -33.20 51.66
C ARG A 217 -21.33 -34.71 51.44
N GLY A 218 -20.39 -35.44 52.04
CA GLY A 218 -20.18 -36.86 51.76
C GLY A 218 -19.79 -37.09 50.31
N GLU A 219 -20.66 -37.77 49.56
CA GLU A 219 -20.44 -38.06 48.16
C GLU A 219 -21.05 -36.98 47.25
N GLN A 220 -21.63 -35.94 47.87
CA GLN A 220 -22.37 -34.89 47.13
C GLN A 220 -21.56 -33.61 46.83
N GLU A 221 -21.28 -33.41 45.55
CA GLU A 221 -20.53 -32.26 45.04
C GLU A 221 -21.23 -30.92 45.32
N GLN A 222 -20.77 -30.22 46.35
CA GLN A 222 -21.36 -28.94 46.70
C GLN A 222 -20.83 -27.77 45.87
N GLN A 223 -21.37 -27.59 44.67
CA GLN A 223 -21.02 -26.44 43.79
C GLN A 223 -21.19 -25.12 44.53
N GLY A 224 -20.63 -24.05 44.00
CA GLY A 224 -20.44 -22.84 44.79
C GLY A 224 -19.07 -22.89 45.44
N THR A 225 -18.31 -23.93 45.11
CA THR A 225 -16.88 -24.00 45.37
C THR A 225 -16.22 -22.95 44.50
N GLN A 226 -15.45 -22.07 45.12
CA GLN A 226 -14.69 -21.10 44.37
C GLN A 226 -13.20 -21.49 44.43
N PRO A 227 -12.71 -22.19 43.39
CA PRO A 227 -11.28 -22.53 43.37
C PRO A 227 -10.43 -21.33 42.93
N GLY A 228 -9.42 -20.98 43.72
CA GLY A 228 -8.53 -19.87 43.37
C GLY A 228 -7.62 -20.19 42.20
N ASP A 229 -6.61 -19.34 41.99
CA ASP A 229 -5.63 -19.57 40.97
C ASP A 229 -4.60 -20.53 41.53
N ILE A 230 -4.17 -21.49 40.71
CA ILE A 230 -3.07 -22.36 41.07
C ILE A 230 -1.79 -21.52 41.07
N LEU A 231 -1.23 -21.30 42.26
CA LEU A 231 -0.09 -20.39 42.46
C LEU A 231 1.29 -21.08 42.46
N PRO A 232 2.36 -20.33 42.09
CA PRO A 232 3.68 -20.93 42.05
C PRO A 232 4.47 -20.84 43.37
N ASN A 233 5.20 -21.90 43.68
CA ASN A 233 6.21 -21.88 44.74
C ASN A 233 7.63 -21.80 44.15
N ALA A 234 8.56 -21.20 44.89
CA ALA A 234 9.95 -21.06 44.41
C ALA A 234 10.63 -22.39 44.05
N ASP A 235 10.17 -23.46 44.69
CA ASP A 235 10.73 -24.79 44.46
C ASP A 235 9.95 -25.59 43.42
N GLU A 236 9.16 -24.85 42.64
CA GLU A 236 8.49 -25.38 41.44
C GLU A 236 7.37 -26.34 41.76
N THR A 237 6.84 -26.23 42.98
CA THR A 237 5.56 -26.84 43.32
C THR A 237 4.48 -25.77 43.29
N TRP A 238 3.24 -26.20 43.52
CA TRP A 238 2.07 -25.36 43.34
C TRP A 238 1.25 -25.24 44.60
N TYR A 239 0.39 -24.24 44.66
CA TYR A 239 -0.43 -23.95 45.84
C TYR A 239 -1.85 -23.55 45.45
N LEU A 240 -2.83 -24.31 45.91
CA LEU A 240 -4.25 -24.04 45.65
C LEU A 240 -5.00 -23.56 46.90
N ARG A 241 -6.19 -23.01 46.70
CA ARG A 241 -6.99 -22.43 47.78
C ARG A 241 -8.45 -22.42 47.33
N ALA A 242 -9.24 -23.33 47.90
CA ALA A 242 -10.65 -23.49 47.53
C ALA A 242 -11.59 -23.03 48.65
N THR A 243 -12.51 -22.12 48.32
CA THR A 243 -13.41 -21.50 49.31
C THR A 243 -14.87 -21.96 49.21
N LEU A 244 -15.64 -21.69 50.28
CA LEU A 244 -17.07 -22.00 50.35
C LEU A 244 -17.79 -21.06 51.32
N ASP A 245 -18.75 -20.31 50.79
CA ASP A 245 -19.56 -19.35 51.54
C ASP A 245 -20.77 -20.09 52.13
N VAL A 246 -20.81 -20.21 53.46
CA VAL A 246 -21.76 -21.08 54.15
C VAL A 246 -22.46 -20.48 55.39
N VAL A 247 -23.59 -21.07 55.77
CA VAL A 247 -24.37 -20.70 56.97
C VAL A 247 -24.06 -21.60 58.18
N ALA A 248 -23.63 -20.98 59.29
CA ALA A 248 -23.16 -21.72 60.48
C ALA A 248 -24.29 -22.10 61.45
N GLY A 249 -24.44 -23.40 61.72
CA GLY A 249 -23.55 -24.43 61.24
C GLY A 249 -24.24 -25.49 60.40
N GLU A 250 -24.40 -25.21 59.12
CA GLU A 250 -24.87 -26.19 58.16
C GLU A 250 -24.05 -26.08 56.88
N ALA A 251 -22.81 -26.59 56.84
CA ALA A 251 -22.12 -27.37 57.90
C ALA A 251 -21.52 -26.50 59.02
N ALA A 252 -20.89 -27.04 60.07
CA ALA A 252 -20.43 -28.44 60.27
C ALA A 252 -21.50 -29.54 60.13
N GLY A 253 -21.10 -30.76 59.72
CA GLY A 253 -19.72 -31.11 59.39
C GLY A 253 -19.57 -31.46 57.92
N LEU A 254 -18.52 -30.93 57.29
CA LEU A 254 -18.37 -31.00 55.83
C LEU A 254 -16.98 -31.50 55.44
N SER A 255 -16.76 -31.74 54.14
CA SER A 255 -15.49 -32.31 53.67
C SER A 255 -14.87 -31.66 52.41
N CYS A 256 -13.52 -31.75 52.30
CA CYS A 256 -12.72 -31.26 51.17
C CYS A 256 -11.93 -32.41 50.51
N ARG A 257 -12.34 -32.83 49.32
CA ARG A 257 -11.72 -33.98 48.63
C ARG A 257 -10.63 -33.54 47.65
N VAL A 258 -9.39 -33.94 47.94
CA VAL A 258 -8.22 -33.57 47.14
C VAL A 258 -7.85 -34.72 46.18
N LYS A 259 -8.00 -34.51 44.88
CA LYS A 259 -7.70 -35.55 43.90
C LYS A 259 -6.47 -35.25 43.07
N HIS A 260 -5.30 -35.55 43.63
CA HIS A 260 -4.01 -35.42 42.92
C HIS A 260 -3.53 -36.81 42.46
N SER A 261 -2.45 -36.83 41.69
CA SER A 261 -1.98 -38.06 41.05
C SER A 261 -0.99 -38.88 41.86
N SER A 262 -0.77 -38.54 43.13
CA SER A 262 0.24 -39.26 43.93
C SER A 262 0.28 -38.99 45.44
N LEU A 263 -0.61 -39.55 46.27
CA LEU A 263 -1.96 -40.11 46.00
C LEU A 263 -2.25 -40.94 44.73
N GLU A 264 -1.84 -42.20 44.69
CA GLU A 264 -2.14 -43.05 43.53
C GLU A 264 -3.59 -43.52 43.55
N GLY A 265 -4.34 -43.03 44.53
CA GLY A 265 -5.75 -43.34 44.67
C GLY A 265 -6.22 -42.97 46.07
N GLN A 266 -5.43 -43.34 47.06
CA GLN A 266 -5.75 -43.12 48.47
C GLN A 266 -5.63 -41.63 48.84
N ASP A 267 -6.55 -40.82 48.33
CA ASP A 267 -6.46 -39.36 48.49
C ASP A 267 -6.71 -38.86 49.91
N ILE A 268 -6.71 -37.54 50.09
CA ILE A 268 -6.93 -36.95 51.41
C ILE A 268 -8.27 -36.25 51.47
N VAL A 269 -9.09 -36.61 52.46
CA VAL A 269 -10.38 -35.97 52.71
C VAL A 269 -10.39 -35.46 54.16
N LEU A 270 -10.61 -34.15 54.32
CA LEU A 270 -10.56 -33.51 55.64
C LEU A 270 -11.93 -32.98 56.11
N TYR A 271 -12.18 -33.08 57.42
CA TYR A 271 -13.49 -32.78 58.02
C TYR A 271 -13.49 -31.55 58.92
N TRP A 272 -14.60 -30.81 58.89
CA TRP A 272 -14.75 -29.57 59.66
C TRP A 272 -15.30 -29.84 61.07
N HIS A 273 -14.52 -29.55 62.13
CA HIS A 273 -13.26 -28.81 62.06
C HIS A 273 -12.08 -29.48 62.80
N HIS A 274 -10.86 -29.28 62.29
CA HIS A 274 -9.63 -29.78 62.92
C HIS A 274 -8.45 -28.78 62.80
N HIS A 275 -8.56 -27.63 63.47
CA HIS A 275 -7.45 -26.65 63.56
C HIS A 275 -7.38 -26.00 64.94
N ILE B 1 -0.30 1.35 29.23
CA ILE B 1 -1.33 1.26 30.31
C ILE B 1 -2.63 0.59 29.84
N GLN B 2 -2.60 -0.74 29.69
CA GLN B 2 -3.77 -1.50 29.27
C GLN B 2 -4.37 -2.36 30.38
N ARG B 3 -3.55 -3.15 31.10
CA ARG B 3 -4.08 -4.05 32.14
C ARG B 3 -3.46 -3.87 33.52
N THR B 4 -4.31 -3.78 34.54
CA THR B 4 -3.88 -3.50 35.93
C THR B 4 -3.55 -4.76 36.74
N PRO B 5 -2.37 -4.77 37.43
CA PRO B 5 -1.86 -5.95 38.12
C PRO B 5 -2.77 -6.49 39.19
N LYS B 6 -2.86 -7.82 39.26
CA LYS B 6 -3.60 -8.51 40.31
C LYS B 6 -2.60 -9.08 41.33
N ILE B 7 -2.66 -8.59 42.57
CA ILE B 7 -1.69 -8.97 43.62
C ILE B 7 -2.28 -9.92 44.67
N GLN B 8 -1.58 -11.03 44.91
CA GLN B 8 -1.99 -12.03 45.91
C GLN B 8 -0.80 -12.43 46.77
N VAL B 9 -0.96 -12.33 48.09
CA VAL B 9 0.10 -12.69 49.06
C VAL B 9 -0.22 -14.00 49.77
N TYR B 10 0.80 -14.85 49.93
CA TYR B 10 0.63 -16.15 50.58
C TYR B 10 1.95 -16.70 51.13
N SER B 11 1.92 -17.94 51.60
CA SER B 11 3.10 -18.56 52.19
C SER B 11 3.17 -20.06 51.96
N ARG B 12 4.39 -20.58 51.99
CA ARG B 12 4.68 -21.94 51.57
C ARG B 12 4.06 -23.00 52.49
N HIS B 13 4.22 -22.79 53.80
CA HIS B 13 3.82 -23.75 54.83
C HIS B 13 2.87 -23.09 55.82
N PRO B 14 1.92 -23.86 56.40
CA PRO B 14 1.00 -23.32 57.43
C PRO B 14 1.75 -22.62 58.56
N ALA B 15 1.60 -21.31 58.64
CA ALA B 15 2.40 -20.49 59.55
C ALA B 15 2.17 -20.82 61.02
N GLU B 16 3.27 -21.12 61.71
CA GLU B 16 3.29 -21.35 63.17
C GLU B 16 4.35 -20.45 63.82
N ASN B 17 3.90 -19.35 64.41
CA ASN B 17 4.74 -18.33 65.06
C ASN B 17 6.12 -18.86 65.48
N GLY B 18 7.17 -18.23 64.99
CA GLY B 18 8.54 -18.63 65.32
C GLY B 18 8.99 -19.93 64.67
N LYS B 19 8.74 -20.05 63.36
CA LYS B 19 9.28 -21.15 62.57
C LYS B 19 9.68 -20.63 61.17
N SER B 20 10.78 -21.16 60.66
CA SER B 20 11.35 -20.74 59.37
C SER B 20 10.47 -21.09 58.18
N ASN B 21 10.08 -20.06 57.44
CA ASN B 21 9.09 -20.18 56.36
C ASN B 21 9.45 -19.30 55.16
N PHE B 22 8.63 -19.36 54.10
CA PHE B 22 8.81 -18.55 52.89
C PHE B 22 7.58 -17.72 52.66
N LEU B 23 7.78 -16.45 52.33
CA LEU B 23 6.69 -15.53 52.00
C LEU B 23 6.59 -15.28 50.49
N ASN B 24 5.42 -15.52 49.91
CA ASN B 24 5.22 -15.47 48.45
C ASN B 24 4.24 -14.35 48.01
N CYS B 25 4.71 -13.44 47.17
CA CYS B 25 3.84 -12.43 46.55
C CYS B 25 3.80 -12.60 45.02
N TYR B 26 2.60 -12.82 44.48
CA TYR B 26 2.40 -13.14 43.07
C TYR B 26 1.60 -12.09 42.31
N VAL B 27 2.25 -11.41 41.36
CA VAL B 27 1.62 -10.36 40.57
C VAL B 27 1.33 -10.85 39.15
N SER B 28 0.07 -10.77 38.72
CA SER B 28 -0.31 -11.34 37.42
C SER B 28 -1.28 -10.48 36.59
N GLY B 29 -1.43 -10.85 35.31
CA GLY B 29 -2.36 -10.21 34.38
C GLY B 29 -2.17 -8.73 34.15
N PHE B 30 -0.92 -8.28 34.03
CA PHE B 30 -0.64 -6.85 33.81
C PHE B 30 0.04 -6.57 32.45
N HIS B 31 0.01 -5.30 32.04
CA HIS B 31 0.53 -4.88 30.74
C HIS B 31 0.58 -3.36 30.69
N PRO B 32 1.74 -2.75 30.34
CA PRO B 32 3.02 -3.29 29.85
C PRO B 32 3.94 -3.88 30.93
N SER B 33 5.14 -4.30 30.50
CA SER B 33 6.06 -5.10 31.33
C SER B 33 6.82 -4.33 32.41
N ASP B 34 6.82 -3.01 32.33
CA ASP B 34 7.46 -2.18 33.34
C ASP B 34 6.67 -2.20 34.66
N ILE B 35 7.28 -2.80 35.70
CA ILE B 35 6.64 -2.92 37.02
C ILE B 35 7.69 -2.86 38.14
N GLU B 36 7.28 -2.49 39.35
CA GLU B 36 8.19 -2.40 40.51
C GLU B 36 7.54 -2.96 41.79
N VAL B 37 8.16 -3.99 42.38
CA VAL B 37 7.50 -4.80 43.43
C VAL B 37 8.34 -4.94 44.70
N ASP B 38 7.72 -4.62 45.84
CA ASP B 38 8.41 -4.63 47.14
C ASP B 38 7.67 -5.50 48.16
N LEU B 39 8.43 -6.25 48.96
CA LEU B 39 7.89 -6.92 50.13
C LEU B 39 8.20 -6.17 51.43
N LEU B 40 7.20 -5.98 52.30
CA LEU B 40 7.36 -5.11 53.48
C LEU B 40 7.28 -5.80 54.85
N LYS B 41 8.35 -5.67 55.65
CA LYS B 41 8.33 -6.06 57.07
C LYS B 41 7.92 -4.86 57.92
N ASN B 42 6.73 -4.96 58.51
CA ASN B 42 6.03 -3.85 59.19
C ASN B 42 5.65 -2.75 58.19
N GLY B 43 6.53 -1.77 58.01
CA GLY B 43 6.36 -0.72 57.02
C GLY B 43 7.59 -0.49 56.16
N GLU B 44 8.69 -1.15 56.52
CA GLU B 44 9.96 -0.95 55.83
C GLU B 44 10.24 -2.07 54.82
N ARG B 45 10.97 -1.72 53.75
CA ARG B 45 11.28 -2.64 52.64
C ARG B 45 12.30 -3.73 53.01
N ILE B 46 11.95 -4.99 52.73
CA ILE B 46 12.87 -6.12 52.90
C ILE B 46 13.94 -6.09 51.80
N GLU B 47 15.19 -6.33 52.18
CA GLU B 47 16.33 -6.14 51.26
C GLU B 47 16.77 -7.40 50.52
N LYS B 48 16.44 -8.56 51.08
CA LYS B 48 16.85 -9.82 50.46
C LYS B 48 15.67 -10.51 49.76
N VAL B 49 14.96 -9.75 48.93
CA VAL B 49 13.92 -10.33 48.06
C VAL B 49 14.53 -10.77 46.73
N GLU B 50 14.17 -11.98 46.29
CA GLU B 50 14.55 -12.48 44.98
C GLU B 50 13.33 -12.96 44.20
N HIS B 51 13.32 -12.71 42.89
CA HIS B 51 12.16 -12.95 42.05
C HIS B 51 12.42 -14.01 40.98
N SER B 52 11.35 -14.52 40.39
CA SER B 52 11.46 -15.39 39.24
C SER B 52 11.53 -14.54 37.98
N ASP B 53 11.88 -15.17 36.86
CA ASP B 53 11.94 -14.50 35.56
C ASP B 53 10.58 -14.03 35.06
N LEU B 54 10.57 -12.86 34.43
CA LEU B 54 9.35 -12.30 33.88
C LEU B 54 8.85 -13.22 32.79
N SER B 55 7.61 -13.66 32.92
CA SER B 55 6.97 -14.49 31.90
C SER B 55 5.57 -13.96 31.63
N PHE B 56 4.89 -14.52 30.64
CA PHE B 56 3.53 -14.11 30.32
C PHE B 56 2.64 -15.31 29.97
N SER B 57 1.32 -15.12 30.04
CA SER B 57 0.34 -16.21 29.82
C SER B 57 -0.26 -16.20 28.42
N LYS B 58 -1.17 -17.13 28.13
CA LYS B 58 -1.73 -17.32 26.77
C LYS B 58 -2.39 -16.07 26.21
N ASP B 59 -3.00 -15.27 27.08
CA ASP B 59 -3.67 -14.04 26.69
C ASP B 59 -2.71 -12.85 26.60
N TRP B 60 -1.41 -13.13 26.69
CA TRP B 60 -0.34 -12.16 26.48
C TRP B 60 -0.03 -11.25 27.66
N SER B 61 -0.68 -11.44 28.80
CA SER B 61 -0.38 -10.62 29.98
C SER B 61 0.74 -11.18 30.89
N PHE B 62 1.48 -10.32 31.56
CA PHE B 62 2.65 -10.74 32.32
C PHE B 62 2.33 -11.20 33.74
N TYR B 63 3.24 -11.98 34.33
CA TYR B 63 3.17 -12.42 35.73
C TYR B 63 4.55 -12.77 36.29
N LEU B 64 4.84 -12.34 37.52
CA LEU B 64 6.05 -12.81 38.19
C LEU B 64 5.82 -13.12 39.67
N LEU B 65 6.71 -13.93 40.24
CA LEU B 65 6.64 -14.31 41.64
C LEU B 65 7.83 -13.78 42.42
N TYR B 66 7.54 -12.96 43.43
CA TYR B 66 8.53 -12.47 44.38
C TYR B 66 8.45 -13.25 45.67
N TYR B 67 9.60 -13.60 46.24
CA TYR B 67 9.63 -14.36 47.48
C TYR B 67 10.86 -14.07 48.32
N THR B 68 10.73 -14.26 49.63
CA THR B 68 11.83 -14.10 50.58
C THR B 68 11.67 -15.06 51.75
N GLU B 69 12.79 -15.43 52.37
CA GLU B 69 12.79 -16.35 53.51
C GLU B 69 12.60 -15.56 54.79
N PHE B 70 11.69 -16.01 55.66
CA PHE B 70 11.37 -15.28 56.89
C PHE B 70 10.96 -16.16 58.08
N THR B 71 10.72 -15.51 59.22
CA THR B 71 10.19 -16.17 60.42
C THR B 71 9.13 -15.28 61.09
N PRO B 72 7.86 -15.73 61.09
CA PRO B 72 6.77 -14.91 61.62
C PRO B 72 6.68 -14.90 63.15
N THR B 73 6.21 -13.78 63.69
CA THR B 73 5.81 -13.65 65.09
C THR B 73 4.40 -13.05 65.13
N GLU B 74 3.76 -13.10 66.30
CA GLU B 74 2.47 -12.40 66.51
C GLU B 74 2.64 -10.88 66.42
N LYS B 75 3.88 -10.43 66.62
CA LYS B 75 4.27 -9.01 66.57
C LYS B 75 4.07 -8.35 65.19
N ASP B 76 4.63 -8.96 64.16
CA ASP B 76 4.82 -8.34 62.85
C ASP B 76 3.64 -8.43 61.89
N GLU B 77 3.45 -7.36 61.13
CA GLU B 77 2.59 -7.34 59.94
C GLU B 77 3.47 -7.41 58.66
N TYR B 78 3.06 -8.26 57.70
CA TYR B 78 3.79 -8.40 56.42
C TYR B 78 2.93 -8.08 55.19
N ALA B 79 3.53 -7.45 54.19
CA ALA B 79 2.79 -6.93 53.02
C ALA B 79 3.55 -7.00 51.69
N CYS B 80 2.82 -6.80 50.58
CA CYS B 80 3.40 -6.66 49.24
C CYS B 80 2.92 -5.36 48.56
N ARG B 81 3.86 -4.47 48.26
CA ARG B 81 3.56 -3.20 47.58
C ARG B 81 3.99 -3.21 46.11
N VAL B 82 3.05 -2.89 45.22
CA VAL B 82 3.26 -2.99 43.77
C VAL B 82 3.00 -1.68 43.07
N ASN B 83 3.93 -1.27 42.21
CA ASN B 83 3.80 -0.04 41.45
C ASN B 83 3.77 -0.25 39.92
N HIS B 84 2.87 0.48 39.26
CA HIS B 84 2.57 0.28 37.84
C HIS B 84 1.84 1.47 37.26
N VAL B 85 2.08 1.74 35.98
CA VAL B 85 1.50 2.91 35.32
C VAL B 85 -0.04 2.93 35.23
N THR B 86 -0.68 1.85 35.66
CA THR B 86 -2.14 1.77 35.60
C THR B 86 -2.81 2.14 36.91
N LEU B 87 -2.02 2.47 37.93
CA LEU B 87 -2.56 2.92 39.22
C LEU B 87 -1.78 4.09 39.81
N SER B 88 -2.51 5.15 40.16
CA SER B 88 -1.91 6.44 40.53
C SER B 88 -1.25 6.50 41.91
N GLN B 89 -1.67 5.61 42.81
CA GLN B 89 -0.99 5.43 44.08
C GLN B 89 -0.65 3.95 44.27
N PRO B 90 0.60 3.65 44.68
CA PRO B 90 1.06 2.28 44.91
C PRO B 90 0.08 1.44 45.73
N LYS B 91 -0.30 0.27 45.21
CA LYS B 91 -1.21 -0.62 45.94
C LYS B 91 -0.43 -1.51 46.93
N ILE B 92 -0.94 -1.59 48.16
CA ILE B 92 -0.37 -2.44 49.21
C ILE B 92 -1.41 -3.47 49.64
N VAL B 93 -1.06 -4.74 49.54
CA VAL B 93 -1.94 -5.81 50.00
C VAL B 93 -1.33 -6.39 51.28
N LYS B 94 -2.18 -6.62 52.28
CA LYS B 94 -1.73 -7.17 53.56
C LYS B 94 -1.70 -8.70 53.53
N TRP B 95 -0.73 -9.27 54.26
CA TRP B 95 -0.68 -10.72 54.45
C TRP B 95 -1.68 -11.14 55.52
N ASP B 96 -2.68 -11.94 55.11
CA ASP B 96 -3.63 -12.51 56.04
C ASP B 96 -3.27 -13.95 56.32
N ARG B 97 -2.96 -14.21 57.59
CA ARG B 97 -2.57 -15.53 58.06
C ARG B 97 -3.79 -16.40 58.35
N ASN C 1 36.03 1.95 6.09
CA ASN C 1 35.27 1.34 4.96
C ASN C 1 35.29 -0.21 4.99
N GLN C 2 34.10 -0.79 5.18
CA GLN C 2 33.92 -2.25 5.24
C GLN C 2 33.88 -2.89 3.85
N VAL C 3 33.93 -2.09 2.79
CA VAL C 3 34.03 -2.63 1.44
C VAL C 3 35.26 -2.09 0.77
N GLU C 4 36.12 -3.00 0.31
CA GLU C 4 37.40 -2.64 -0.32
C GLU C 4 37.56 -3.22 -1.71
N GLN C 5 38.15 -2.45 -2.62
CA GLN C 5 38.27 -2.90 -4.00
C GLN C 5 39.69 -2.85 -4.52
N SER C 6 39.95 -3.64 -5.56
CA SER C 6 41.25 -3.65 -6.19
C SER C 6 41.12 -4.14 -7.63
N PRO C 7 41.99 -3.66 -8.55
CA PRO C 7 43.02 -2.62 -8.39
C PRO C 7 42.44 -1.20 -8.36
N GLN C 8 43.23 -0.21 -7.97
CA GLN C 8 42.76 1.17 -7.96
C GLN C 8 42.38 1.63 -9.34
N SER C 9 43.20 1.25 -10.31
CA SER C 9 42.95 1.54 -11.73
C SER C 9 43.76 0.59 -12.62
N LEU C 10 43.39 0.45 -13.88
CA LEU C 10 44.20 -0.36 -14.77
C LEU C 10 43.92 0.03 -16.19
N ILE C 11 44.81 -0.33 -17.11
CA ILE C 11 44.65 0.05 -18.52
C ILE C 11 44.76 -1.18 -19.39
N ILE C 12 43.79 -1.38 -20.27
CA ILE C 12 43.84 -2.53 -21.14
C ILE C 12 43.66 -2.11 -22.60
N LEU C 13 44.11 -2.98 -23.51
CA LEU C 13 43.84 -2.83 -24.93
C LEU C 13 42.49 -3.45 -25.22
N GLU C 14 41.77 -2.92 -26.20
CA GLU C 14 40.45 -3.45 -26.56
C GLU C 14 40.47 -4.89 -27.08
N GLY C 15 39.47 -5.67 -26.69
CA GLY C 15 39.33 -7.04 -27.15
C GLY C 15 39.94 -8.00 -26.16
N LYS C 16 40.74 -7.46 -25.24
CA LYS C 16 41.27 -8.24 -24.12
C LYS C 16 40.25 -8.46 -23.01
N ASN C 17 40.50 -9.48 -22.20
CA ASN C 17 39.67 -9.81 -21.05
C ASN C 17 40.21 -9.08 -19.84
N CYS C 18 39.41 -8.91 -18.78
CA CYS C 18 39.96 -8.45 -17.50
C CYS C 18 39.08 -8.87 -16.32
N THR C 19 39.60 -8.67 -15.10
CA THR C 19 38.96 -9.15 -13.87
C THR C 19 39.15 -8.12 -12.78
N LEU C 20 38.10 -7.80 -12.03
CA LEU C 20 38.23 -6.83 -10.94
C LEU C 20 37.83 -7.47 -9.61
N GLN C 21 38.30 -6.90 -8.50
CA GLN C 21 38.17 -7.52 -7.17
C GLN C 21 37.44 -6.67 -6.13
N CYS C 22 36.69 -7.36 -5.27
CA CYS C 22 35.92 -6.73 -4.18
C CYS C 22 35.99 -7.58 -2.91
N ASN C 23 36.33 -6.94 -1.81
CA ASN C 23 36.46 -7.60 -0.51
C ASN C 23 35.65 -6.87 0.55
N TYR C 24 34.95 -7.61 1.39
CA TYR C 24 34.07 -6.98 2.36
C TYR C 24 34.13 -7.60 3.76
N THR C 25 33.76 -6.82 4.77
CA THR C 25 33.67 -7.26 6.17
C THR C 25 32.25 -7.13 6.72
N VAL C 26 31.29 -6.78 5.86
CA VAL C 26 29.92 -6.50 6.31
C VAL C 26 29.23 -7.71 6.94
N SER C 27 28.51 -7.46 8.04
CA SER C 27 27.85 -8.50 8.78
C SER C 27 26.58 -7.98 9.47
N PRO C 28 25.46 -8.66 9.26
CA PRO C 28 25.28 -9.82 8.41
C PRO C 28 25.42 -9.44 6.95
N PHE C 29 25.94 -10.36 6.13
CA PHE C 29 25.98 -10.15 4.69
C PHE C 29 24.74 -10.79 4.08
N SER C 30 23.99 -10.01 3.30
CA SER C 30 22.89 -10.58 2.58
C SER C 30 23.11 -10.67 1.07
N ASN C 31 23.50 -9.56 0.44
CA ASN C 31 23.77 -9.57 -1.00
C ASN C 31 24.75 -8.50 -1.46
N LEU C 32 25.29 -8.68 -2.66
CA LEU C 32 26.35 -7.85 -3.20
C LEU C 32 26.15 -7.64 -4.70
N ARG C 33 26.56 -6.46 -5.18
CA ARG C 33 26.28 -6.04 -6.54
C ARG C 33 27.40 -5.20 -7.15
N TRP C 34 27.51 -5.28 -8.48
CA TRP C 34 28.45 -4.49 -9.27
C TRP C 34 27.74 -3.39 -10.04
N TYR C 35 28.30 -2.18 -10.00
CA TYR C 35 27.67 -0.99 -10.61
C TYR C 35 28.63 -0.38 -11.60
N LYS C 36 28.22 -0.21 -12.84
CA LYS C 36 29.08 0.53 -13.79
C LYS C 36 28.74 2.02 -13.82
N GLN C 37 29.69 2.87 -13.48
CA GLN C 37 29.47 4.32 -13.54
C GLN C 37 30.34 5.00 -14.60
N ASP C 38 29.76 5.24 -15.78
CA ASP C 38 30.41 6.05 -16.81
C ASP C 38 30.72 7.43 -16.28
N THR C 39 31.71 8.09 -16.88
CA THR C 39 32.18 9.37 -16.36
C THR C 39 31.15 10.47 -16.58
N GLY C 40 30.83 11.19 -15.52
CA GLY C 40 29.85 12.27 -15.56
C GLY C 40 28.38 11.82 -15.53
N ARG C 41 28.14 10.52 -15.45
CA ARG C 41 26.77 9.98 -15.45
C ARG C 41 26.39 9.36 -14.08
N GLY C 42 25.30 8.59 -14.08
CA GLY C 42 24.86 7.87 -12.89
C GLY C 42 25.14 6.39 -13.00
N PRO C 43 25.41 5.73 -11.86
CA PRO C 43 25.64 4.30 -11.81
C PRO C 43 24.50 3.46 -12.39
N VAL C 44 24.86 2.35 -13.01
CA VAL C 44 23.92 1.44 -13.64
C VAL C 44 24.22 0.07 -13.12
N SER C 45 23.24 -0.54 -12.47
CA SER C 45 23.39 -1.85 -11.86
C SER C 45 23.54 -2.93 -12.94
N LEU C 46 24.53 -3.80 -12.74
CA LEU C 46 24.87 -4.84 -13.71
C LEU C 46 24.39 -6.21 -13.25
N THR C 47 24.73 -6.58 -12.03
CA THR C 47 24.42 -7.90 -11.46
C THR C 47 24.23 -7.76 -9.94
N ILE C 48 23.25 -8.51 -9.41
CA ILE C 48 23.08 -8.67 -7.95
C ILE C 48 23.08 -10.16 -7.65
N MET C 49 23.85 -10.58 -6.63
CA MET C 49 23.86 -12.00 -6.22
C MET C 49 23.93 -12.23 -4.71
N THR C 50 23.41 -13.40 -4.30
CA THR C 50 23.37 -13.87 -2.91
C THR C 50 24.23 -15.10 -2.73
N PHE C 51 24.35 -15.63 -1.51
CA PHE C 51 25.00 -16.94 -1.30
C PHE C 51 24.23 -18.10 -1.96
N SER C 52 22.91 -17.94 -2.08
CA SER C 52 22.07 -18.83 -2.91
C SER C 52 22.44 -18.74 -4.40
N GLU C 53 23.28 -17.76 -4.76
CA GLU C 53 23.94 -17.67 -6.07
C GLU C 53 25.44 -17.93 -5.89
N ASN C 54 26.14 -18.10 -7.01
CA ASN C 54 27.60 -18.24 -7.03
C ASN C 54 28.16 -17.60 -8.27
N THR C 55 27.27 -17.04 -9.09
CA THR C 55 27.56 -16.71 -10.47
C THR C 55 26.37 -15.91 -11.04
N LYS C 56 26.67 -14.84 -11.77
CA LYS C 56 25.65 -14.12 -12.52
C LYS C 56 26.22 -13.63 -13.84
N SER C 57 25.35 -13.34 -14.80
CA SER C 57 25.77 -12.91 -16.15
C SER C 57 24.86 -11.82 -16.69
N ASN C 58 25.43 -10.93 -17.49
CA ASN C 58 24.68 -9.85 -18.09
C ASN C 58 25.50 -9.31 -19.24
N GLY C 59 25.30 -9.92 -20.42
CA GLY C 59 26.10 -9.61 -21.60
C GLY C 59 27.49 -10.13 -21.40
N ARG C 60 28.47 -9.33 -21.80
CA ARG C 60 29.87 -9.72 -21.66
C ARG C 60 30.38 -9.69 -20.19
N TYR C 61 29.51 -9.30 -19.24
CA TYR C 61 29.85 -9.19 -17.80
C TYR C 61 29.45 -10.42 -16.97
N THR C 62 30.38 -10.97 -16.18
CA THR C 62 30.11 -12.13 -15.32
C THR C 62 30.70 -11.95 -13.92
N ALA C 63 29.85 -11.96 -12.92
CA ALA C 63 30.29 -11.82 -11.53
C ALA C 63 30.23 -13.16 -10.79
N THR C 64 31.14 -13.35 -9.85
CA THR C 64 31.18 -14.58 -9.07
C THR C 64 31.48 -14.27 -7.63
N LEU C 65 30.65 -14.80 -6.74
CA LEU C 65 30.77 -14.59 -5.32
C LEU C 65 31.29 -15.83 -4.58
N ASP C 66 32.21 -15.60 -3.66
CA ASP C 66 32.63 -16.58 -2.67
C ASP C 66 32.31 -16.03 -1.28
N ALA C 67 31.21 -16.50 -0.73
CA ALA C 67 30.71 -16.05 0.56
C ALA C 67 31.59 -16.45 1.73
N ASP C 68 32.26 -17.60 1.62
CA ASP C 68 33.15 -18.08 2.68
C ASP C 68 34.28 -17.13 2.95
N THR C 69 35.08 -16.81 1.93
CA THR C 69 36.22 -15.93 2.11
C THR C 69 35.87 -14.45 2.13
N LYS C 70 34.63 -14.12 1.76
CA LYS C 70 34.09 -12.73 1.75
C LYS C 70 34.70 -11.91 0.62
N GLN C 71 34.52 -12.42 -0.59
CA GLN C 71 35.17 -11.87 -1.76
C GLN C 71 34.32 -12.09 -3.01
N SER C 72 34.21 -11.06 -3.83
CA SER C 72 33.58 -11.19 -5.14
C SER C 72 34.57 -10.79 -6.23
N SER C 73 34.26 -11.19 -7.46
CA SER C 73 35.03 -10.73 -8.61
C SER C 73 34.19 -10.55 -9.85
N LEU C 74 34.58 -9.58 -10.68
CA LEU C 74 33.87 -9.21 -11.92
C LEU C 74 34.79 -9.41 -13.14
N HIS C 75 34.30 -10.16 -14.13
CA HIS C 75 35.07 -10.49 -15.35
C HIS C 75 34.38 -9.85 -16.54
N ILE C 76 35.11 -8.97 -17.24
CA ILE C 76 34.64 -8.45 -18.53
C ILE C 76 35.27 -9.24 -19.66
N THR C 77 34.50 -9.54 -20.70
CA THR C 77 35.01 -10.34 -21.80
C THR C 77 35.00 -9.55 -23.09
N ALA C 78 36.07 -9.73 -23.87
CA ALA C 78 36.25 -9.05 -25.16
C ALA C 78 35.87 -7.59 -25.05
N SER C 79 36.63 -6.87 -24.21
CA SER C 79 36.38 -5.49 -23.83
C SER C 79 36.23 -4.54 -25.00
N GLN C 80 35.55 -3.42 -24.77
CA GLN C 80 35.33 -2.46 -25.82
C GLN C 80 35.59 -1.09 -25.28
N LEU C 81 35.72 -0.12 -26.17
CA LEU C 81 36.06 1.24 -25.72
C LEU C 81 34.97 1.78 -24.80
N SER C 82 33.72 1.40 -25.08
CA SER C 82 32.57 1.79 -24.27
C SER C 82 32.60 1.22 -22.83
N ASP C 83 33.56 0.36 -22.53
CA ASP C 83 33.70 -0.23 -21.19
C ASP C 83 34.43 0.68 -20.22
N SER C 84 35.12 1.70 -20.73
CA SER C 84 35.92 2.58 -19.88
C SER C 84 35.00 3.32 -18.97
N ALA C 85 35.18 3.09 -17.67
CA ALA C 85 34.33 3.64 -16.63
C ALA C 85 34.86 3.27 -15.26
N SER C 86 34.19 3.75 -14.23
CA SER C 86 34.49 3.42 -12.85
C SER C 86 33.51 2.32 -12.41
N TYR C 87 34.00 1.16 -11.97
CA TYR C 87 33.11 0.06 -11.56
C TYR C 87 33.04 0.00 -10.04
N ILE C 88 31.85 0.17 -9.48
CA ILE C 88 31.66 0.24 -8.03
C ILE C 88 31.01 -1.00 -7.48
N CYS C 89 31.56 -1.51 -6.39
CA CYS C 89 31.06 -2.71 -5.73
C CYS C 89 30.23 -2.36 -4.48
N VAL C 90 28.97 -2.77 -4.43
CA VAL C 90 28.13 -2.40 -3.29
C VAL C 90 27.51 -3.64 -2.63
N VAL C 91 27.56 -3.68 -1.29
CA VAL C 91 27.10 -4.79 -0.44
C VAL C 91 25.92 -4.40 0.45
N SER C 92 24.89 -5.26 0.51
CA SER C 92 23.73 -5.03 1.37
C SER C 92 23.68 -5.93 2.60
N ASP C 93 23.11 -5.46 3.70
CA ASP C 93 23.13 -6.25 4.92
C ASP C 93 21.77 -6.83 5.36
N ARG C 94 20.76 -6.72 4.50
CA ARG C 94 19.45 -7.38 4.72
C ARG C 94 18.94 -7.80 3.35
N GLY C 95 17.99 -8.73 3.31
CA GLY C 95 17.33 -9.09 2.06
C GLY C 95 15.96 -8.42 1.93
N SER C 96 15.80 -7.27 2.57
CA SER C 96 14.62 -6.41 2.43
C SER C 96 15.03 -4.92 2.33
N THR C 97 14.08 -4.00 2.09
CA THR C 97 14.39 -2.54 2.06
C THR C 97 14.75 -2.01 3.44
N LEU C 98 14.76 -2.91 4.41
CA LEU C 98 15.03 -2.57 5.79
C LEU C 98 16.53 -2.53 6.12
N GLY C 99 17.38 -2.52 5.09
CA GLY C 99 18.83 -2.58 5.28
C GLY C 99 19.70 -1.46 4.72
N ARG C 100 20.89 -1.28 5.33
CA ARG C 100 21.92 -0.34 4.86
C ARG C 100 22.62 -0.92 3.63
N LEU C 101 23.14 -0.05 2.76
CA LEU C 101 24.03 -0.48 1.68
C LEU C 101 25.37 0.19 1.85
N TYR C 102 26.44 -0.56 1.57
CA TYR C 102 27.80 -0.07 1.79
C TYR C 102 28.50 0.02 0.45
N PHE C 103 29.14 1.16 0.21
CA PHE C 103 29.69 1.48 -1.10
C PHE C 103 31.21 1.42 -1.12
N GLY C 104 31.75 0.65 -2.06
CA GLY C 104 33.19 0.61 -2.29
C GLY C 104 33.63 1.92 -2.93
N ARG C 105 34.94 2.17 -2.96
CA ARG C 105 35.43 3.39 -3.59
C ARG C 105 35.51 3.23 -5.12
N GLY C 106 35.49 2.00 -5.62
CA GLY C 106 35.45 1.76 -7.06
C GLY C 106 36.81 1.70 -7.74
N THR C 107 36.87 0.92 -8.82
CA THR C 107 38.06 0.74 -9.63
C THR C 107 37.84 1.49 -10.92
N GLN C 108 38.88 2.21 -11.37
CA GLN C 108 38.86 2.93 -12.64
C GLN C 108 39.43 2.11 -13.82
N LEU C 109 38.60 1.82 -14.81
CA LEU C 109 39.06 1.09 -15.97
C LEU C 109 39.16 1.99 -17.19
N THR C 110 40.28 1.88 -17.90
CA THR C 110 40.55 2.66 -19.09
C THR C 110 40.89 1.68 -20.20
N VAL C 111 40.12 1.71 -21.29
CA VAL C 111 40.32 0.81 -22.42
C VAL C 111 40.84 1.63 -23.58
N TRP C 112 42.04 1.29 -24.06
CA TRP C 112 42.64 1.95 -25.24
C TRP C 112 42.46 1.14 -26.53
N PRO C 113 42.50 1.81 -27.71
CA PRO C 113 42.22 1.13 -28.98
C PRO C 113 43.40 0.30 -29.48
N ASP C 114 43.09 -0.76 -30.22
CA ASP C 114 44.10 -1.61 -30.82
C ASP C 114 44.38 -1.18 -32.26
N ILE C 115 45.09 -0.07 -32.43
CA ILE C 115 45.45 0.45 -33.76
C ILE C 115 46.46 -0.47 -34.46
N GLN C 116 46.01 -1.07 -35.56
CA GLN C 116 46.81 -2.02 -36.32
C GLN C 116 47.62 -1.36 -37.46
N ASN C 117 47.12 -0.23 -37.94
CA ASN C 117 47.74 0.50 -39.03
C ASN C 117 48.18 1.92 -38.70
N PRO C 118 49.20 2.08 -37.82
CA PRO C 118 49.64 3.42 -37.43
C PRO C 118 50.13 4.26 -38.60
N ASP C 119 49.86 5.57 -38.56
CA ASP C 119 50.21 6.49 -39.64
C ASP C 119 50.40 7.91 -39.09
N PRO C 120 51.35 8.06 -38.13
CA PRO C 120 51.49 9.26 -37.30
C PRO C 120 51.81 10.51 -38.10
N ALA C 121 51.12 11.60 -37.79
CA ALA C 121 51.24 12.83 -38.56
C ALA C 121 50.83 14.04 -37.72
N VAL C 122 51.40 15.21 -38.01
CA VAL C 122 51.01 16.48 -37.37
C VAL C 122 50.61 17.52 -38.42
N TYR C 123 49.32 17.79 -38.54
CA TYR C 123 48.82 18.72 -39.56
C TYR C 123 48.50 20.10 -38.99
N GLN C 124 48.50 21.10 -39.87
CA GLN C 124 48.03 22.44 -39.51
C GLN C 124 46.61 22.65 -40.02
N LEU C 125 45.79 23.32 -39.23
CA LEU C 125 44.43 23.71 -39.64
C LEU C 125 44.24 25.23 -39.56
N ARG C 126 43.37 25.77 -40.43
CA ARG C 126 43.06 27.20 -40.43
C ARG C 126 41.58 27.50 -40.14
N ASP C 127 41.31 28.67 -39.55
CA ASP C 127 39.92 29.08 -39.29
C ASP C 127 39.42 30.08 -40.33
N SER C 128 39.90 31.33 -40.21
CA SER C 128 39.56 32.44 -41.13
C SER C 128 40.73 32.87 -42.03
N SER C 134 46.34 28.17 -37.06
CA SER C 134 46.51 28.51 -35.63
C SER C 134 46.19 27.33 -34.68
N VAL C 135 45.76 26.21 -35.27
CA VAL C 135 45.54 24.95 -34.56
C VAL C 135 46.30 23.77 -35.19
N CYS C 136 47.09 23.07 -34.38
CA CYS C 136 47.83 21.87 -34.81
C CYS C 136 47.23 20.55 -34.31
N LEU C 137 47.09 19.59 -35.22
CA LEU C 137 46.45 18.31 -34.91
C LEU C 137 47.38 17.10 -35.06
N PHE C 138 47.71 16.47 -33.94
CA PHE C 138 48.49 15.22 -33.92
C PHE C 138 47.50 14.05 -33.99
N THR C 139 47.77 13.07 -34.84
CA THR C 139 46.77 12.02 -35.13
C THR C 139 47.28 10.72 -35.76
N ASP C 140 46.48 9.66 -35.60
CA ASP C 140 46.78 8.28 -36.05
C ASP C 140 48.04 7.66 -35.42
N PHE C 141 48.03 7.39 -34.11
CA PHE C 141 49.20 6.78 -33.45
C PHE C 141 48.77 5.73 -32.43
N ASP C 142 49.43 4.58 -32.41
CA ASP C 142 49.04 3.51 -31.48
C ASP C 142 49.15 3.96 -30.01
N SER C 143 48.53 3.20 -29.12
CA SER C 143 48.37 3.63 -27.73
C SER C 143 49.65 3.51 -26.91
N GLN C 144 50.76 3.25 -27.59
CA GLN C 144 52.10 3.31 -27.02
C GLN C 144 52.55 4.76 -26.78
N THR C 145 51.95 5.71 -27.50
CA THR C 145 52.30 7.13 -27.38
C THR C 145 51.51 7.84 -26.28
N ASN C 146 52.15 8.79 -25.60
CA ASN C 146 51.51 9.60 -24.58
C ASN C 146 51.72 11.09 -24.78
N VAL C 147 50.63 11.85 -24.68
CA VAL C 147 50.68 13.28 -24.88
C VAL C 147 50.67 14.01 -23.54
N SER C 148 51.60 14.96 -23.38
CA SER C 148 51.73 15.70 -22.12
C SER C 148 51.63 17.20 -22.32
N GLN C 149 51.27 17.90 -21.25
CA GLN C 149 50.98 19.34 -21.26
C GLN C 149 52.18 20.27 -21.57
N SER C 150 52.06 21.55 -21.23
CA SER C 150 53.13 22.54 -21.43
C SER C 150 53.57 23.37 -20.22
N SER C 153 53.58 27.50 -21.89
CA SER C 153 52.91 28.32 -20.88
C SER C 153 51.72 29.11 -21.44
N ASP C 154 51.92 29.73 -22.60
CA ASP C 154 50.81 30.33 -23.36
C ASP C 154 50.48 29.49 -24.59
N VAL C 155 50.66 28.17 -24.43
CA VAL C 155 50.31 27.17 -25.42
C VAL C 155 49.49 26.17 -24.65
N TYR C 156 48.40 25.73 -25.27
CA TYR C 156 47.48 24.77 -24.66
C TYR C 156 47.44 23.47 -25.44
N ILE C 157 47.76 22.36 -24.77
CA ILE C 157 47.73 21.05 -25.40
C ILE C 157 46.79 20.12 -24.65
N THR C 158 45.87 19.50 -25.40
CA THR C 158 44.87 18.57 -24.85
C THR C 158 45.37 17.12 -24.79
N ASP C 159 44.79 16.33 -23.87
CA ASP C 159 45.11 14.92 -23.74
C ASP C 159 44.71 14.13 -25.00
N LYS C 160 45.19 12.89 -25.16
CA LYS C 160 44.76 12.08 -26.31
C LYS C 160 43.32 11.61 -26.13
N CYS C 161 42.69 11.26 -27.25
CA CYS C 161 41.24 11.04 -27.29
C CYS C 161 40.87 10.11 -28.47
N VAL C 162 40.18 9.01 -28.17
CA VAL C 162 39.84 7.99 -29.19
C VAL C 162 38.62 8.40 -30.01
N LEU C 163 38.66 8.18 -31.31
CA LEU C 163 37.57 8.55 -32.18
C LEU C 163 37.15 7.34 -33.01
N ASP C 164 35.85 7.08 -33.10
CA ASP C 164 35.37 5.85 -33.75
C ASP C 164 34.39 6.11 -34.89
N MET C 165 34.88 5.97 -36.11
CA MET C 165 34.05 6.02 -37.33
C MET C 165 33.39 4.67 -37.52
N ARG C 166 32.15 4.54 -37.04
CA ARG C 166 31.49 3.24 -36.89
C ARG C 166 31.19 2.56 -38.23
N SER C 167 31.14 3.37 -39.30
CA SER C 167 30.79 2.90 -40.65
C SER C 167 31.82 2.00 -41.30
N MET C 168 33.09 2.40 -41.19
CA MET C 168 34.19 1.68 -41.83
C MET C 168 35.05 0.89 -40.83
N ASP C 169 34.55 0.77 -39.58
CA ASP C 169 35.24 0.09 -38.48
C ASP C 169 36.69 0.57 -38.27
N PHE C 170 36.87 1.89 -38.30
CA PHE C 170 38.18 2.51 -38.19
C PHE C 170 38.22 3.40 -36.96
N LYS C 171 39.24 3.20 -36.13
CA LYS C 171 39.43 4.00 -34.90
C LYS C 171 40.74 4.76 -34.95
N SER C 172 40.79 5.96 -34.39
CA SER C 172 42.04 6.71 -34.37
C SER C 172 42.21 7.56 -33.12
N ASN C 173 43.46 7.79 -32.74
CA ASN C 173 43.79 8.67 -31.60
C ASN C 173 44.14 10.08 -32.09
N SER C 174 43.94 11.08 -31.24
CA SER C 174 44.23 12.47 -31.64
C SER C 174 44.47 13.40 -30.46
N ALA C 175 45.35 14.37 -30.65
CA ALA C 175 45.53 15.44 -29.68
C ALA C 175 45.59 16.79 -30.38
N VAL C 176 45.25 17.84 -29.67
CA VAL C 176 45.21 19.17 -30.27
C VAL C 176 46.10 20.14 -29.52
N ALA C 177 46.84 20.95 -30.27
CA ALA C 177 47.59 22.05 -29.68
C ALA C 177 47.26 23.35 -30.41
N TRP C 178 47.08 24.42 -29.65
CA TRP C 178 46.88 25.74 -30.24
C TRP C 178 47.55 26.79 -29.36
N SER C 179 47.88 27.94 -29.94
CA SER C 179 48.48 29.04 -29.15
C SER C 179 48.19 30.43 -29.68
N ASN C 180 47.97 31.37 -28.75
CA ASN C 180 47.78 32.80 -29.07
C ASN C 180 49.06 33.44 -29.67
N LYS C 181 50.23 32.94 -29.25
CA LYS C 181 51.56 33.47 -29.62
C LYS C 181 51.83 33.62 -31.12
N SER C 182 52.89 34.36 -31.41
CA SER C 182 53.20 34.84 -32.77
C SER C 182 53.78 33.76 -33.71
N ASP C 183 54.85 33.11 -33.26
CA ASP C 183 55.67 32.22 -34.10
C ASP C 183 55.37 30.72 -33.95
N PHE C 184 54.57 30.36 -32.95
CA PHE C 184 54.11 28.98 -32.68
C PHE C 184 53.75 28.21 -33.96
N ALA C 185 54.51 27.14 -34.23
CA ALA C 185 54.37 26.34 -35.45
C ALA C 185 54.28 24.85 -35.15
N CYS C 186 53.63 24.11 -36.05
CA CYS C 186 53.31 22.69 -35.84
C CYS C 186 54.53 21.78 -35.69
N ALA C 187 55.55 22.02 -36.51
CA ALA C 187 56.82 21.30 -36.37
C ALA C 187 57.43 21.41 -34.97
N ASN C 188 57.02 22.42 -34.20
CA ASN C 188 57.55 22.67 -32.85
C ASN C 188 56.57 22.40 -31.68
N ALA C 189 55.28 22.26 -32.00
CA ALA C 189 54.19 22.23 -31.01
C ALA C 189 54.29 21.11 -29.97
N PHE C 190 54.37 19.87 -30.45
CA PHE C 190 54.38 18.69 -29.60
C PHE C 190 55.80 18.24 -29.18
N ASN C 191 56.69 19.19 -28.92
CA ASN C 191 58.07 18.87 -28.56
C ASN C 191 58.23 18.37 -27.11
N ASN C 192 57.25 18.67 -26.25
CA ASN C 192 57.30 18.26 -24.84
C ASN C 192 56.75 16.85 -24.62
N SER C 193 56.29 16.23 -25.70
CA SER C 193 55.78 14.86 -25.69
C SER C 193 56.76 13.96 -26.46
N ILE C 194 56.80 12.69 -26.10
CA ILE C 194 57.65 11.72 -26.81
C ILE C 194 56.90 11.12 -28.02
N ILE C 195 57.06 11.76 -29.19
CA ILE C 195 56.37 11.36 -30.42
C ILE C 195 57.20 10.39 -31.28
N PRO C 196 56.54 9.40 -31.91
CA PRO C 196 57.28 8.43 -32.73
C PRO C 196 58.17 9.13 -33.76
N GLU C 197 59.43 8.68 -33.84
CA GLU C 197 60.41 9.23 -34.78
C GLU C 197 60.16 8.77 -36.23
N ASP C 198 58.96 8.99 -36.73
CA ASP C 198 58.59 8.68 -38.13
C ASP C 198 57.38 9.50 -38.55
N THR C 199 57.02 10.47 -37.69
CA THR C 199 55.86 11.34 -37.90
C THR C 199 55.97 12.18 -39.18
N PHE C 200 54.81 12.44 -39.79
CA PHE C 200 54.74 13.13 -41.06
C PHE C 200 54.52 14.64 -40.84
N PHE C 201 55.53 15.46 -41.15
CA PHE C 201 55.39 16.92 -41.06
C PHE C 201 55.35 17.52 -42.47
N PRO C 202 54.15 17.83 -42.99
CA PRO C 202 53.98 18.14 -44.44
C PRO C 202 54.40 19.57 -44.92
N SER C 203 53.63 20.60 -44.56
CA SER C 203 53.89 21.99 -45.01
C SER C 203 53.20 23.02 -44.09
N ALA D 2 9.19 6.12 -19.38
CA ALA D 2 9.35 6.12 -17.89
C ALA D 2 10.79 5.88 -17.41
N ASP D 3 11.36 6.86 -16.72
CA ASP D 3 12.76 6.84 -16.29
C ASP D 3 12.88 7.58 -14.94
N ILE D 4 14.06 8.16 -14.70
CA ILE D 4 14.30 9.04 -13.55
C ILE D 4 15.14 10.25 -13.97
N TYR D 5 14.79 11.42 -13.47
CA TYR D 5 15.33 12.65 -14.00
C TYR D 5 15.80 13.61 -12.92
N GLN D 6 16.77 14.44 -13.27
CA GLN D 6 17.17 15.52 -12.38
C GLN D 6 17.38 16.79 -13.19
N THR D 7 16.98 17.91 -12.59
CA THR D 7 17.33 19.23 -13.11
C THR D 7 17.78 20.12 -11.94
N PRO D 8 18.73 21.02 -12.20
CA PRO D 8 19.42 21.16 -13.49
C PRO D 8 20.64 20.23 -13.62
N ARG D 9 21.12 20.00 -14.84
CA ARG D 9 22.36 19.23 -15.01
C ARG D 9 23.51 19.83 -14.20
N TYR D 10 23.78 21.12 -14.41
CA TYR D 10 24.78 21.89 -13.65
C TYR D 10 24.11 23.08 -12.99
N LEU D 11 24.75 23.63 -11.96
CA LEU D 11 24.23 24.83 -11.29
C LEU D 11 25.34 25.66 -10.63
N VAL D 12 25.47 26.91 -11.04
CA VAL D 12 26.38 27.83 -10.35
C VAL D 12 25.57 28.81 -9.50
N ILE D 13 25.96 29.02 -8.26
CA ILE D 13 25.16 29.86 -7.38
C ILE D 13 26.01 30.60 -6.36
N GLY D 14 25.56 31.81 -5.99
CA GLY D 14 26.24 32.63 -4.97
C GLY D 14 26.02 32.11 -3.56
N THR D 15 27.00 32.31 -2.69
CA THR D 15 26.87 31.87 -1.31
C THR D 15 25.77 32.63 -0.59
N GLY D 16 25.18 31.99 0.42
CA GLY D 16 24.06 32.58 1.19
C GLY D 16 22.66 32.44 0.58
N LYS D 17 22.57 32.19 -0.73
CA LYS D 17 21.26 32.06 -1.39
C LYS D 17 20.63 30.67 -1.24
N LYS D 18 19.50 30.46 -1.91
CA LYS D 18 18.67 29.24 -1.70
C LYS D 18 18.62 28.30 -2.91
N ILE D 19 19.11 27.07 -2.70
CA ILE D 19 19.20 26.05 -3.73
C ILE D 19 18.10 24.99 -3.55
N THR D 20 17.50 24.59 -4.66
CA THR D 20 16.55 23.48 -4.69
C THR D 20 16.88 22.60 -5.87
N LEU D 21 17.36 21.39 -5.60
CA LEU D 21 17.64 20.40 -6.64
C LEU D 21 16.40 19.53 -6.85
N GLU D 22 15.90 19.49 -8.09
CA GLU D 22 14.68 18.75 -8.41
C GLU D 22 14.96 17.30 -8.84
N CYS D 23 14.20 16.36 -8.30
CA CYS D 23 14.28 14.96 -8.73
C CYS D 23 12.91 14.33 -8.92
N SER D 24 12.78 13.55 -9.98
CA SER D 24 11.49 13.13 -10.48
C SER D 24 11.53 11.67 -10.90
N GLN D 25 10.48 10.92 -10.60
CA GLN D 25 10.46 9.48 -10.93
C GLN D 25 9.11 8.91 -11.42
N THR D 26 9.08 8.53 -12.69
CA THR D 26 7.82 8.12 -13.31
C THR D 26 7.74 6.62 -13.45
N MET D 27 8.55 5.90 -12.68
CA MET D 27 8.33 4.47 -12.47
C MET D 27 7.45 4.39 -11.24
N GLY D 28 7.07 3.18 -10.84
CA GLY D 28 6.18 3.05 -9.68
C GLY D 28 6.82 3.11 -8.29
N HIS D 29 8.14 3.25 -8.24
CA HIS D 29 8.92 2.92 -7.04
C HIS D 29 8.60 3.72 -5.79
N ASP D 30 8.67 3.04 -4.65
CA ASP D 30 8.30 3.61 -3.38
C ASP D 30 9.47 4.24 -2.64
N LYS D 31 10.59 3.52 -2.65
CA LYS D 31 11.80 3.93 -1.96
C LYS D 31 12.66 4.84 -2.84
N MET D 32 13.22 5.90 -2.24
CA MET D 32 14.19 6.74 -2.95
C MET D 32 15.35 7.18 -2.06
N TYR D 33 16.46 7.56 -2.68
CA TYR D 33 17.65 7.99 -1.97
C TYR D 33 18.27 9.25 -2.57
N TRP D 34 19.00 9.99 -1.72
CA TRP D 34 19.88 11.07 -2.18
C TRP D 34 21.31 10.81 -1.76
N TYR D 35 22.19 10.80 -2.76
CA TYR D 35 23.62 10.63 -2.54
C TYR D 35 24.38 11.89 -2.87
N GLN D 36 25.55 11.99 -2.26
CA GLN D 36 26.46 13.10 -2.45
C GLN D 36 27.83 12.53 -2.81
N GLN D 37 28.38 12.92 -3.93
CA GLN D 37 29.61 12.33 -4.40
C GLN D 37 30.70 13.37 -4.65
N ASP D 38 31.46 13.72 -3.62
CA ASP D 38 32.67 14.53 -3.77
C ASP D 38 33.63 13.80 -4.73
N PRO D 39 34.41 14.53 -5.56
CA PRO D 39 35.14 13.83 -6.64
C PRO D 39 36.21 12.86 -6.14
N GLY D 40 36.33 11.71 -6.81
CA GLY D 40 37.26 10.63 -6.43
C GLY D 40 36.87 9.81 -5.22
N MET D 41 35.67 10.03 -4.70
CA MET D 41 35.21 9.41 -3.45
C MET D 41 33.99 8.55 -3.72
N GLU D 42 33.68 7.69 -2.77
CA GLU D 42 32.48 6.83 -2.84
C GLU D 42 31.19 7.61 -2.58
N LEU D 43 30.08 7.00 -3.00
CA LEU D 43 28.75 7.58 -2.82
C LEU D 43 28.34 7.60 -1.36
N HIS D 44 28.11 8.79 -0.82
CA HIS D 44 27.67 8.95 0.54
C HIS D 44 26.15 9.19 0.55
N LEU D 45 25.43 8.59 1.51
CA LEU D 45 23.96 8.67 1.54
C LEU D 45 23.49 9.76 2.49
N ILE D 46 22.75 10.76 1.99
CA ILE D 46 22.37 11.91 2.83
C ILE D 46 20.92 11.86 3.33
N HIS D 47 20.02 11.42 2.47
CA HIS D 47 18.61 11.22 2.83
C HIS D 47 18.01 10.00 2.15
N TYR D 48 16.97 9.43 2.75
CA TYR D 48 16.16 8.42 2.07
C TYR D 48 14.71 8.51 2.48
N SER D 49 13.81 7.95 1.67
CA SER D 49 12.40 7.98 2.03
C SER D 49 11.76 6.64 1.66
N TYR D 50 10.90 6.14 2.55
CA TYR D 50 10.25 4.84 2.36
C TYR D 50 9.04 4.98 1.45
N GLY D 51 8.54 6.21 1.37
CA GLY D 51 7.43 6.55 0.53
C GLY D 51 6.81 7.85 0.98
N VAL D 52 5.59 8.11 0.51
CA VAL D 52 4.93 9.38 0.74
C VAL D 52 4.88 9.70 2.22
N ASN D 53 5.37 10.89 2.56
CA ASN D 53 5.38 11.40 3.94
C ASN D 53 6.52 10.93 4.86
N SER D 54 7.31 9.92 4.44
CA SER D 54 8.51 9.47 5.18
C SER D 54 9.72 10.12 4.57
N THR D 55 10.46 10.89 5.37
CA THR D 55 11.75 11.44 4.92
C THR D 55 12.80 11.35 6.02
N GLU D 56 13.73 10.41 5.88
CA GLU D 56 14.74 10.16 6.91
C GLU D 56 16.11 10.64 6.46
N LYS D 57 17.08 10.69 7.37
CA LYS D 57 18.44 11.09 7.02
C LYS D 57 19.38 9.89 7.18
N GLY D 58 20.46 9.84 6.41
CA GLY D 58 21.61 8.95 6.73
C GLY D 58 22.70 9.87 7.25
N ASP D 59 23.77 9.38 7.86
CA ASP D 59 24.80 10.37 8.31
C ASP D 59 24.26 11.47 9.29
N LEU D 60 25.12 11.95 10.17
CA LEU D 60 24.68 12.90 11.20
C LEU D 60 24.98 14.38 10.82
N SER D 61 25.35 14.65 9.58
CA SER D 61 26.01 15.91 9.23
C SER D 61 25.22 16.87 8.33
N SER D 62 24.82 16.46 7.12
CA SER D 62 24.26 17.40 6.11
C SER D 62 23.20 18.39 6.65
N GLU D 63 23.16 19.58 6.07
CA GLU D 63 22.25 20.64 6.51
C GLU D 63 21.11 20.77 5.51
N SER D 64 21.03 19.80 4.60
CA SER D 64 19.98 19.74 3.57
C SER D 64 18.71 19.10 4.12
N THR D 65 17.56 19.50 3.56
CA THR D 65 16.27 18.87 3.87
C THR D 65 15.53 18.42 2.60
N VAL D 66 14.77 17.34 2.74
CA VAL D 66 13.97 16.81 1.64
C VAL D 66 12.51 16.70 2.03
N SER D 67 11.63 16.58 1.07
CA SER D 67 10.23 16.34 1.37
C SER D 67 9.69 15.36 0.35
N ARG D 68 8.70 14.58 0.77
CA ARG D 68 8.07 13.59 -0.08
C ARG D 68 6.56 13.70 0.14
N ILE D 69 5.86 14.32 -0.81
CA ILE D 69 4.40 14.48 -0.68
C ILE D 69 3.66 13.88 -1.86
N ARG D 70 4.38 13.68 -2.96
CA ARG D 70 3.91 12.85 -4.06
C ARG D 70 4.98 11.78 -4.25
N THR D 71 4.56 10.61 -4.71
CA THR D 71 5.48 9.52 -4.90
C THR D 71 6.56 9.90 -5.91
N GLU D 72 6.21 10.69 -6.90
CA GLU D 72 7.10 10.98 -8.04
C GLU D 72 8.09 12.12 -7.82
N HIS D 73 7.91 12.92 -6.77
CA HIS D 73 8.82 14.05 -6.50
C HIS D 73 9.50 13.94 -5.15
N PHE D 74 10.81 14.19 -5.14
CA PHE D 74 11.65 14.04 -3.94
C PHE D 74 12.78 15.06 -4.05
N PRO D 75 12.44 16.36 -3.85
CA PRO D 75 13.35 17.46 -4.11
C PRO D 75 14.22 17.84 -2.92
N LEU D 76 15.51 18.11 -3.17
CA LEU D 76 16.49 18.45 -2.15
C LEU D 76 16.65 19.98 -2.02
N THR D 77 16.85 20.45 -0.79
CA THR D 77 16.84 21.88 -0.51
C THR D 77 17.97 22.32 0.41
N LEU D 78 18.70 23.36 0.00
CA LEU D 78 19.67 24.03 0.86
C LEU D 78 19.28 25.47 1.18
N GLU D 79 19.13 25.76 2.47
CA GLU D 79 18.47 26.99 2.92
C GLU D 79 19.36 28.22 2.72
N SER D 80 20.64 28.08 3.04
CA SER D 80 21.62 29.10 2.70
C SER D 80 22.91 28.42 2.23
N ALA D 81 23.19 28.63 0.94
CA ALA D 81 24.34 28.00 0.28
C ALA D 81 25.67 28.30 0.96
N ARG D 82 26.67 27.49 0.66
CA ARG D 82 27.96 27.58 1.32
C ARG D 82 28.99 26.96 0.38
N PRO D 83 30.25 27.45 0.41
CA PRO D 83 31.27 26.81 -0.40
C PRO D 83 31.34 25.29 -0.15
N SER D 84 31.16 24.89 1.11
CA SER D 84 31.25 23.47 1.51
C SER D 84 30.24 22.54 0.83
N HIS D 85 29.26 23.11 0.12
CA HIS D 85 28.18 22.35 -0.47
C HIS D 85 28.52 21.86 -1.88
N THR D 86 29.60 22.38 -2.45
CA THR D 86 30.06 21.99 -3.80
C THR D 86 30.25 20.48 -3.89
N SER D 87 29.56 19.85 -4.84
CA SER D 87 29.62 18.40 -5.01
C SER D 87 28.78 17.97 -6.18
N GLN D 88 28.83 16.68 -6.52
CA GLN D 88 27.82 16.12 -7.41
C GLN D 88 26.74 15.48 -6.55
N TYR D 89 25.47 15.67 -6.93
CA TYR D 89 24.36 15.10 -6.18
C TYR D 89 23.55 14.14 -7.04
N LEU D 90 23.36 12.92 -6.53
CA LEU D 90 22.77 11.82 -7.28
C LEU D 90 21.54 11.25 -6.60
N CYS D 91 20.46 11.15 -7.38
CA CYS D 91 19.13 10.73 -6.91
C CYS D 91 18.79 9.33 -7.44
N ALA D 92 18.14 8.50 -6.64
CA ALA D 92 17.83 7.11 -7.06
C ALA D 92 16.64 6.44 -6.39
N SER D 93 16.03 5.48 -7.09
CA SER D 93 14.90 4.72 -6.54
C SER D 93 15.12 3.23 -6.64
N SER D 94 14.21 2.42 -6.07
CA SER D 94 14.32 0.94 -6.11
C SER D 94 13.01 0.16 -5.93
N GLU D 95 13.01 -1.07 -6.46
CA GLU D 95 11.83 -1.97 -6.47
C GLU D 95 12.18 -3.45 -6.16
N PHE D 96 11.16 -4.31 -6.13
CA PHE D 96 11.32 -5.76 -5.96
C PHE D 96 10.85 -6.67 -7.12
N GLY D 97 9.59 -6.54 -7.52
CA GLY D 97 9.01 -7.37 -8.59
C GLY D 97 8.93 -6.68 -9.94
N THR D 102 12.99 -10.66 -7.94
CA THR D 102 13.25 -11.46 -6.73
C THR D 102 14.29 -10.87 -5.72
N GLN D 103 15.18 -9.99 -6.20
CA GLN D 103 16.06 -9.15 -5.34
C GLN D 103 15.78 -7.66 -5.59
N GLU D 104 16.24 -6.77 -4.69
CA GLU D 104 16.14 -5.30 -4.90
C GLU D 104 16.92 -4.85 -6.13
N THR D 105 16.59 -3.69 -6.68
CA THR D 105 17.34 -3.15 -7.81
C THR D 105 17.27 -1.64 -7.76
N GLN D 106 18.39 -0.98 -8.01
CA GLN D 106 18.53 0.45 -7.81
C GLN D 106 18.69 1.19 -9.13
N TYR D 107 17.95 2.28 -9.31
CA TYR D 107 17.99 3.04 -10.55
C TYR D 107 18.40 4.49 -10.29
N PHE D 108 19.53 4.90 -10.87
CA PHE D 108 20.10 6.21 -10.62
C PHE D 108 19.78 7.25 -11.68
N GLY D 109 19.73 8.52 -11.26
CA GLY D 109 19.51 9.63 -12.18
C GLY D 109 20.80 10.25 -12.73
N PRO D 110 20.67 11.18 -13.70
CA PRO D 110 21.85 11.79 -14.31
C PRO D 110 22.61 12.73 -13.39
N GLY D 111 22.03 13.12 -12.26
CA GLY D 111 22.77 13.93 -11.29
C GLY D 111 22.88 15.42 -11.55
N THR D 112 23.31 16.15 -10.52
CA THR D 112 23.51 17.60 -10.57
C THR D 112 24.89 18.01 -10.06
N ARG D 113 25.56 18.84 -10.87
CA ARG D 113 26.84 19.38 -10.50
C ARG D 113 26.63 20.75 -9.87
N LEU D 114 26.82 20.84 -8.56
CA LEU D 114 26.64 22.09 -7.87
C LEU D 114 27.99 22.70 -7.52
N LEU D 115 28.16 23.97 -7.87
CA LEU D 115 29.34 24.76 -7.53
C LEU D 115 28.82 26.01 -6.87
N VAL D 116 29.38 26.35 -5.71
CA VAL D 116 28.95 27.53 -4.95
C VAL D 116 30.12 28.47 -4.77
N LEU D 117 29.93 29.74 -5.15
CA LEU D 117 30.99 30.75 -5.11
C LEU D 117 30.71 31.84 -4.07
N GLU D 118 31.67 32.74 -3.85
CA GLU D 118 31.48 33.91 -2.96
C GLU D 118 30.68 35.03 -3.66
N ASP D 119 30.99 35.25 -4.95
CA ASP D 119 30.13 36.03 -5.86
C ASP D 119 30.46 35.79 -7.34
N LEU D 120 29.41 35.55 -8.11
CA LEU D 120 29.57 35.15 -9.51
C LEU D 120 29.89 36.32 -10.45
N LYS D 121 30.77 37.22 -10.00
CA LYS D 121 31.13 38.42 -10.76
C LYS D 121 31.95 38.11 -12.03
N ASN D 122 32.51 36.91 -12.08
CA ASN D 122 33.47 36.50 -13.11
C ASN D 122 33.01 35.32 -14.00
N VAL D 123 31.71 35.04 -13.97
CA VAL D 123 31.13 34.01 -14.82
C VAL D 123 31.20 34.46 -16.29
N PHE D 124 31.65 33.58 -17.18
CA PHE D 124 31.84 33.94 -18.58
C PHE D 124 31.36 32.86 -19.50
N PRO D 125 30.62 33.23 -20.55
CA PRO D 125 30.21 32.32 -21.61
C PRO D 125 31.34 31.99 -22.60
N PRO D 126 31.20 30.90 -23.37
CA PRO D 126 32.20 30.40 -24.30
C PRO D 126 32.37 31.30 -25.49
N GLU D 127 33.42 31.04 -26.26
CA GLU D 127 33.62 31.62 -27.59
C GLU D 127 34.00 30.47 -28.51
N VAL D 128 33.08 30.06 -29.38
CA VAL D 128 33.30 28.87 -30.18
C VAL D 128 33.95 29.24 -31.52
N ALA D 129 34.88 28.41 -31.99
CA ALA D 129 35.46 28.55 -33.33
C ALA D 129 35.63 27.20 -33.97
N VAL D 130 35.38 27.10 -35.27
CA VAL D 130 35.55 25.85 -36.01
C VAL D 130 36.74 25.93 -36.95
N PHE D 131 37.48 24.83 -37.09
CA PHE D 131 38.68 24.79 -37.91
C PHE D 131 38.58 23.79 -39.04
N GLU D 132 38.98 24.23 -40.22
CA GLU D 132 38.74 23.48 -41.44
C GLU D 132 39.87 22.47 -41.77
N PRO D 133 39.48 21.23 -42.18
CA PRO D 133 40.37 20.11 -42.54
C PRO D 133 41.62 20.50 -43.32
N SER D 134 42.77 19.92 -42.96
CA SER D 134 44.04 20.14 -43.67
C SER D 134 44.03 19.46 -45.05
N GLU D 135 44.58 20.14 -46.05
CA GLU D 135 44.74 19.57 -47.40
C GLU D 135 45.66 18.33 -47.43
N ALA D 136 46.83 18.45 -46.80
CA ALA D 136 47.79 17.34 -46.70
C ALA D 136 47.13 16.09 -46.13
N GLU D 137 46.29 16.30 -45.12
CA GLU D 137 45.51 15.23 -44.48
C GLU D 137 44.55 14.56 -45.47
N ILE D 138 43.96 15.36 -46.37
CA ILE D 138 42.97 14.87 -47.34
C ILE D 138 43.60 13.96 -48.39
N SER D 139 44.82 14.30 -48.81
CA SER D 139 45.51 13.56 -49.85
C SER D 139 46.24 12.33 -49.28
N HIS D 140 46.88 12.52 -48.13
CA HIS D 140 47.65 11.45 -47.50
C HIS D 140 46.78 10.28 -46.99
N THR D 141 45.62 10.60 -46.44
CA THR D 141 44.82 9.60 -45.70
C THR D 141 43.46 9.29 -46.32
N GLN D 142 42.98 10.19 -47.18
CA GLN D 142 41.65 10.08 -47.78
C GLN D 142 40.52 10.32 -46.77
N LYS D 143 40.84 11.04 -45.69
CA LYS D 143 39.87 11.42 -44.66
C LYS D 143 40.07 12.89 -44.29
N ALA D 144 39.15 13.42 -43.48
CA ALA D 144 39.18 14.85 -43.13
C ALA D 144 38.72 15.11 -41.70
N THR D 145 39.60 15.74 -40.92
CA THR D 145 39.35 16.00 -39.50
C THR D 145 38.92 17.43 -39.25
N LEU D 146 37.83 17.59 -38.51
CA LEU D 146 37.33 18.91 -38.14
C LEU D 146 37.49 19.16 -36.65
N VAL D 147 38.02 20.33 -36.29
CA VAL D 147 38.28 20.68 -34.89
C VAL D 147 37.44 21.84 -34.40
N CYS D 148 36.67 21.61 -33.34
CA CYS D 148 35.89 22.67 -32.73
C CYS D 148 36.58 23.11 -31.46
N LEU D 149 36.36 24.35 -31.02
CA LEU D 149 37.19 24.91 -29.94
C LEU D 149 36.53 25.95 -29.02
N ALA D 150 35.77 25.50 -28.02
CA ALA D 150 35.20 26.42 -27.04
C ALA D 150 36.31 26.97 -26.19
N THR D 151 36.38 28.29 -26.01
CA THR D 151 37.44 28.90 -25.20
C THR D 151 36.99 30.07 -24.33
N GLY D 152 37.58 30.19 -23.15
CA GLY D 152 37.41 31.38 -22.32
C GLY D 152 36.18 31.45 -21.42
N PHE D 153 35.68 30.29 -21.01
CA PHE D 153 34.46 30.21 -20.20
C PHE D 153 34.66 29.75 -18.76
N TYR D 154 33.71 30.15 -17.92
CA TYR D 154 33.73 29.85 -16.49
C TYR D 154 32.32 29.91 -15.95
N PRO D 155 31.90 28.90 -15.15
CA PRO D 155 32.69 27.75 -14.74
C PRO D 155 32.74 26.67 -15.81
N ASP D 156 33.29 25.50 -15.46
CA ASP D 156 33.50 24.40 -16.41
C ASP D 156 32.25 23.52 -16.57
N HIS D 157 31.13 24.19 -16.76
CA HIS D 157 29.80 23.60 -16.85
C HIS D 157 29.31 23.73 -18.29
N VAL D 158 29.53 22.72 -19.11
CA VAL D 158 29.29 22.84 -20.55
C VAL D 158 28.97 21.49 -21.21
N GLU D 159 28.17 21.52 -22.28
CA GLU D 159 27.98 20.32 -23.13
C GLU D 159 28.21 20.68 -24.59
N LEU D 160 29.09 19.93 -25.25
CA LEU D 160 29.43 20.20 -26.65
C LEU D 160 28.81 19.17 -27.59
N SER D 161 28.46 19.58 -28.82
CA SER D 161 27.86 18.67 -29.81
C SER D 161 28.02 19.12 -31.26
N TRP D 162 28.12 18.12 -32.16
CA TRP D 162 28.26 18.32 -33.61
C TRP D 162 26.94 18.09 -34.35
N TRP D 163 26.64 18.97 -35.30
CA TRP D 163 25.43 18.84 -36.13
C TRP D 163 25.83 18.89 -37.60
N VAL D 164 25.60 17.79 -38.30
CA VAL D 164 25.86 17.71 -39.73
C VAL D 164 24.54 17.80 -40.49
N ASN D 165 24.47 18.76 -41.42
CA ASN D 165 23.26 19.02 -42.20
C ASN D 165 22.00 18.96 -41.32
N GLY D 166 21.90 19.92 -40.38
CA GLY D 166 20.76 20.04 -39.48
C GLY D 166 20.63 18.99 -38.38
N LYS D 167 21.16 17.79 -38.62
CA LYS D 167 21.02 16.64 -37.68
C LYS D 167 22.25 16.34 -36.79
N GLU D 168 22.00 15.98 -35.54
CA GLU D 168 23.08 15.68 -34.59
C GLU D 168 23.76 14.34 -34.89
N VAL D 169 25.08 14.31 -34.80
CA VAL D 169 25.85 13.10 -35.07
C VAL D 169 26.64 12.63 -33.84
N HIS D 170 26.97 11.34 -33.82
CA HIS D 170 27.74 10.74 -32.70
C HIS D 170 28.97 10.00 -33.19
N SER D 171 28.86 9.39 -34.36
CA SER D 171 29.92 8.61 -34.97
C SER D 171 31.04 9.54 -35.45
N GLY D 172 32.28 9.16 -35.13
CA GLY D 172 33.47 9.93 -35.55
C GLY D 172 33.75 11.15 -34.68
N VAL D 173 33.18 11.18 -33.48
CA VAL D 173 33.36 12.33 -32.60
C VAL D 173 34.23 11.98 -31.40
N CYS D 174 35.01 12.98 -30.97
CA CYS D 174 35.84 12.89 -29.80
C CYS D 174 35.64 14.17 -29.03
N THR D 175 35.49 14.10 -27.71
CA THR D 175 35.48 15.32 -26.92
C THR D 175 36.28 15.09 -25.66
N ASP D 176 37.07 16.09 -25.30
CA ASP D 176 37.79 16.10 -24.06
C ASP D 176 36.85 15.66 -22.95
N PRO D 177 37.24 14.63 -22.17
CA PRO D 177 36.45 14.26 -21.00
C PRO D 177 36.39 15.38 -19.97
N GLN D 178 37.48 16.13 -19.81
CA GLN D 178 37.55 17.26 -18.88
C GLN D 178 38.06 18.54 -19.55
N PRO D 179 37.55 19.72 -19.16
CA PRO D 179 38.05 20.97 -19.74
C PRO D 179 39.37 21.37 -19.11
N LEU D 180 40.26 22.01 -19.87
CA LEU D 180 41.58 22.37 -19.31
C LEU D 180 41.69 23.84 -18.92
N LYS D 181 42.32 24.10 -17.77
CA LYS D 181 42.44 25.44 -17.23
C LYS D 181 43.30 26.37 -18.11
N GLU D 182 42.74 27.49 -18.54
CA GLU D 182 43.45 28.40 -19.44
C GLU D 182 44.58 29.13 -18.74
N GLN D 183 44.44 29.29 -17.42
CA GLN D 183 45.49 29.88 -16.59
C GLN D 183 45.60 29.08 -15.29
N PRO D 184 46.29 27.91 -15.33
CA PRO D 184 46.30 27.04 -14.15
C PRO D 184 46.95 27.75 -12.97
N ALA D 185 46.88 27.14 -11.80
CA ALA D 185 47.42 27.73 -10.56
C ALA D 185 46.72 29.05 -10.17
N LEU D 186 45.57 29.29 -10.78
CA LEU D 186 44.65 30.36 -10.38
C LEU D 186 43.28 29.75 -10.10
N ASN D 187 42.76 30.06 -8.92
CA ASN D 187 41.47 29.55 -8.46
C ASN D 187 40.26 29.98 -9.31
N ASP D 188 40.25 31.24 -9.72
CA ASP D 188 39.18 31.83 -10.53
C ASP D 188 39.53 31.82 -12.03
N SER D 189 40.25 30.79 -12.46
CA SER D 189 40.71 30.66 -13.85
C SER D 189 39.63 30.26 -14.85
N ARG D 190 39.83 30.67 -16.09
CA ARG D 190 38.93 30.32 -17.19
C ARG D 190 39.30 28.97 -17.81
N TYR D 191 38.40 28.41 -18.61
CA TYR D 191 38.58 27.07 -19.21
C TYR D 191 38.50 27.03 -20.75
N ALA D 192 38.96 25.93 -21.32
CA ALA D 192 38.78 25.67 -22.74
C ALA D 192 38.39 24.21 -22.93
N LEU D 193 38.09 23.81 -24.17
CA LEU D 193 37.63 22.46 -24.47
C LEU D 193 37.70 22.21 -25.98
N SER D 194 38.17 21.03 -26.38
CA SER D 194 38.32 20.70 -27.80
C SER D 194 37.50 19.49 -28.22
N SER D 195 37.14 19.42 -29.50
CA SER D 195 36.42 18.28 -30.03
C SER D 195 36.74 18.03 -31.50
N ARG D 196 36.78 16.76 -31.89
CA ARG D 196 37.04 16.38 -33.27
C ARG D 196 35.80 15.82 -33.94
N LEU D 197 35.77 15.97 -35.26
CA LEU D 197 34.85 15.21 -36.12
C LEU D 197 35.57 14.77 -37.39
N ARG D 198 35.52 13.46 -37.68
CA ARG D 198 36.26 12.88 -38.81
C ARG D 198 35.35 12.24 -39.85
N VAL D 199 35.54 12.63 -41.11
CA VAL D 199 34.64 12.22 -42.21
C VAL D 199 35.40 11.87 -43.51
N SER D 200 34.66 11.35 -44.49
CA SER D 200 35.24 10.88 -45.77
C SER D 200 35.80 12.00 -46.65
N ALA D 201 36.69 11.61 -47.57
CA ALA D 201 37.28 12.53 -48.56
C ALA D 201 36.20 13.26 -49.37
N THR D 202 35.22 12.49 -49.88
CA THR D 202 34.05 13.04 -50.55
C THR D 202 33.32 14.05 -49.65
N PHE D 203 32.75 13.51 -48.57
CA PHE D 203 31.80 14.19 -47.68
C PHE D 203 32.18 15.63 -47.35
N TRP D 204 33.47 15.91 -47.21
CA TRP D 204 33.91 17.28 -46.91
C TRP D 204 33.94 18.13 -48.16
N GLN D 205 34.57 17.62 -49.21
CA GLN D 205 34.73 18.36 -50.45
C GLN D 205 33.40 18.80 -51.09
N ASN D 206 32.38 17.93 -51.09
CA ASN D 206 31.06 18.28 -51.64
C ASN D 206 30.50 19.52 -50.93
N PRO D 207 30.32 20.62 -51.69
CA PRO D 207 30.04 21.93 -51.07
C PRO D 207 28.60 22.15 -50.62
N ARG D 208 27.74 21.14 -50.76
CA ARG D 208 26.40 21.23 -50.18
C ARG D 208 26.29 20.54 -48.80
N ASN D 209 27.44 20.30 -48.17
CA ASN D 209 27.51 19.77 -46.80
C ASN D 209 27.85 20.81 -45.73
N HIS D 210 27.01 20.86 -44.68
CA HIS D 210 27.05 21.91 -43.66
C HIS D 210 27.37 21.33 -42.29
N PHE D 211 28.48 21.79 -41.71
CA PHE D 211 28.99 21.28 -40.43
C PHE D 211 28.88 22.31 -39.31
N ARG D 212 28.18 21.95 -38.24
CA ARG D 212 27.90 22.89 -37.16
C ARG D 212 28.32 22.39 -35.77
N CYS D 213 29.11 23.20 -35.08
CA CYS D 213 29.53 22.90 -33.73
C CYS D 213 28.78 23.76 -32.73
N GLN D 214 28.22 23.10 -31.72
CA GLN D 214 27.31 23.73 -30.77
C GLN D 214 27.68 23.46 -29.32
N VAL D 215 27.75 24.52 -28.53
CA VAL D 215 28.12 24.43 -27.14
C VAL D 215 27.00 24.96 -26.24
N GLN D 216 26.57 24.14 -25.29
CA GLN D 216 25.57 24.53 -24.31
C GLN D 216 26.24 25.01 -23.03
N PHE D 217 26.00 26.27 -22.67
CA PHE D 217 26.61 26.84 -21.47
C PHE D 217 25.61 26.95 -20.35
N TYR D 218 26.02 26.61 -19.13
CA TYR D 218 25.10 26.70 -18.00
C TYR D 218 25.51 27.85 -17.08
N GLY D 219 24.89 29.00 -17.27
CA GLY D 219 25.29 30.20 -16.56
C GLY D 219 24.30 30.74 -15.56
N LEU D 220 23.89 31.98 -15.77
CA LEU D 220 23.09 32.70 -14.79
C LEU D 220 21.60 32.73 -15.09
N SER D 221 20.81 32.94 -14.04
CA SER D 221 19.36 33.04 -14.15
C SER D 221 18.89 34.49 -14.03
N GLU D 222 17.68 34.75 -14.49
CA GLU D 222 17.04 36.07 -14.38
C GLU D 222 16.83 36.57 -12.94
N ASN D 223 17.41 35.88 -11.96
CA ASN D 223 17.22 36.26 -10.56
C ASN D 223 18.53 36.63 -9.86
N ASP D 224 19.64 36.44 -10.56
CA ASP D 224 20.96 36.86 -10.07
C ASP D 224 21.21 38.31 -10.54
N GLU D 225 21.70 39.16 -9.63
CA GLU D 225 21.71 40.61 -9.84
C GLU D 225 22.94 41.10 -10.60
N TRP D 226 22.86 41.10 -11.94
CA TRP D 226 24.01 41.46 -12.80
C TRP D 226 24.22 42.97 -13.00
N THR D 227 25.34 43.49 -12.50
CA THR D 227 25.69 44.92 -12.64
C THR D 227 27.10 45.07 -13.23
N GLN D 228 27.17 45.30 -14.55
CA GLN D 228 28.43 45.36 -15.29
C GLN D 228 28.18 45.77 -16.73
N ASP D 229 29.17 46.41 -17.34
CA ASP D 229 29.07 46.91 -18.72
C ASP D 229 28.98 45.81 -19.81
N ARG D 230 29.49 44.61 -19.53
CA ARG D 230 29.37 43.50 -20.47
C ARG D 230 28.06 42.77 -20.24
N ALA D 231 27.59 42.10 -21.30
CA ALA D 231 26.30 41.39 -21.33
C ALA D 231 26.19 40.26 -20.29
N LYS D 232 25.06 40.19 -19.58
CA LYS D 232 24.82 39.16 -18.58
C LYS D 232 25.20 37.76 -19.09
N PRO D 233 26.06 37.06 -18.33
CA PRO D 233 26.56 35.74 -18.71
C PRO D 233 25.55 34.67 -18.36
N VAL D 234 24.57 34.50 -19.23
CA VAL D 234 23.42 33.65 -18.92
C VAL D 234 23.47 32.33 -19.65
N THR D 235 22.83 31.31 -19.07
CA THR D 235 22.63 30.04 -19.75
C THR D 235 22.32 30.36 -21.20
N GLN D 236 22.95 29.67 -22.13
CA GLN D 236 22.75 29.93 -23.55
C GLN D 236 23.45 28.89 -24.41
N ILE D 237 23.30 29.06 -25.71
CA ILE D 237 24.01 28.24 -26.70
C ILE D 237 24.86 29.17 -27.60
N VAL D 238 26.17 28.94 -27.60
CA VAL D 238 27.07 29.58 -28.54
C VAL D 238 27.45 28.55 -29.59
N SER D 239 27.54 28.99 -30.84
CA SER D 239 27.67 28.07 -31.96
C SER D 239 28.58 28.64 -33.05
N ALA D 240 29.22 27.74 -33.79
CA ALA D 240 30.00 28.11 -34.97
C ALA D 240 29.89 26.99 -36.00
N GLU D 241 30.03 27.34 -37.29
CA GLU D 241 29.75 26.40 -38.39
C GLU D 241 30.69 26.56 -39.58
N ALA D 242 30.70 25.58 -40.48
CA ALA D 242 31.51 25.65 -41.69
C ALA D 242 30.83 24.95 -42.88
N TRP D 243 31.29 25.26 -44.10
CA TRP D 243 30.74 24.71 -45.33
C TRP D 243 31.75 23.88 -46.12
N GLY D 244 31.27 22.80 -46.74
CA GLY D 244 32.10 21.95 -47.60
C GLY D 244 32.83 22.72 -48.68
N ARG D 245 34.06 22.31 -48.97
CA ARG D 245 34.97 23.13 -49.78
C ARG D 245 35.55 22.33 -50.94
N ALA D 246 35.29 22.82 -52.16
CA ALA D 246 35.58 22.07 -53.40
C ALA D 246 37.07 21.98 -53.76
N ASP D 247 37.76 23.13 -53.72
CA ASP D 247 39.22 23.16 -53.92
C ASP D 247 39.84 24.42 -53.32
N ASN E 1 -34.23 -2.46 -11.75
CA ASN E 1 -32.91 -2.42 -12.44
C ASN E 1 -32.69 -1.05 -13.10
N GLN E 2 -31.66 -0.35 -12.66
CA GLN E 2 -31.34 0.97 -13.16
C GLN E 2 -30.59 0.94 -14.51
N VAL E 3 -30.29 -0.24 -15.02
CA VAL E 3 -29.62 -0.37 -16.31
C VAL E 3 -30.44 -1.31 -17.18
N GLU E 4 -30.87 -0.80 -18.34
CA GLU E 4 -31.75 -1.55 -19.26
C GLU E 4 -31.18 -1.66 -20.68
N GLN E 5 -31.36 -2.82 -21.29
CA GLN E 5 -30.71 -3.06 -22.58
C GLN E 5 -31.67 -3.55 -23.64
N SER E 6 -31.30 -3.33 -24.89
CA SER E 6 -32.17 -3.63 -26.03
C SER E 6 -31.32 -3.85 -27.26
N PRO E 7 -31.75 -4.76 -28.16
CA PRO E 7 -32.90 -5.66 -28.05
C PRO E 7 -32.57 -6.82 -27.11
N GLN E 8 -33.55 -7.65 -26.77
CA GLN E 8 -33.33 -8.86 -25.95
C GLN E 8 -32.43 -9.86 -26.63
N SER E 9 -32.63 -10.04 -27.93
CA SER E 9 -31.76 -10.88 -28.76
C SER E 9 -31.94 -10.53 -30.22
N LEU E 10 -31.01 -10.98 -31.07
CA LEU E 10 -31.12 -10.72 -32.51
C LEU E 10 -30.24 -11.66 -33.27
N ILE E 11 -30.54 -11.83 -34.55
CA ILE E 11 -29.78 -12.74 -35.38
C ILE E 11 -29.34 -11.97 -36.61
N ILE E 12 -28.05 -12.06 -36.94
CA ILE E 12 -27.53 -11.45 -38.15
C ILE E 12 -26.78 -12.49 -38.99
N LEU E 13 -26.63 -12.22 -40.28
CA LEU E 13 -25.69 -12.99 -41.11
C LEU E 13 -24.28 -12.42 -40.94
N GLU E 14 -23.26 -13.21 -41.24
CA GLU E 14 -21.86 -12.75 -41.07
C GLU E 14 -21.42 -11.71 -42.10
N GLY E 15 -20.60 -10.75 -41.66
CA GLY E 15 -20.14 -9.70 -42.55
C GLY E 15 -21.05 -8.50 -42.59
N LYS E 16 -22.21 -8.62 -41.95
CA LYS E 16 -23.10 -7.49 -41.70
C LYS E 16 -22.67 -6.70 -40.47
N ASN E 17 -23.21 -5.49 -40.34
CA ASN E 17 -22.91 -4.61 -39.23
C ASN E 17 -24.06 -4.78 -38.27
N CYS E 18 -23.89 -4.35 -37.01
CA CYS E 18 -25.03 -4.18 -36.10
C CYS E 18 -24.76 -3.22 -34.96
N THR E 19 -25.82 -2.92 -34.21
CA THR E 19 -25.81 -1.89 -33.16
C THR E 19 -26.67 -2.34 -31.99
N LEU E 20 -26.17 -2.22 -30.77
CA LEU E 20 -26.96 -2.61 -29.59
C LEU E 20 -27.14 -1.41 -28.67
N GLN E 21 -28.14 -1.48 -27.80
CA GLN E 21 -28.54 -0.31 -26.99
C GLN E 21 -28.44 -0.51 -25.47
N CYS E 22 -28.11 0.57 -24.77
CA CYS E 22 -28.06 0.56 -23.31
C CYS E 22 -28.61 1.86 -22.73
N ASN E 23 -29.51 1.74 -21.76
CA ASN E 23 -30.18 2.89 -21.14
C ASN E 23 -30.06 2.83 -19.63
N TYR E 24 -29.74 3.95 -18.98
CA TYR E 24 -29.53 3.90 -17.53
C TYR E 24 -30.17 5.05 -16.76
N THR E 25 -30.45 4.81 -15.48
CA THR E 25 -30.97 5.84 -14.57
C THR E 25 -30.02 6.17 -13.40
N VAL E 26 -28.84 5.53 -13.37
CA VAL E 26 -27.88 5.68 -12.29
C VAL E 26 -27.44 7.12 -12.02
N SER E 27 -27.36 7.46 -10.74
CA SER E 27 -26.97 8.78 -10.33
C SER E 27 -26.24 8.73 -8.98
N PRO E 28 -25.06 9.38 -8.89
CA PRO E 28 -24.32 10.03 -9.97
C PRO E 28 -23.78 9.03 -10.99
N PHE E 29 -23.76 9.41 -12.26
CA PHE E 29 -23.16 8.57 -13.29
C PHE E 29 -21.71 9.01 -13.46
N SER E 30 -20.78 8.08 -13.31
CA SER E 30 -19.39 8.42 -13.58
C SER E 30 -18.83 7.81 -14.86
N ASN E 31 -19.06 6.52 -15.09
CA ASN E 31 -18.61 5.86 -16.32
C ASN E 31 -19.39 4.60 -16.70
N LEU E 32 -19.25 4.20 -17.97
CA LEU E 32 -20.02 3.09 -18.51
C LEU E 32 -19.18 2.20 -19.41
N ARG E 33 -19.49 0.90 -19.43
CA ARG E 33 -18.67 -0.08 -20.14
C ARG E 33 -19.45 -1.19 -20.80
N TRP E 34 -18.87 -1.74 -21.87
CA TRP E 34 -19.44 -2.86 -22.60
C TRP E 34 -18.60 -4.10 -22.39
N TYR E 35 -19.24 -5.21 -22.04
CA TYR E 35 -18.57 -6.48 -21.73
C TYR E 35 -19.06 -7.57 -22.66
N LYS E 36 -18.15 -8.28 -23.32
CA LYS E 36 -18.57 -9.42 -24.12
C LYS E 36 -18.42 -10.69 -23.31
N GLN E 37 -19.49 -11.49 -23.21
CA GLN E 37 -19.44 -12.76 -22.48
C GLN E 37 -19.78 -13.94 -23.38
N ASP E 38 -18.75 -14.61 -23.88
CA ASP E 38 -18.96 -15.84 -24.61
C ASP E 38 -19.70 -16.85 -23.75
N THR E 39 -20.32 -17.83 -24.42
CA THR E 39 -21.18 -18.79 -23.72
C THR E 39 -20.33 -19.76 -22.93
N GLY E 40 -20.64 -19.84 -21.64
CA GLY E 40 -19.91 -20.69 -20.72
C GLY E 40 -18.58 -20.14 -20.23
N ARG E 41 -18.23 -18.91 -20.58
CA ARG E 41 -16.96 -18.32 -20.13
C ARG E 41 -17.18 -17.14 -19.19
N GLY E 42 -16.15 -16.33 -19.02
CA GLY E 42 -16.25 -15.10 -18.22
C GLY E 42 -16.19 -13.84 -19.05
N PRO E 43 -16.91 -12.77 -18.62
CA PRO E 43 -17.00 -11.48 -19.33
C PRO E 43 -15.64 -10.88 -19.63
N VAL E 44 -15.51 -10.24 -20.80
CA VAL E 44 -14.25 -9.64 -21.17
C VAL E 44 -14.54 -8.19 -21.49
N SER E 45 -13.89 -7.27 -20.78
CA SER E 45 -14.15 -5.85 -20.98
C SER E 45 -13.66 -5.42 -22.36
N LEU E 46 -14.47 -4.64 -23.06
CA LEU E 46 -14.17 -4.14 -24.41
C LEU E 46 -13.79 -2.66 -24.39
N THR E 47 -14.68 -1.83 -23.84
CA THR E 47 -14.50 -0.39 -23.85
C THR E 47 -15.06 0.19 -22.56
N ILE E 48 -14.39 1.19 -22.00
CA ILE E 48 -14.91 1.98 -20.89
C ILE E 48 -14.86 3.45 -21.31
N MET E 49 -15.93 4.21 -21.08
CA MET E 49 -15.92 5.64 -21.39
C MET E 49 -16.67 6.54 -20.39
N THR E 50 -16.26 7.80 -20.32
CA THR E 50 -16.82 8.84 -19.42
C THR E 50 -17.45 9.95 -20.27
N PHE E 51 -18.15 10.90 -19.64
CA PHE E 51 -18.60 12.12 -20.36
C PHE E 51 -17.46 12.93 -21.00
N SER E 52 -16.26 12.86 -20.41
CA SER E 52 -15.03 13.40 -21.01
C SER E 52 -14.64 12.64 -22.29
N GLU E 53 -15.33 11.51 -22.54
CA GLU E 53 -15.29 10.78 -23.82
C GLU E 53 -16.66 10.94 -24.51
N ASN E 54 -16.71 10.55 -25.78
CA ASN E 54 -17.95 10.48 -26.56
C ASN E 54 -17.96 9.30 -27.51
N THR E 55 -16.90 8.50 -27.42
CA THR E 55 -16.52 7.53 -28.45
C THR E 55 -15.33 6.71 -27.96
N LYS E 56 -15.37 5.41 -28.19
CA LYS E 56 -14.21 4.54 -27.97
C LYS E 56 -14.14 3.46 -29.03
N SER E 57 -12.95 2.90 -29.22
CA SER E 57 -12.74 1.85 -30.22
C SER E 57 -11.85 0.72 -29.72
N ASN E 58 -12.08 -0.46 -30.24
CA ASN E 58 -11.32 -1.62 -29.88
C ASN E 58 -11.56 -2.68 -30.93
N GLY E 59 -10.75 -2.64 -31.98
CA GLY E 59 -10.90 -3.55 -33.11
C GLY E 59 -12.15 -3.15 -33.88
N ARG E 60 -12.94 -4.15 -34.25
CA ARG E 60 -14.20 -3.90 -34.95
C ARG E 60 -15.33 -3.32 -34.07
N TYR E 61 -15.06 -3.12 -32.78
CA TYR E 61 -16.06 -2.62 -31.82
C TYR E 61 -15.93 -1.11 -31.55
N THR E 62 -17.06 -0.39 -31.58
CA THR E 62 -17.08 1.04 -31.32
C THR E 62 -18.28 1.46 -30.49
N ALA E 63 -18.00 2.03 -29.32
CA ALA E 63 -19.06 2.46 -28.41
C ALA E 63 -19.15 3.96 -28.39
N THR E 64 -20.36 4.47 -28.17
CA THR E 64 -20.60 5.90 -28.17
C THR E 64 -21.62 6.24 -27.11
N LEU E 65 -21.25 7.18 -26.26
CA LEU E 65 -22.07 7.54 -25.13
C LEU E 65 -22.69 8.90 -25.35
N ASP E 66 -23.97 9.02 -25.01
CA ASP E 66 -24.63 10.32 -24.88
C ASP E 66 -25.11 10.52 -23.44
N ALA E 67 -24.33 11.30 -22.68
CA ALA E 67 -24.56 11.54 -21.26
C ALA E 67 -25.85 12.28 -20.98
N ASP E 68 -26.20 13.23 -21.85
CA ASP E 68 -27.40 14.02 -21.67
C ASP E 68 -28.63 13.15 -21.59
N THR E 69 -28.90 12.38 -22.66
CA THR E 69 -30.11 11.55 -22.69
C THR E 69 -29.99 10.27 -21.85
N LYS E 70 -28.79 9.94 -21.39
CA LYS E 70 -28.52 8.76 -20.53
C LYS E 70 -28.64 7.48 -21.36
N GLN E 71 -27.83 7.42 -22.41
CA GLN E 71 -27.91 6.34 -23.36
C GLN E 71 -26.56 6.05 -23.98
N SER E 72 -26.22 4.77 -24.10
CA SER E 72 -25.04 4.38 -24.87
C SER E 72 -25.42 3.43 -25.98
N SER E 73 -24.50 3.25 -26.92
CA SER E 73 -24.70 2.24 -27.97
C SER E 73 -23.38 1.61 -28.42
N LEU E 74 -23.47 0.33 -28.81
CA LEU E 74 -22.31 -0.43 -29.27
C LEU E 74 -22.51 -0.89 -30.73
N HIS E 75 -21.54 -0.60 -31.59
CA HIS E 75 -21.61 -0.98 -33.01
C HIS E 75 -20.55 -2.00 -33.32
N ILE E 76 -20.96 -3.15 -33.85
CA ILE E 76 -19.99 -4.13 -34.34
C ILE E 76 -19.93 -4.02 -35.85
N THR E 77 -18.73 -4.14 -36.42
CA THR E 77 -18.52 -3.95 -37.84
C THR E 77 -17.99 -5.22 -38.47
N ALA E 78 -18.46 -5.50 -39.68
CA ALA E 78 -18.11 -6.72 -40.42
C ALA E 78 -18.06 -7.92 -39.48
N SER E 79 -19.23 -8.24 -38.92
CA SER E 79 -19.40 -9.28 -37.91
C SER E 79 -18.84 -10.63 -38.32
N GLN E 80 -18.45 -11.43 -37.34
CA GLN E 80 -17.88 -12.74 -37.59
C GLN E 80 -18.56 -13.74 -36.71
N LEU E 81 -18.43 -15.03 -37.05
CA LEU E 81 -19.09 -16.08 -36.26
C LEU E 81 -18.62 -16.01 -34.83
N SER E 82 -17.33 -15.74 -34.64
CA SER E 82 -16.77 -15.58 -33.32
C SER E 82 -17.39 -14.46 -32.50
N ASP E 83 -18.30 -13.68 -33.08
CA ASP E 83 -18.97 -12.57 -32.39
C ASP E 83 -20.20 -13.00 -31.60
N SER E 84 -20.68 -14.21 -31.84
CA SER E 84 -21.89 -14.69 -31.19
C SER E 84 -21.62 -14.88 -29.71
N ALA E 85 -22.32 -14.09 -28.90
CA ALA E 85 -22.13 -14.06 -27.47
C ALA E 85 -23.21 -13.18 -26.84
N SER E 86 -23.17 -13.07 -25.52
CA SER E 86 -24.06 -12.19 -24.82
C SER E 86 -23.28 -10.93 -24.51
N TYR E 87 -23.80 -9.76 -24.91
CA TYR E 87 -23.13 -8.46 -24.62
C TYR E 87 -23.76 -7.70 -23.43
N ILE E 88 -22.97 -7.49 -22.39
CA ILE E 88 -23.46 -6.86 -21.15
C ILE E 88 -22.99 -5.42 -20.98
N CYS E 89 -23.93 -4.55 -20.64
CA CYS E 89 -23.65 -3.15 -20.41
C CYS E 89 -23.56 -2.83 -18.90
N VAL E 90 -22.40 -2.38 -18.43
CA VAL E 90 -22.26 -2.08 -16.99
C VAL E 90 -21.90 -0.59 -16.72
N VAL E 91 -22.57 0.01 -15.73
CA VAL E 91 -22.40 1.41 -15.35
C VAL E 91 -21.83 1.58 -13.95
N SER E 92 -20.87 2.48 -13.77
CA SER E 92 -20.35 2.77 -12.42
C SER E 92 -20.76 4.14 -11.92
N ASP E 93 -20.85 4.27 -10.61
CA ASP E 93 -21.30 5.51 -10.00
C ASP E 93 -20.26 6.37 -9.26
N ARG E 94 -18.98 5.98 -9.29
CA ARG E 94 -17.86 6.86 -8.89
C ARG E 94 -16.72 6.66 -9.88
N GLY E 95 -15.77 7.59 -9.88
CA GLY E 95 -14.53 7.46 -10.67
C GLY E 95 -13.36 6.96 -9.84
N SER E 96 -13.67 6.18 -8.79
CA SER E 96 -12.66 5.49 -7.96
C SER E 96 -13.14 4.06 -7.62
N THR E 97 -12.34 3.29 -6.88
CA THR E 97 -12.82 1.97 -6.40
C THR E 97 -13.87 2.10 -5.31
N LEU E 98 -14.25 3.34 -5.01
CA LEU E 98 -15.16 3.60 -3.92
C LEU E 98 -16.63 3.47 -4.35
N GLY E 99 -16.85 2.93 -5.55
CA GLY E 99 -18.20 2.96 -6.15
C GLY E 99 -18.84 1.66 -6.57
N ARG E 100 -20.18 1.63 -6.54
CA ARG E 100 -20.96 0.46 -6.94
C ARG E 100 -20.90 0.32 -8.46
N LEU E 101 -21.04 -0.91 -8.98
CA LEU E 101 -21.26 -1.10 -10.43
C LEU E 101 -22.59 -1.77 -10.65
N TYR E 102 -23.33 -1.29 -11.65
CA TYR E 102 -24.68 -1.82 -11.92
C TYR E 102 -24.68 -2.59 -13.23
N PHE E 103 -25.29 -3.78 -13.22
CA PHE E 103 -25.21 -4.68 -14.36
C PHE E 103 -26.49 -4.84 -15.16
N GLY E 104 -26.41 -4.64 -16.46
CA GLY E 104 -27.55 -4.83 -17.35
C GLY E 104 -27.82 -6.30 -17.47
N ARG E 105 -28.96 -6.67 -18.02
CA ARG E 105 -29.25 -8.09 -18.19
C ARG E 105 -28.56 -8.66 -19.43
N GLY E 106 -28.16 -7.77 -20.34
CA GLY E 106 -27.42 -8.16 -21.55
C GLY E 106 -28.27 -8.56 -22.75
N THR E 107 -27.71 -8.37 -23.94
CA THR E 107 -28.36 -8.73 -25.19
C THR E 107 -27.70 -9.97 -25.75
N GLN E 108 -28.49 -10.87 -26.31
CA GLN E 108 -27.96 -12.08 -26.92
C GLN E 108 -27.78 -11.99 -28.45
N LEU E 109 -26.53 -12.04 -28.90
CA LEU E 109 -26.25 -11.96 -30.33
C LEU E 109 -25.92 -13.30 -30.92
N THR E 110 -26.54 -13.62 -32.05
CA THR E 110 -26.30 -14.87 -32.73
C THR E 110 -25.93 -14.52 -34.15
N VAL E 111 -24.76 -14.97 -34.59
CA VAL E 111 -24.27 -14.69 -35.94
C VAL E 111 -24.26 -15.99 -36.72
N TRP E 112 -25.04 -16.04 -37.80
CA TRP E 112 -25.11 -17.20 -38.69
C TRP E 112 -24.25 -17.02 -39.94
N PRO E 113 -23.80 -18.13 -40.55
CA PRO E 113 -22.89 -18.07 -41.70
C PRO E 113 -23.57 -17.64 -42.99
N ASP E 114 -22.81 -17.02 -43.88
CA ASP E 114 -23.31 -16.64 -45.21
C ASP E 114 -22.91 -17.72 -46.26
N ILE E 115 -23.66 -18.83 -46.27
CA ILE E 115 -23.39 -19.93 -47.21
C ILE E 115 -23.79 -19.53 -48.63
N GLN E 116 -22.80 -19.47 -49.51
CA GLN E 116 -23.04 -19.05 -50.90
C GLN E 116 -23.30 -20.23 -51.85
N ASN E 117 -22.78 -21.40 -51.48
CA ASN E 117 -22.88 -22.60 -52.29
C ASN E 117 -23.62 -23.76 -51.61
N PRO E 118 -24.94 -23.64 -51.41
CA PRO E 118 -25.68 -24.70 -50.72
C PRO E 118 -25.63 -26.02 -51.47
N ASP E 119 -25.65 -27.12 -50.72
CA ASP E 119 -25.50 -28.46 -51.28
C ASP E 119 -26.12 -29.47 -50.32
N PRO E 120 -27.40 -29.28 -49.98
CA PRO E 120 -28.08 -30.02 -48.91
C PRO E 120 -28.15 -31.53 -49.13
N ALA E 121 -27.82 -32.29 -48.09
CA ALA E 121 -27.72 -33.75 -48.16
C ALA E 121 -27.92 -34.41 -46.78
N VAL E 122 -28.47 -35.62 -46.79
CA VAL E 122 -28.59 -36.40 -45.55
C VAL E 122 -27.88 -37.74 -45.72
N TYR E 123 -26.74 -37.92 -45.06
CA TYR E 123 -25.95 -39.14 -45.20
C TYR E 123 -26.10 -40.07 -44.00
N GLN E 124 -25.86 -41.37 -44.22
CA GLN E 124 -25.79 -42.33 -43.12
C GLN E 124 -24.35 -42.60 -42.74
N LEU E 125 -24.06 -42.71 -41.45
CA LEU E 125 -22.73 -43.10 -40.95
C LEU E 125 -22.82 -44.39 -40.13
N ARG E 126 -21.73 -45.16 -40.11
CA ARG E 126 -21.67 -46.40 -39.33
C ARG E 126 -20.55 -46.37 -38.27
N ASP E 127 -20.71 -47.13 -37.19
CA ASP E 127 -19.65 -47.23 -36.17
C ASP E 127 -18.87 -48.54 -36.29
N SER E 128 -19.53 -49.65 -35.91
CA SER E 128 -18.99 -51.04 -35.94
C SER E 128 -19.71 -51.91 -36.97
N SER E 134 -26.20 -46.15 -38.05
CA SER E 134 -27.03 -45.86 -36.87
C SER E 134 -27.09 -44.34 -36.51
N VAL E 135 -26.29 -43.55 -37.23
CA VAL E 135 -26.30 -42.09 -37.10
C VAL E 135 -26.51 -41.40 -38.46
N CYS E 136 -27.49 -40.50 -38.54
CA CYS E 136 -27.76 -39.73 -39.76
C CYS E 136 -27.29 -38.28 -39.66
N LEU E 137 -26.61 -37.81 -40.71
CA LEU E 137 -26.04 -36.46 -40.72
C LEU E 137 -26.61 -35.54 -41.80
N PHE E 138 -27.33 -34.52 -41.39
CA PHE E 138 -27.86 -33.50 -42.29
C PHE E 138 -26.82 -32.41 -42.40
N THR E 139 -26.52 -31.94 -43.61
CA THR E 139 -25.38 -31.03 -43.81
C THR E 139 -25.40 -30.14 -45.09
N ASP E 140 -24.64 -29.04 -45.05
CA ASP E 140 -24.47 -28.07 -46.16
C ASP E 140 -25.76 -27.34 -46.56
N PHE E 141 -26.31 -26.52 -45.68
CA PHE E 141 -27.58 -25.84 -45.96
C PHE E 141 -27.57 -24.41 -45.45
N ASP E 142 -28.02 -23.45 -46.27
CA ASP E 142 -27.98 -22.05 -45.83
C ASP E 142 -28.83 -21.80 -44.60
N SER E 143 -28.63 -20.65 -43.95
CA SER E 143 -29.17 -20.40 -42.62
C SER E 143 -30.66 -20.10 -42.63
N GLN E 144 -31.27 -20.29 -43.80
CA GLN E 144 -32.72 -20.24 -43.98
C GLN E 144 -33.42 -21.46 -43.39
N THR E 145 -32.67 -22.56 -43.19
CA THR E 145 -33.23 -23.80 -42.65
C THR E 145 -33.15 -23.81 -41.14
N ASN E 146 -34.17 -24.38 -40.52
CA ASN E 146 -34.19 -24.63 -39.06
C ASN E 146 -34.48 -26.07 -38.65
N VAL E 147 -33.66 -26.58 -37.75
CA VAL E 147 -33.78 -27.95 -37.31
C VAL E 147 -34.53 -28.00 -35.97
N SER E 148 -35.56 -28.84 -35.90
CA SER E 148 -36.37 -28.96 -34.69
C SER E 148 -36.42 -30.38 -34.15
N GLN E 149 -36.72 -30.49 -32.85
CA GLN E 149 -36.63 -31.74 -32.07
C GLN E 149 -37.69 -32.80 -32.43
N SER E 150 -37.86 -33.82 -31.58
CA SER E 150 -38.85 -34.90 -31.82
C SER E 150 -39.94 -35.09 -30.75
N SER E 153 -39.66 -39.41 -30.12
CA SER E 153 -39.63 -39.69 -28.69
C SER E 153 -38.45 -40.56 -28.19
N ASP E 154 -38.14 -41.63 -28.93
CA ASP E 154 -36.91 -42.42 -28.72
C ASP E 154 -35.95 -42.16 -29.87
N VAL E 155 -36.02 -40.95 -30.39
CA VAL E 155 -35.15 -40.44 -31.44
C VAL E 155 -34.63 -39.12 -30.92
N TYR E 156 -33.32 -38.91 -31.04
CA TYR E 156 -32.68 -37.70 -30.54
C TYR E 156 -32.10 -36.88 -31.70
N ILE E 157 -32.54 -35.63 -31.83
CA ILE E 157 -32.05 -34.73 -32.88
C ILE E 157 -31.45 -33.45 -32.31
N THR E 158 -30.20 -33.17 -32.68
CA THR E 158 -29.44 -32.03 -32.21
C THR E 158 -29.73 -30.77 -33.02
N ASP E 159 -29.57 -29.60 -32.41
CA ASP E 159 -29.73 -28.32 -33.11
C ASP E 159 -28.69 -28.17 -34.23
N LYS E 160 -28.84 -27.16 -35.09
CA LYS E 160 -27.81 -26.91 -36.11
C LYS E 160 -26.59 -26.26 -35.48
N CYS E 161 -25.45 -26.37 -36.17
CA CYS E 161 -24.14 -26.03 -35.60
C CYS E 161 -23.18 -25.67 -36.74
N VAL E 162 -22.55 -24.49 -36.65
CA VAL E 162 -21.61 -23.99 -37.71
C VAL E 162 -20.20 -24.54 -37.59
N LEU E 163 -19.63 -25.06 -38.67
CA LEU E 163 -18.30 -25.62 -38.63
C LEU E 163 -17.40 -24.87 -39.58
N ASP E 164 -16.19 -24.52 -39.17
CA ASP E 164 -15.30 -23.67 -39.99
C ASP E 164 -13.94 -24.28 -40.32
N MET E 165 -13.75 -24.75 -41.55
CA MET E 165 -12.49 -25.28 -41.98
C MET E 165 -11.64 -24.11 -42.40
N ARG E 166 -10.77 -23.65 -41.51
CA ARG E 166 -10.07 -22.36 -41.66
C ARG E 166 -9.07 -22.31 -42.82
N SER E 167 -8.63 -23.50 -43.27
CA SER E 167 -7.63 -23.62 -44.32
C SER E 167 -8.13 -23.23 -45.70
N MET E 168 -9.33 -23.68 -46.04
CA MET E 168 -9.90 -23.45 -47.37
C MET E 168 -11.00 -22.39 -47.37
N ASP E 169 -11.13 -21.69 -46.24
CA ASP E 169 -12.15 -20.66 -46.02
C ASP E 169 -13.58 -21.14 -46.36
N PHE E 170 -13.91 -22.33 -45.89
CA PHE E 170 -15.18 -22.99 -46.16
C PHE E 170 -15.96 -23.26 -44.87
N LYS E 171 -17.20 -22.80 -44.82
CA LYS E 171 -18.04 -22.95 -43.64
C LYS E 171 -19.27 -23.77 -43.97
N SER E 172 -19.74 -24.58 -43.02
CA SER E 172 -20.92 -25.41 -43.25
C SER E 172 -21.76 -25.60 -42.00
N ASN E 173 -23.06 -25.79 -42.18
CA ASN E 173 -23.97 -26.11 -41.09
C ASN E 173 -24.24 -27.61 -41.06
N SER E 174 -24.64 -28.14 -39.90
CA SER E 174 -24.90 -29.57 -39.73
C SER E 174 -25.79 -29.85 -38.54
N ALA E 175 -26.56 -30.93 -38.63
CA ALA E 175 -27.32 -31.43 -37.49
C ALA E 175 -27.19 -32.95 -37.49
N VAL E 176 -27.39 -33.54 -36.32
CA VAL E 176 -27.26 -35.00 -36.17
C VAL E 176 -28.54 -35.61 -35.63
N ALA E 177 -28.95 -36.74 -36.20
CA ALA E 177 -30.03 -37.53 -35.62
C ALA E 177 -29.57 -38.97 -35.40
N TRP E 178 -29.91 -39.55 -34.26
CA TRP E 178 -29.65 -40.97 -34.03
C TRP E 178 -30.75 -41.59 -33.21
N SER E 179 -30.93 -42.90 -33.32
CA SER E 179 -31.96 -43.60 -32.55
C SER E 179 -31.64 -45.06 -32.20
N ASN E 180 -32.05 -45.46 -31.00
CA ASN E 180 -31.94 -46.86 -30.53
C ASN E 180 -32.84 -47.81 -31.34
N LYS E 181 -33.98 -47.28 -31.81
CA LYS E 181 -35.03 -48.04 -32.50
C LYS E 181 -34.56 -48.90 -33.68
N SER E 182 -35.44 -49.81 -34.09
CA SER E 182 -35.13 -50.88 -35.03
C SER E 182 -35.06 -50.37 -36.48
N ASP E 183 -36.12 -49.72 -36.93
CA ASP E 183 -36.31 -49.43 -38.35
C ASP E 183 -35.92 -48.01 -38.77
N PHE E 184 -35.67 -47.14 -37.78
CA PHE E 184 -35.19 -45.76 -38.00
C PHE E 184 -34.17 -45.63 -39.13
N ALA E 185 -34.56 -44.87 -40.16
CA ALA E 185 -33.74 -44.69 -41.35
C ALA E 185 -33.60 -43.22 -41.73
N CYS E 186 -32.50 -42.91 -42.44
CA CYS E 186 -32.15 -41.52 -42.78
C CYS E 186 -33.18 -40.78 -43.64
N ALA E 187 -33.70 -41.45 -44.66
CA ALA E 187 -34.79 -40.89 -45.49
C ALA E 187 -35.98 -40.39 -44.65
N ASN E 188 -36.11 -40.89 -43.43
CA ASN E 188 -37.24 -40.57 -42.55
C ASN E 188 -36.89 -39.68 -41.35
N ALA E 189 -35.59 -39.61 -41.03
CA ALA E 189 -35.10 -39.03 -39.78
C ALA E 189 -35.52 -37.59 -39.52
N PHE E 190 -35.27 -36.72 -40.49
CA PHE E 190 -35.51 -35.28 -40.32
C PHE E 190 -36.88 -34.84 -40.83
N ASN E 191 -37.90 -35.68 -40.68
CA ASN E 191 -39.22 -35.37 -41.22
C ASN E 191 -39.99 -34.30 -40.45
N ASN E 192 -39.58 -34.07 -39.21
CA ASN E 192 -40.22 -33.09 -38.33
C ASN E 192 -39.67 -31.68 -38.50
N SER E 193 -38.65 -31.58 -39.36
CA SER E 193 -38.03 -30.30 -39.71
C SER E 193 -38.36 -29.96 -41.17
N ILE E 194 -38.45 -28.68 -41.48
CA ILE E 194 -38.74 -28.22 -42.83
C ILE E 194 -37.46 -28.09 -43.67
N ILE E 195 -37.14 -29.18 -44.36
CA ILE E 195 -35.90 -29.31 -45.14
C ILE E 195 -36.07 -28.92 -46.59
N PRO E 196 -35.07 -28.26 -47.20
CA PRO E 196 -35.16 -27.85 -48.61
C PRO E 196 -35.52 -29.01 -49.54
N GLU E 197 -36.54 -28.80 -50.37
CA GLU E 197 -37.03 -29.81 -51.30
C GLU E 197 -36.07 -30.04 -52.49
N ASP E 198 -34.80 -30.28 -52.17
CA ASP E 198 -33.78 -30.54 -53.18
C ASP E 198 -32.64 -31.37 -52.57
N THR E 199 -32.86 -31.85 -51.34
CA THR E 199 -31.86 -32.58 -50.57
C THR E 199 -31.47 -33.91 -51.19
N PHE E 200 -30.23 -34.32 -50.97
CA PHE E 200 -29.64 -35.50 -51.58
C PHE E 200 -29.74 -36.72 -50.65
N PHE E 201 -30.60 -37.69 -51.00
CA PHE E 201 -30.73 -38.94 -50.26
C PHE E 201 -30.10 -40.10 -51.05
N PRO E 202 -28.84 -40.45 -50.75
CA PRO E 202 -28.06 -41.38 -51.60
C PRO E 202 -28.43 -42.90 -51.55
N SER E 203 -28.03 -43.59 -50.47
CA SER E 203 -28.23 -45.04 -50.35
C SER E 203 -28.22 -45.51 -48.89
N ARG F 1 -9.40 46.62 5.05
CA ARG F 1 -10.09 45.45 5.71
C ARG F 1 -10.24 44.27 4.73
N LEU F 2 -10.24 43.05 5.29
CA LEU F 2 -10.31 41.81 4.48
C LEU F 2 -11.44 40.82 4.91
N PHE F 3 -12.07 40.23 3.89
CA PHE F 3 -13.26 39.40 4.09
C PHE F 3 -13.15 38.05 3.36
N PRO F 4 -12.57 37.05 4.05
CA PRO F 4 -12.48 35.68 3.52
C PRO F 4 -13.80 34.92 3.55
N LEU F 5 -14.10 34.19 2.47
CA LEU F 5 -15.23 33.28 2.51
C LEU F 5 -14.76 32.01 3.18
N ARG F 6 -15.58 31.47 4.08
CA ARG F 6 -15.22 30.26 4.81
C ARG F 6 -16.41 29.34 4.86
N CYS F 7 -16.31 28.21 4.18
CA CYS F 7 -17.40 27.26 4.17
C CYS F 7 -17.06 26.07 5.05
N LEU F 8 -17.85 25.88 6.10
CA LEU F 8 -17.57 24.85 7.09
C LEU F 8 -18.55 23.67 6.94
N GLN F 9 -18.06 22.47 7.23
CA GLN F 9 -18.86 21.26 7.12
C GLN F 9 -18.65 20.48 8.40
N ILE F 10 -19.72 19.86 8.91
CA ILE F 10 -19.59 19.07 10.14
C ILE F 10 -20.27 17.71 9.96
N SER F 11 -19.47 16.66 9.81
CA SER F 11 -20.04 15.36 9.54
C SER F 11 -19.77 14.42 10.71
N SER F 12 -20.80 13.69 11.13
CA SER F 12 -20.73 12.82 12.31
C SER F 12 -21.40 11.48 12.09
N PHE F 13 -20.61 10.42 12.19
CA PHE F 13 -21.08 9.06 11.97
C PHE F 13 -20.98 8.31 13.30
N ALA F 14 -22.12 8.00 13.92
CA ALA F 14 -22.13 7.29 15.20
C ALA F 14 -21.96 5.79 15.00
N ASN F 15 -22.84 5.23 14.19
CA ASN F 15 -22.66 3.89 13.65
C ASN F 15 -22.75 3.99 12.12
N SER F 16 -22.85 2.88 11.39
CA SER F 16 -22.95 2.99 9.93
C SER F 16 -24.39 3.13 9.44
N SER F 17 -25.29 3.55 10.34
CA SER F 17 -26.69 3.80 10.00
C SER F 17 -27.13 5.19 10.42
N TRP F 18 -26.53 5.71 11.48
CA TRP F 18 -26.89 7.02 11.97
C TRP F 18 -25.76 7.98 11.66
N THR F 19 -26.08 9.06 10.94
CA THR F 19 -25.06 9.98 10.44
C THR F 19 -25.71 11.30 10.03
N ARG F 20 -25.02 12.41 10.25
CA ARG F 20 -25.53 13.70 9.79
C ARG F 20 -24.40 14.62 9.29
N THR F 21 -24.74 15.52 8.35
CA THR F 21 -23.81 16.46 7.77
C THR F 21 -24.47 17.82 7.77
N ASP F 22 -23.89 18.76 8.49
CA ASP F 22 -24.43 20.11 8.51
C ASP F 22 -23.36 21.09 8.07
N GLY F 23 -23.76 22.12 7.33
CA GLY F 23 -22.84 23.11 6.79
C GLY F 23 -23.17 24.54 7.14
N LEU F 24 -22.27 25.46 6.79
CA LEU F 24 -22.54 26.89 6.96
C LEU F 24 -21.41 27.72 6.34
N ALA F 25 -21.68 28.98 6.03
CA ALA F 25 -20.67 29.86 5.42
C ALA F 25 -20.59 31.20 6.11
N TRP F 26 -19.38 31.70 6.27
CA TRP F 26 -19.11 32.99 6.89
C TRP F 26 -18.43 33.90 5.90
N LEU F 27 -18.95 35.11 5.71
CA LEU F 27 -18.18 36.11 5.02
C LEU F 27 -17.62 37.05 6.07
N GLY F 28 -16.30 36.98 6.27
CA GLY F 28 -15.63 37.69 7.36
C GLY F 28 -16.14 37.17 8.69
N GLU F 29 -16.74 38.07 9.48
CA GLU F 29 -17.37 37.66 10.75
C GLU F 29 -18.88 37.35 10.61
N LEU F 30 -19.51 37.88 9.57
CA LEU F 30 -20.93 37.70 9.32
C LEU F 30 -21.25 36.30 8.76
N GLN F 31 -22.19 35.58 9.37
CA GLN F 31 -22.58 34.29 8.81
C GLN F 31 -23.61 34.52 7.73
N THR F 32 -23.40 33.97 6.54
CA THR F 32 -24.28 34.25 5.41
C THR F 32 -25.15 33.11 4.91
N HIS F 33 -24.78 31.87 5.18
CA HIS F 33 -25.59 30.73 4.74
C HIS F 33 -25.62 29.67 5.83
N SER F 34 -26.48 28.67 5.67
CA SER F 34 -26.50 27.48 6.51
C SER F 34 -27.21 26.34 5.78
N TRP F 35 -26.91 25.11 6.15
CA TRP F 35 -27.44 23.98 5.43
C TRP F 35 -27.50 22.76 6.36
N SER F 36 -28.67 22.41 6.87
CA SER F 36 -28.74 21.29 7.84
C SER F 36 -29.03 19.92 7.19
N ASN F 37 -28.94 18.85 7.98
CA ASN F 37 -29.12 17.50 7.43
C ASN F 37 -30.46 17.33 6.74
N ASP F 38 -31.53 17.76 7.40
CA ASP F 38 -32.89 17.41 6.97
C ASP F 38 -33.42 18.23 5.79
N SER F 39 -32.79 19.37 5.53
CA SER F 39 -33.14 20.25 4.40
C SER F 39 -32.34 19.94 3.12
N ASP F 40 -33.03 19.87 1.98
CA ASP F 40 -32.35 19.56 0.72
C ASP F 40 -32.01 20.81 -0.13
N THR F 41 -32.20 21.99 0.46
CA THR F 41 -31.67 23.20 -0.16
C THR F 41 -30.82 23.97 0.84
N VAL F 42 -30.20 25.06 0.38
CA VAL F 42 -29.27 25.86 1.19
C VAL F 42 -29.94 27.14 1.61
N ARG F 43 -30.06 27.34 2.92
CA ARG F 43 -30.73 28.52 3.46
C ARG F 43 -29.87 29.79 3.47
N SER F 44 -30.38 30.83 2.84
CA SER F 44 -29.73 32.12 2.85
C SER F 44 -30.09 32.92 4.13
N LEU F 45 -29.13 33.69 4.64
CA LEU F 45 -29.30 34.34 5.93
C LEU F 45 -29.26 35.84 5.83
N LYS F 46 -28.89 36.36 4.66
CA LYS F 46 -28.88 37.79 4.42
C LYS F 46 -29.64 38.06 3.14
N PRO F 47 -30.33 39.21 3.05
CA PRO F 47 -31.02 39.50 1.80
C PRO F 47 -30.10 39.41 0.60
N TRP F 48 -28.78 39.56 0.81
CA TRP F 48 -27.77 39.68 -0.25
C TRP F 48 -26.87 38.47 -0.38
N SER F 49 -27.30 37.36 0.20
CA SER F 49 -26.49 36.16 0.24
C SER F 49 -26.28 35.52 -1.10
N GLN F 50 -27.08 35.88 -2.09
CA GLN F 50 -26.91 35.23 -3.39
C GLN F 50 -25.86 35.96 -4.19
N GLY F 51 -25.35 37.05 -3.61
CA GLY F 51 -24.31 37.83 -4.23
C GLY F 51 -24.76 38.39 -5.57
N THR F 52 -24.10 37.94 -6.63
CA THR F 52 -24.29 38.54 -7.94
C THR F 52 -24.68 37.48 -8.95
N PHE F 53 -24.74 36.25 -8.49
CA PHE F 53 -25.07 35.11 -9.31
C PHE F 53 -26.53 35.18 -9.76
N SER F 54 -26.81 34.62 -10.94
CA SER F 54 -28.18 34.54 -11.42
C SER F 54 -28.95 33.49 -10.60
N ASP F 55 -30.26 33.45 -10.76
CA ASP F 55 -31.06 32.41 -10.10
C ASP F 55 -30.80 31.03 -10.73
N GLN F 56 -30.34 31.02 -11.99
CA GLN F 56 -29.99 29.78 -12.72
C GLN F 56 -28.64 29.28 -12.27
N GLN F 57 -27.69 30.20 -12.12
CA GLN F 57 -26.33 29.87 -11.69
C GLN F 57 -26.41 29.33 -10.29
N TRP F 58 -27.15 30.03 -9.43
CA TRP F 58 -27.23 29.68 -8.02
C TRP F 58 -27.82 28.29 -7.86
N GLU F 59 -28.56 27.87 -8.87
CA GLU F 59 -29.22 26.57 -8.85
C GLU F 59 -28.28 25.43 -9.16
N THR F 60 -27.51 25.57 -10.25
CA THR F 60 -26.55 24.53 -10.65
C THR F 60 -25.49 24.33 -9.60
N LEU F 61 -25.33 25.31 -8.72
CA LEU F 61 -24.36 25.27 -7.67
C LEU F 61 -24.91 24.44 -6.53
N GLN F 62 -26.11 24.80 -6.09
CA GLN F 62 -26.84 24.01 -5.10
C GLN F 62 -26.94 22.54 -5.48
N HIS F 63 -27.07 22.27 -6.79
CA HIS F 63 -27.12 20.91 -7.27
C HIS F 63 -25.79 20.23 -7.03
N ILE F 64 -24.68 20.89 -7.33
CA ILE F 64 -23.35 20.31 -7.13
C ILE F 64 -23.14 19.88 -5.67
N PHE F 65 -23.55 20.76 -4.74
CA PHE F 65 -23.48 20.50 -3.31
C PHE F 65 -24.32 19.32 -2.92
N ARG F 66 -25.54 19.27 -3.44
CA ARG F 66 -26.50 18.22 -3.14
C ARG F 66 -25.95 16.85 -3.53
N VAL F 67 -25.37 16.73 -4.72
CA VAL F 67 -24.73 15.50 -5.17
C VAL F 67 -23.50 15.18 -4.32
N TYR F 68 -22.78 16.20 -3.89
CA TYR F 68 -21.58 16.01 -3.04
C TYR F 68 -21.93 15.44 -1.67
N ARG F 69 -22.81 16.12 -0.93
CA ARG F 69 -23.18 15.69 0.43
C ARG F 69 -23.55 14.21 0.49
N SER F 70 -24.40 13.75 -0.43
CA SER F 70 -24.84 12.36 -0.36
C SER F 70 -23.68 11.43 -0.68
N SER F 71 -22.89 11.78 -1.70
CA SER F 71 -21.79 10.94 -2.20
C SER F 71 -20.65 10.91 -1.22
N PHE F 72 -20.41 12.05 -0.59
CA PHE F 72 -19.41 12.17 0.48
C PHE F 72 -19.69 11.18 1.60
N THR F 73 -20.96 11.11 2.00
CA THR F 73 -21.42 10.19 3.03
C THR F 73 -21.14 8.71 2.70
N ARG F 74 -21.58 8.22 1.55
CA ARG F 74 -21.34 6.82 1.24
C ARG F 74 -19.84 6.52 1.18
N ASP F 75 -19.07 7.49 0.71
CA ASP F 75 -17.65 7.31 0.50
C ASP F 75 -16.88 7.11 1.81
N VAL F 76 -17.30 7.80 2.86
CA VAL F 76 -16.69 7.68 4.18
C VAL F 76 -17.02 6.32 4.81
N LYS F 77 -18.28 5.94 4.75
CA LYS F 77 -18.70 4.65 5.31
C LYS F 77 -17.87 3.55 4.64
N GLU F 78 -17.55 3.77 3.37
CA GLU F 78 -16.79 2.82 2.58
C GLU F 78 -15.28 2.83 2.88
N PHE F 79 -14.72 4.03 3.10
CA PHE F 79 -13.34 4.15 3.60
C PHE F 79 -13.20 3.43 4.92
N ALA F 80 -14.22 3.52 5.77
CA ALA F 80 -14.15 2.89 7.07
C ALA F 80 -13.84 1.39 6.93
N LYS F 81 -14.42 0.76 5.91
CA LYS F 81 -14.19 -0.68 5.70
C LYS F 81 -12.76 -0.97 5.22
N MET F 82 -12.29 -0.12 4.30
CA MET F 82 -11.00 -0.27 3.64
C MET F 82 -9.82 0.07 4.57
N LEU F 83 -10.01 1.10 5.38
CA LEU F 83 -8.94 1.61 6.23
C LEU F 83 -8.97 1.06 7.66
N ARG F 84 -9.98 0.23 7.95
CA ARG F 84 -10.22 -0.38 9.28
C ARG F 84 -10.36 0.62 10.42
N LEU F 85 -11.18 1.65 10.23
CA LEU F 85 -11.43 2.58 11.32
C LEU F 85 -12.75 2.27 12.03
N SER F 86 -12.79 2.53 13.34
CA SER F 86 -13.96 2.22 14.15
C SER F 86 -14.77 3.49 14.39
N TYR F 87 -16.09 3.37 14.27
CA TYR F 87 -17.05 4.41 14.63
C TYR F 87 -17.02 4.63 16.16
N PRO F 88 -17.38 5.85 16.64
CA PRO F 88 -17.82 7.05 15.94
C PRO F 88 -16.68 7.79 15.24
N LEU F 89 -16.99 8.41 14.09
CA LEU F 89 -16.04 9.24 13.33
C LEU F 89 -16.51 10.70 13.32
N GLU F 90 -15.56 11.60 13.23
CA GLU F 90 -15.87 13.02 13.16
C GLU F 90 -15.02 13.71 12.09
N LEU F 91 -15.66 14.14 11.01
CA LEU F 91 -14.92 14.82 9.94
C LEU F 91 -15.37 16.25 9.82
N GLN F 92 -14.42 17.14 9.55
CA GLN F 92 -14.71 18.54 9.30
C GLN F 92 -13.96 18.98 8.07
N VAL F 93 -14.59 19.80 7.25
CA VAL F 93 -13.90 20.43 6.12
C VAL F 93 -13.97 21.93 6.34
N SER F 94 -12.98 22.65 5.81
CA SER F 94 -13.04 24.09 5.80
C SER F 94 -12.42 24.52 4.50
N ALA F 95 -13.24 25.12 3.64
CA ALA F 95 -12.87 25.46 2.28
C ALA F 95 -13.34 26.88 2.00
N GLY F 96 -12.66 27.56 1.09
CA GLY F 96 -13.03 28.92 0.72
C GLY F 96 -11.87 29.68 0.16
N CYS F 97 -12.10 30.94 -0.18
CA CYS F 97 -11.08 31.77 -0.80
C CYS F 97 -11.11 33.17 -0.23
N GLU F 98 -10.19 34.00 -0.69
CA GLU F 98 -10.00 35.36 -0.18
C GLU F 98 -9.53 36.25 -1.30
N VAL F 99 -10.42 37.10 -1.81
CA VAL F 99 -10.10 37.95 -2.97
C VAL F 99 -9.31 39.18 -2.56
N HIS F 100 -8.18 39.37 -3.22
CA HIS F 100 -7.28 40.47 -2.93
C HIS F 100 -7.42 41.62 -3.92
N PRO F 101 -7.13 42.86 -3.45
CA PRO F 101 -7.03 44.06 -4.31
C PRO F 101 -6.12 43.81 -5.52
N GLY F 102 -6.48 44.39 -6.66
CA GLY F 102 -5.76 44.13 -7.90
C GLY F 102 -5.97 42.69 -8.36
N ASN F 103 -7.24 42.29 -8.42
CA ASN F 103 -7.72 41.10 -9.16
C ASN F 103 -7.23 39.67 -8.75
N ALA F 104 -6.25 39.60 -7.85
CA ALA F 104 -5.70 38.31 -7.40
C ALA F 104 -6.55 37.67 -6.28
N SER F 105 -6.17 36.47 -5.85
CA SER F 105 -6.89 35.69 -4.81
C SER F 105 -6.11 34.46 -4.43
N ASN F 106 -6.23 34.04 -3.18
CA ASN F 106 -5.75 32.73 -2.74
C ASN F 106 -6.91 31.90 -2.17
N ASN F 107 -6.70 30.60 -1.96
CA ASN F 107 -7.77 29.67 -1.55
C ASN F 107 -7.27 28.41 -0.84
N PHE F 108 -8.19 27.68 -0.24
CA PHE F 108 -7.85 26.56 0.62
C PHE F 108 -8.96 25.50 0.65
N PHE F 109 -8.63 24.33 1.21
CA PHE F 109 -9.58 23.22 1.35
C PHE F 109 -8.89 22.19 2.26
N HIS F 110 -9.03 22.36 3.56
CA HIS F 110 -8.42 21.43 4.51
C HIS F 110 -9.49 20.56 5.12
N VAL F 111 -9.19 19.27 5.32
CA VAL F 111 -10.11 18.42 6.09
C VAL F 111 -9.47 17.96 7.40
N ALA F 112 -10.29 17.49 8.34
CA ALA F 112 -9.81 17.06 9.64
C ALA F 112 -10.56 15.80 10.17
N PHE F 113 -9.81 14.82 10.67
CA PHE F 113 -10.43 13.60 11.15
C PHE F 113 -10.20 13.45 12.64
N GLN F 114 -11.28 13.17 13.37
CA GLN F 114 -11.32 13.25 14.84
C GLN F 114 -10.68 14.52 15.42
N GLY F 115 -10.81 15.64 14.71
CA GLY F 115 -10.29 16.90 15.22
C GLY F 115 -8.83 17.26 14.95
N LYS F 116 -8.15 16.47 14.13
CA LYS F 116 -6.77 16.77 13.71
C LYS F 116 -6.65 16.83 12.19
N ASP F 117 -5.80 17.71 11.67
CA ASP F 117 -5.61 17.79 10.20
C ASP F 117 -5.21 16.46 9.54
N ILE F 118 -5.81 16.13 8.40
CA ILE F 118 -5.32 14.95 7.64
C ILE F 118 -5.00 15.19 6.16
N LEU F 119 -5.75 16.02 5.44
CA LEU F 119 -5.38 16.35 4.05
C LEU F 119 -5.79 17.73 3.52
N SER F 120 -5.44 18.03 2.27
CA SER F 120 -5.88 19.29 1.67
C SER F 120 -5.71 19.28 0.16
N PHE F 121 -6.27 20.30 -0.48
CA PHE F 121 -6.17 20.45 -1.91
C PHE F 121 -5.13 21.52 -2.28
N GLN F 122 -4.22 21.13 -3.17
CA GLN F 122 -3.07 21.94 -3.57
C GLN F 122 -2.91 21.80 -5.08
N GLY F 123 -3.06 22.92 -5.77
CA GLY F 123 -2.92 22.96 -7.22
C GLY F 123 -3.93 22.09 -7.95
N THR F 124 -3.59 20.81 -8.07
CA THR F 124 -4.42 19.87 -8.84
C THR F 124 -4.79 18.58 -8.10
N SER F 125 -4.26 18.42 -6.88
CA SER F 125 -4.34 17.15 -6.18
C SER F 125 -4.50 17.21 -4.67
N TRP F 126 -4.89 16.07 -4.11
CA TRP F 126 -4.94 15.87 -2.69
C TRP F 126 -3.53 15.57 -2.14
N GLU F 127 -3.30 15.98 -0.91
CA GLU F 127 -1.98 15.87 -0.29
C GLU F 127 -2.13 15.66 1.19
N PRO F 128 -1.29 14.78 1.78
CA PRO F 128 -1.39 14.50 3.20
C PRO F 128 -0.84 15.62 4.06
N THR F 129 -1.22 15.61 5.33
CA THR F 129 -0.72 16.54 6.32
C THR F 129 0.62 16.03 6.85
N GLN F 130 1.56 16.96 7.00
CA GLN F 130 2.84 16.70 7.64
C GLN F 130 2.65 15.98 8.97
N GLU F 131 2.86 14.66 8.99
CA GLU F 131 2.76 13.84 10.21
C GLU F 131 1.42 13.10 10.38
N ALA F 132 0.58 13.12 9.34
CA ALA F 132 -0.64 12.30 9.32
C ALA F 132 -0.29 10.80 9.33
N PRO F 133 -1.17 9.98 9.92
CA PRO F 133 -1.04 8.51 10.01
C PRO F 133 -0.80 7.78 8.69
N LEU F 134 -0.44 6.51 8.81
CA LEU F 134 -0.06 5.72 7.65
C LEU F 134 -1.22 5.55 6.69
N TRP F 135 -2.38 5.16 7.23
CA TRP F 135 -3.57 4.89 6.41
C TRP F 135 -3.92 6.06 5.50
N VAL F 136 -3.69 7.29 5.98
CA VAL F 136 -3.95 8.51 5.22
C VAL F 136 -3.42 8.43 3.80
N ASN F 137 -2.27 7.79 3.64
CA ASN F 137 -1.65 7.63 2.32
C ASN F 137 -2.47 6.76 1.34
N LEU F 138 -3.25 5.84 1.90
CA LEU F 138 -4.16 5.04 1.09
C LEU F 138 -5.37 5.86 0.69
N ALA F 139 -5.92 6.62 1.62
CA ALA F 139 -7.05 7.48 1.32
C ALA F 139 -6.70 8.39 0.18
N ILE F 140 -5.52 9.00 0.22
CA ILE F 140 -5.10 9.93 -0.82
C ILE F 140 -5.04 9.26 -2.19
N GLN F 141 -4.42 8.10 -2.24
CA GLN F 141 -4.32 7.35 -3.45
C GLN F 141 -5.70 7.13 -4.07
N VAL F 142 -6.67 6.72 -3.26
CA VAL F 142 -8.03 6.50 -3.75
C VAL F 142 -8.71 7.81 -4.21
N LEU F 143 -8.58 8.87 -3.41
CA LEU F 143 -9.17 10.18 -3.78
C LEU F 143 -8.61 10.71 -5.08
N ASN F 144 -7.31 10.56 -5.31
CA ASN F 144 -6.69 11.10 -6.51
C ASN F 144 -7.00 10.31 -7.80
N GLN F 145 -7.55 9.10 -7.70
CA GLN F 145 -8.05 8.39 -8.89
C GLN F 145 -9.18 9.16 -9.61
N ASP F 146 -9.99 9.86 -8.83
CA ASP F 146 -11.23 10.47 -9.31
C ASP F 146 -10.93 11.78 -10.02
N LYS F 147 -10.54 11.67 -11.29
CA LYS F 147 -10.08 12.85 -12.05
C LYS F 147 -11.13 13.93 -12.14
N TRP F 148 -12.38 13.53 -12.34
CA TRP F 148 -13.44 14.52 -12.48
C TRP F 148 -13.65 15.32 -11.20
N THR F 149 -13.54 14.67 -10.05
CA THR F 149 -13.75 15.37 -8.79
C THR F 149 -12.64 16.39 -8.58
N ARG F 150 -11.42 16.00 -8.91
CA ARG F 150 -10.28 16.90 -8.77
C ARG F 150 -10.44 18.19 -9.59
N GLU F 151 -10.91 18.06 -10.82
CA GLU F 151 -11.05 19.19 -11.73
C GLU F 151 -12.24 20.05 -11.33
N THR F 152 -13.21 19.44 -10.66
CA THR F 152 -14.37 20.17 -10.17
C THR F 152 -13.98 20.98 -8.94
N VAL F 153 -13.22 20.37 -8.02
CA VAL F 153 -12.76 21.11 -6.85
C VAL F 153 -11.89 22.30 -7.27
N GLN F 154 -11.07 22.08 -8.28
CA GLN F 154 -10.15 23.07 -8.83
C GLN F 154 -10.91 24.25 -9.47
N TRP F 155 -11.88 23.91 -10.30
CA TRP F 155 -12.71 24.90 -10.96
C TRP F 155 -13.42 25.74 -9.91
N LEU F 156 -13.87 25.10 -8.83
CA LEU F 156 -14.64 25.78 -7.78
C LEU F 156 -13.82 26.73 -6.95
N LEU F 157 -12.57 26.36 -6.71
CA LEU F 157 -11.67 27.16 -5.86
C LEU F 157 -10.94 28.26 -6.62
N ASN F 158 -10.37 27.91 -7.76
CA ASN F 158 -9.61 28.86 -8.56
C ASN F 158 -10.50 29.85 -9.31
N GLY F 159 -11.77 29.49 -9.52
CA GLY F 159 -12.62 30.21 -10.47
C GLY F 159 -13.98 30.64 -9.98
N THR F 160 -14.75 29.72 -9.44
CA THR F 160 -16.12 30.02 -8.99
C THR F 160 -16.10 30.80 -7.69
N CYS F 161 -15.35 30.33 -6.70
CA CYS F 161 -15.28 31.04 -5.46
C CYS F 161 -14.94 32.54 -5.65
N PRO F 162 -13.83 32.89 -6.35
CA PRO F 162 -13.46 34.31 -6.53
C PRO F 162 -14.53 35.16 -7.18
N GLN F 163 -15.22 34.60 -8.18
CA GLN F 163 -16.39 35.25 -8.80
C GLN F 163 -17.57 35.50 -7.87
N PHE F 164 -17.79 34.59 -6.93
CA PHE F 164 -18.87 34.69 -5.98
C PHE F 164 -18.54 35.71 -4.90
N VAL F 165 -17.32 35.68 -4.41
CA VAL F 165 -16.92 36.57 -3.34
C VAL F 165 -16.85 38.01 -3.84
N SER F 166 -16.61 38.19 -5.14
CA SER F 166 -16.61 39.54 -5.69
C SER F 166 -18.01 40.16 -5.67
N GLY F 167 -18.99 39.38 -6.09
CA GLY F 167 -20.40 39.77 -6.01
C GLY F 167 -20.88 40.08 -4.61
N LEU F 168 -20.69 39.14 -3.69
CA LEU F 168 -21.07 39.34 -2.31
C LEU F 168 -20.56 40.67 -1.75
N LEU F 169 -19.36 41.09 -2.17
CA LEU F 169 -18.72 42.27 -1.59
C LEU F 169 -19.40 43.55 -2.03
N GLU F 170 -19.86 43.60 -3.27
CA GLU F 170 -20.57 44.80 -3.71
C GLU F 170 -22.07 44.74 -3.51
N SER F 171 -22.58 43.56 -3.13
CA SER F 171 -24.01 43.41 -2.90
C SER F 171 -24.36 43.43 -1.40
N GLY F 172 -23.43 43.05 -0.54
CA GLY F 172 -23.60 43.24 0.90
C GLY F 172 -22.80 44.43 1.37
N LYS F 173 -22.57 45.38 0.45
CA LYS F 173 -21.64 46.49 0.66
C LYS F 173 -21.90 47.29 1.95
N SER F 174 -23.12 47.79 2.10
CA SER F 174 -23.46 48.68 3.21
C SER F 174 -23.53 48.00 4.58
N GLU F 175 -23.73 46.68 4.60
CA GLU F 175 -23.79 45.98 5.87
C GLU F 175 -22.38 45.66 6.38
N LEU F 176 -21.44 45.49 5.43
CA LEU F 176 -20.04 45.21 5.77
C LEU F 176 -19.33 46.46 6.34
N LYS F 177 -19.98 47.62 6.19
CA LYS F 177 -19.42 48.89 6.62
C LYS F 177 -20.12 49.51 7.82
N LYS F 178 -21.32 49.03 8.10
CA LYS F 178 -22.08 49.37 9.30
C LYS F 178 -21.21 49.41 10.55
N GLN F 179 -21.45 50.44 11.38
CA GLN F 179 -20.74 50.63 12.66
C GLN F 179 -21.76 50.75 13.79
N VAL F 180 -21.45 50.13 14.94
CA VAL F 180 -22.33 50.22 16.11
C VAL F 180 -21.53 50.55 17.39
N LYS F 181 -21.87 51.70 17.99
CA LYS F 181 -21.20 52.18 19.22
C LYS F 181 -21.45 51.24 20.38
N PRO F 182 -20.45 51.07 21.27
CA PRO F 182 -20.64 50.28 22.48
C PRO F 182 -21.06 51.11 23.70
N LYS F 183 -21.68 50.44 24.66
CA LYS F 183 -21.93 51.02 25.98
C LYS F 183 -21.06 50.26 26.99
N ALA F 184 -20.34 51.02 27.82
CA ALA F 184 -19.40 50.45 28.80
C ALA F 184 -19.72 50.87 30.25
N TRP F 185 -19.28 50.05 31.20
CA TRP F 185 -19.38 50.37 32.62
C TRP F 185 -18.40 49.55 33.48
N LEU F 186 -18.20 49.98 34.73
CA LEU F 186 -17.26 49.31 35.65
C LEU F 186 -17.98 48.67 36.83
N SER F 187 -17.42 47.57 37.34
CA SER F 187 -17.97 46.90 38.52
C SER F 187 -16.90 46.16 39.33
N ARG F 188 -17.29 45.55 40.44
CA ARG F 188 -16.38 44.84 41.34
C ARG F 188 -16.80 43.39 41.52
N GLY F 189 -15.89 42.49 41.15
CA GLY F 189 -16.17 41.05 41.19
C GLY F 189 -15.83 40.43 42.54
N PRO F 190 -15.62 39.10 42.56
CA PRO F 190 -15.20 38.37 43.76
C PRO F 190 -13.76 38.72 44.21
N SER F 191 -13.53 38.70 45.52
CA SER F 191 -12.21 39.04 46.10
C SER F 191 -11.13 37.97 45.81
N PRO F 192 -9.95 38.39 45.32
CA PRO F 192 -8.84 37.43 45.18
C PRO F 192 -7.87 37.46 46.38
N GLY F 193 -8.24 38.19 47.44
CA GLY F 193 -7.39 38.37 48.63
C GLY F 193 -7.82 37.56 49.84
N PRO F 194 -7.96 38.22 51.02
CA PRO F 194 -7.76 39.65 51.28
C PRO F 194 -6.27 40.04 51.19
N GLY F 195 -5.94 41.33 51.12
CA GLY F 195 -6.91 42.43 51.08
C GLY F 195 -6.78 43.23 49.78
N ARG F 196 -7.18 42.60 48.68
CA ARG F 196 -7.08 43.20 47.35
C ARG F 196 -8.43 43.10 46.60
N LEU F 197 -8.66 44.06 45.71
CA LEU F 197 -9.94 44.12 44.99
C LEU F 197 -9.84 43.66 43.55
N LEU F 198 -10.98 43.24 42.99
CA LEU F 198 -11.06 42.88 41.56
C LEU F 198 -11.78 43.95 40.73
N LEU F 199 -11.07 44.45 39.73
CA LEU F 199 -11.61 45.49 38.84
C LEU F 199 -12.07 44.90 37.49
N VAL F 200 -13.34 45.16 37.15
CA VAL F 200 -13.94 44.67 35.91
C VAL F 200 -14.40 45.87 35.07
N CYS F 201 -13.98 45.90 33.81
CA CYS F 201 -14.45 46.90 32.87
C CYS F 201 -15.22 46.26 31.72
N HIS F 202 -16.55 46.34 31.80
CA HIS F 202 -17.41 45.78 30.76
C HIS F 202 -17.47 46.69 29.53
N VAL F 203 -17.54 46.06 28.34
CA VAL F 203 -17.73 46.75 27.07
C VAL F 203 -18.71 45.91 26.24
N SER F 204 -19.92 46.45 26.02
CA SER F 204 -21.00 45.70 25.38
C SER F 204 -21.58 46.36 24.13
N GLY F 205 -21.90 45.54 23.14
CA GLY F 205 -22.72 45.94 22.00
C GLY F 205 -22.05 46.58 20.80
N PHE F 206 -20.74 46.39 20.65
CA PHE F 206 -19.99 46.99 19.54
C PHE F 206 -20.01 46.12 18.28
N TYR F 207 -19.87 46.76 17.12
CA TYR F 207 -19.71 46.07 15.83
C TYR F 207 -19.03 47.01 14.82
N PRO F 208 -18.02 46.50 14.05
CA PRO F 208 -17.42 45.15 13.91
C PRO F 208 -16.55 44.64 15.08
N LYS F 209 -16.03 43.42 14.94
CA LYS F 209 -15.26 42.73 15.98
C LYS F 209 -13.94 43.39 16.44
N PRO F 210 -13.11 43.90 15.50
CA PRO F 210 -11.83 44.47 15.94
C PRO F 210 -11.95 45.62 16.95
N VAL F 211 -11.29 45.44 18.10
CA VAL F 211 -11.41 46.33 19.26
C VAL F 211 -10.13 46.33 20.13
N TRP F 212 -10.07 47.23 21.10
CA TRP F 212 -8.89 47.41 21.97
C TRP F 212 -9.23 48.02 23.35
N VAL F 213 -9.02 47.22 24.40
CA VAL F 213 -9.29 47.63 25.80
C VAL F 213 -8.10 47.36 26.72
N LYS F 214 -7.80 48.33 27.59
CA LYS F 214 -6.75 48.18 28.60
C LYS F 214 -7.07 49.01 29.84
N TRP F 215 -6.43 48.64 30.96
CA TRP F 215 -6.51 49.42 32.19
C TRP F 215 -5.36 50.43 32.31
N MET F 216 -5.73 51.68 32.58
CA MET F 216 -4.79 52.79 32.49
C MET F 216 -4.49 53.46 33.85
N ARG F 217 -3.27 53.97 33.99
CA ARG F 217 -2.97 54.99 34.99
C ARG F 217 -2.61 56.28 34.23
N GLY F 218 -3.64 57.05 33.88
CA GLY F 218 -3.53 58.19 32.96
C GLY F 218 -3.14 57.72 31.56
N GLU F 219 -1.94 58.11 31.13
CA GLU F 219 -1.38 57.72 29.83
C GLU F 219 -0.54 56.44 29.93
N GLN F 220 -0.48 55.84 31.13
CA GLN F 220 0.39 54.70 31.41
C GLN F 220 -0.33 53.34 31.32
N GLU F 221 0.09 52.54 30.34
CA GLU F 221 -0.44 51.20 30.10
C GLU F 221 -0.14 50.23 31.23
N GLN F 222 -1.14 49.97 32.06
CA GLN F 222 -0.96 49.04 33.18
C GLN F 222 -1.18 47.58 32.78
N GLN F 223 -0.16 46.97 32.19
CA GLN F 223 -0.16 45.53 31.91
C GLN F 223 -0.50 44.70 33.15
N GLY F 224 -0.86 43.44 32.93
CA GLY F 224 -1.52 42.64 33.95
C GLY F 224 -3.02 42.76 33.72
N THR F 225 -3.38 43.47 32.65
CA THR F 225 -4.73 43.51 32.11
C THR F 225 -5.02 42.11 31.60
N GLN F 226 -6.12 41.53 32.06
CA GLN F 226 -6.51 40.23 31.57
C GLN F 226 -7.78 40.40 30.72
N PRO F 227 -7.61 40.50 29.38
CA PRO F 227 -8.78 40.64 28.51
C PRO F 227 -9.38 39.27 28.28
N GLY F 228 -10.70 39.17 28.47
CA GLY F 228 -11.42 37.92 28.24
C GLY F 228 -11.59 37.60 26.76
N ASP F 229 -12.45 36.62 26.49
CA ASP F 229 -12.81 36.30 25.12
C ASP F 229 -13.88 37.28 24.66
N ILE F 230 -13.75 37.73 23.42
CA ILE F 230 -14.74 38.57 22.78
C ILE F 230 -15.92 37.65 22.51
N LEU F 231 -17.03 37.90 23.19
CA LEU F 231 -18.20 37.02 23.16
C LEU F 231 -19.32 37.45 22.18
N PRO F 232 -20.09 36.47 21.65
CA PRO F 232 -21.17 36.78 20.71
C PRO F 232 -22.55 37.12 21.34
N ASN F 233 -23.19 38.15 20.80
CA ASN F 233 -24.59 38.46 21.10
C ASN F 233 -25.48 37.97 19.97
N ALA F 234 -26.72 37.62 20.30
CA ALA F 234 -27.69 37.13 19.31
C ALA F 234 -27.98 38.11 18.14
N ASP F 235 -27.76 39.40 18.37
CA ASP F 235 -27.94 40.43 17.34
C ASP F 235 -26.67 40.78 16.58
N GLU F 236 -25.68 39.89 16.69
CA GLU F 236 -24.42 39.94 15.92
C GLU F 236 -23.48 41.09 16.31
N THR F 237 -23.64 41.57 17.55
CA THR F 237 -22.63 42.41 18.18
C THR F 237 -21.82 41.57 19.17
N TRP F 238 -20.81 42.20 19.78
CA TRP F 238 -19.84 41.50 20.58
C TRP F 238 -19.80 42.06 21.99
N TYR F 239 -19.22 41.29 22.90
CA TYR F 239 -19.13 41.64 24.31
C TYR F 239 -17.77 41.29 24.89
N LEU F 240 -17.09 42.30 25.42
CA LEU F 240 -15.77 42.14 26.05
C LEU F 240 -15.81 42.38 27.57
N ARG F 241 -14.76 41.91 28.24
CA ARG F 241 -14.67 41.95 29.70
C ARG F 241 -13.17 41.93 30.07
N ALA F 242 -12.67 43.08 30.52
CA ALA F 242 -11.26 43.23 30.88
C ALA F 242 -11.07 43.42 32.39
N THR F 243 -10.17 42.62 32.96
CA THR F 243 -9.98 42.59 34.41
C THR F 243 -8.61 43.11 34.86
N LEU F 244 -8.51 43.43 36.16
CA LEU F 244 -7.27 43.90 36.80
C LEU F 244 -7.30 43.57 38.29
N ASP F 245 -6.30 42.78 38.71
CA ASP F 245 -6.07 42.40 40.11
C ASP F 245 -5.23 43.45 40.86
N VAL F 246 -5.83 44.12 41.85
CA VAL F 246 -5.26 45.33 42.43
C VAL F 246 -5.35 45.40 43.97
N VAL F 247 -4.53 46.27 44.55
CA VAL F 247 -4.53 46.57 45.99
C VAL F 247 -5.31 47.86 46.35
N ALA F 248 -6.33 47.72 47.20
CA ALA F 248 -7.22 48.84 47.57
C ALA F 248 -6.69 49.76 48.70
N GLY F 249 -6.57 51.07 48.43
CA GLY F 249 -6.92 51.67 47.15
C GLY F 249 -5.76 52.32 46.41
N GLU F 250 -5.02 51.52 45.64
CA GLU F 250 -3.98 52.02 44.75
C GLU F 250 -4.06 51.35 43.37
N SER F 255 -7.98 53.71 35.13
CA SER F 255 -8.73 54.10 33.94
C SER F 255 -8.91 52.95 32.93
N CYS F 256 -10.04 52.98 32.23
CA CYS F 256 -10.32 52.00 31.19
C CYS F 256 -10.52 52.68 29.82
N ARG F 257 -9.53 52.55 28.96
CA ARG F 257 -9.53 53.17 27.63
C ARG F 257 -10.03 52.20 26.53
N VAL F 258 -11.20 52.54 25.98
CA VAL F 258 -11.86 51.72 24.96
C VAL F 258 -11.57 52.29 23.57
N LYS F 259 -10.79 51.55 22.78
CA LYS F 259 -10.41 51.99 21.42
C LYS F 259 -11.12 51.22 20.29
N HIS F 260 -12.35 51.64 19.97
CA HIS F 260 -13.14 51.07 18.87
C HIS F 260 -13.15 52.05 17.69
N SER F 261 -13.73 51.60 16.57
CA SER F 261 -13.66 52.35 15.33
C SER F 261 -14.82 53.32 15.08
N SER F 262 -15.68 53.53 16.09
CA SER F 262 -16.85 54.40 15.87
C SER F 262 -17.69 54.87 17.07
N LEU F 263 -17.24 55.84 17.90
CA LEU F 263 -15.87 56.33 18.14
C LEU F 263 -14.89 56.53 16.96
N GLU F 264 -15.08 57.59 16.17
CA GLU F 264 -14.13 57.90 15.09
C GLU F 264 -12.84 58.54 15.64
N GLY F 265 -12.76 58.65 16.95
CA GLY F 265 -11.57 59.14 17.64
C GLY F 265 -11.90 59.47 19.08
N GLN F 266 -13.04 60.14 19.26
CA GLN F 266 -13.50 60.58 20.59
C GLN F 266 -13.96 59.41 21.47
N ASP F 267 -13.01 58.57 21.90
CA ASP F 267 -13.37 57.34 22.59
C ASP F 267 -13.92 57.57 24.01
N ILE F 268 -14.18 56.48 24.71
CA ILE F 268 -14.71 56.55 26.07
C ILE F 268 -13.68 56.06 27.10
N VAL F 269 -13.39 56.92 28.08
CA VAL F 269 -12.50 56.58 29.21
C VAL F 269 -13.27 56.77 30.53
N LEU F 270 -13.34 55.71 31.33
CA LEU F 270 -14.12 55.70 32.56
C LEU F 270 -13.23 55.63 33.82
N TYR F 271 -13.66 56.32 34.88
CA TYR F 271 -12.86 56.47 36.12
C TYR F 271 -13.43 55.77 37.35
N TRP F 272 -12.55 55.18 38.16
CA TRP F 272 -12.95 54.41 39.34
C TRP F 272 -13.22 55.31 40.56
N ILE G 1 -14.42 11.72 22.84
CA ILE G 1 -14.07 12.39 24.13
C ILE G 1 -12.64 12.96 24.12
N GLN G 2 -12.43 14.10 23.47
CA GLN G 2 -11.11 14.72 23.43
C GLN G 2 -11.04 16.05 24.18
N ARG G 3 -12.00 16.96 23.97
CA ARG G 3 -11.98 18.29 24.63
C ARG G 3 -13.26 18.66 25.42
N THR G 4 -13.06 19.06 26.68
CA THR G 4 -14.16 19.34 27.60
C THR G 4 -14.67 20.79 27.50
N PRO G 5 -16.02 20.96 27.35
CA PRO G 5 -16.67 22.25 27.12
C PRO G 5 -16.36 23.35 28.13
N LYS G 6 -16.16 24.56 27.65
CA LYS G 6 -15.98 25.73 28.51
C LYS G 6 -17.29 26.54 28.54
N ILE G 7 -17.92 26.65 29.72
CA ILE G 7 -19.24 27.30 29.81
C ILE G 7 -19.18 28.68 30.46
N GLN G 8 -19.75 29.68 29.79
CA GLN G 8 -19.81 31.04 30.30
C GLN G 8 -21.22 31.63 30.14
N VAL G 9 -21.78 32.12 31.24
CA VAL G 9 -23.12 32.74 31.28
C VAL G 9 -23.03 34.26 31.42
N TYR G 10 -23.85 34.97 30.64
CA TYR G 10 -23.88 36.44 30.64
C TYR G 10 -25.23 37.00 30.12
N SER G 11 -25.28 38.31 29.90
CA SER G 11 -26.50 38.98 29.48
C SER G 11 -26.23 40.23 28.65
N ARG G 12 -27.20 40.58 27.81
CA ARG G 12 -27.03 41.61 26.78
C ARG G 12 -26.84 43.04 27.33
N HIS G 13 -27.68 43.40 28.30
CA HIS G 13 -27.73 44.74 28.87
C HIS G 13 -27.51 44.66 30.38
N PRO G 14 -26.93 45.72 30.99
CA PRO G 14 -26.75 45.79 32.46
C PRO G 14 -28.06 45.57 33.20
N ALA G 15 -28.18 44.42 33.87
CA ALA G 15 -29.44 43.97 34.50
C ALA G 15 -29.99 44.93 35.56
N GLU G 16 -31.22 45.38 35.34
CA GLU G 16 -31.95 46.22 36.31
C GLU G 16 -33.30 45.58 36.63
N ASN G 17 -33.38 44.90 37.80
CA ASN G 17 -34.58 44.19 38.27
C ASN G 17 -35.88 44.69 37.63
N GLY G 18 -36.64 43.77 37.02
CA GLY G 18 -37.89 44.13 36.35
C GLY G 18 -37.73 44.94 35.07
N LYS G 19 -36.84 44.48 34.20
CA LYS G 19 -36.71 45.05 32.86
C LYS G 19 -36.40 43.94 31.85
N SER G 20 -36.99 44.05 30.66
CA SER G 20 -36.86 43.07 29.58
C SER G 20 -35.44 42.97 29.03
N ASN G 21 -34.87 41.77 29.09
CA ASN G 21 -33.48 41.53 28.75
C ASN G 21 -33.28 40.19 28.02
N PHE G 22 -32.02 39.90 27.65
CA PHE G 22 -31.62 38.63 27.02
C PHE G 22 -30.55 37.90 27.83
N LEU G 23 -30.76 36.60 28.03
CA LEU G 23 -29.80 35.76 28.76
C LEU G 23 -28.96 34.91 27.80
N ASN G 24 -27.64 35.02 27.91
CA ASN G 24 -26.71 34.39 26.97
C ASN G 24 -25.80 33.33 27.60
N CYS G 25 -25.90 32.08 27.13
CA CYS G 25 -24.98 31.02 27.55
C CYS G 25 -24.14 30.51 26.36
N TYR G 26 -22.81 30.60 26.53
CA TYR G 26 -21.85 30.33 25.45
C TYR G 26 -20.94 29.16 25.78
N VAL G 27 -21.07 28.07 25.01
CA VAL G 27 -20.28 26.86 25.23
C VAL G 27 -19.25 26.70 24.11
N SER G 28 -17.97 26.56 24.48
CA SER G 28 -16.89 26.57 23.49
C SER G 28 -15.76 25.56 23.73
N GLY G 29 -14.92 25.37 22.71
CA GLY G 29 -13.73 24.53 22.79
C GLY G 29 -13.95 23.08 23.09
N PHE G 30 -15.04 22.49 22.58
CA PHE G 30 -15.33 21.07 22.86
C PHE G 30 -15.23 20.14 21.64
N HIS G 31 -15.19 18.83 21.90
CA HIS G 31 -15.01 17.84 20.85
C HIS G 31 -15.23 16.44 21.43
N PRO G 32 -16.09 15.62 20.81
CA PRO G 32 -16.86 15.74 19.57
C PRO G 32 -18.13 16.62 19.64
N SER G 33 -18.85 16.68 18.52
CA SER G 33 -19.95 17.63 18.30
C SER G 33 -21.27 17.31 19.02
N ASP G 34 -21.42 16.08 19.51
CA ASP G 34 -22.60 15.71 20.26
C ASP G 34 -22.62 16.38 21.65
N ILE G 35 -23.57 17.30 21.86
CA ILE G 35 -23.70 18.04 23.12
C ILE G 35 -25.17 18.34 23.43
N GLU G 36 -25.49 18.60 24.70
CA GLU G 36 -26.87 18.92 25.12
C GLU G 36 -26.89 20.06 26.14
N VAL G 37 -27.57 21.17 25.82
CA VAL G 37 -27.48 22.41 26.61
C VAL G 37 -28.84 22.97 27.06
N ASP G 38 -28.96 23.22 28.36
CA ASP G 38 -30.21 23.70 28.95
C ASP G 38 -30.01 25.00 29.71
N LEU G 39 -30.98 25.90 29.61
CA LEU G 39 -31.02 27.08 30.47
C LEU G 39 -32.09 26.92 31.57
N LEU G 40 -31.74 27.26 32.81
CA LEU G 40 -32.62 26.98 33.95
C LEU G 40 -33.13 28.21 34.70
N LYS G 41 -34.46 28.32 34.80
CA LYS G 41 -35.10 29.29 35.69
C LYS G 41 -35.36 28.63 37.05
N ASN G 42 -34.64 29.14 38.05
CA ASN G 42 -34.54 28.53 39.39
C ASN G 42 -33.86 27.17 39.31
N GLY G 43 -34.66 26.11 39.20
CA GLY G 43 -34.13 24.76 39.02
C GLY G 43 -34.73 24.07 37.81
N GLU G 44 -35.77 24.67 37.22
CA GLU G 44 -36.53 24.04 36.12
C GLU G 44 -36.11 24.56 34.74
N ARG G 45 -36.19 23.68 33.74
CA ARG G 45 -35.76 23.96 32.37
C ARG G 45 -36.65 24.99 31.65
N ILE G 46 -36.03 26.02 31.06
CA ILE G 46 -36.76 27.00 30.25
C ILE G 46 -37.12 26.39 28.89
N GLU G 47 -38.36 26.57 28.44
CA GLU G 47 -38.86 25.89 27.22
C GLU G 47 -38.66 26.66 25.90
N LYS G 48 -38.49 27.97 25.98
CA LYS G 48 -38.33 28.77 24.77
C LYS G 48 -36.89 29.26 24.57
N VAL G 49 -35.94 28.33 24.68
CA VAL G 49 -34.53 28.60 24.32
C VAL G 49 -34.29 28.34 22.84
N GLU G 50 -33.62 29.30 22.18
CA GLU G 50 -33.19 29.11 20.79
C GLU G 50 -31.70 29.35 20.66
N HIS G 51 -31.05 28.54 19.83
CA HIS G 51 -29.59 28.55 19.70
C HIS G 51 -29.12 29.04 18.32
N SER G 52 -27.82 29.30 18.22
CA SER G 52 -27.18 29.60 16.95
C SER G 52 -26.67 28.30 16.33
N ASP G 53 -26.35 28.33 15.05
CA ASP G 53 -25.84 27.17 14.35
C ASP G 53 -24.50 26.70 14.90
N LEU G 54 -24.34 25.39 14.98
CA LEU G 54 -23.08 24.78 15.39
C LEU G 54 -21.99 25.22 14.43
N SER G 55 -20.92 25.79 14.98
CA SER G 55 -19.75 26.18 14.20
C SER G 55 -18.50 25.78 14.99
N PHE G 56 -17.33 25.95 14.38
CA PHE G 56 -16.08 25.60 15.03
C PHE G 56 -15.00 26.62 14.72
N SER G 57 -13.93 26.64 15.51
CA SER G 57 -12.86 27.63 15.40
C SER G 57 -11.61 27.10 14.67
N LYS G 58 -10.58 27.94 14.53
CA LYS G 58 -9.36 27.56 13.76
C LYS G 58 -8.70 26.26 14.23
N ASP G 59 -8.72 26.04 15.54
CA ASP G 59 -8.10 24.85 16.13
C ASP G 59 -9.01 23.61 16.04
N TRP G 60 -10.13 23.75 15.35
CA TRP G 60 -11.07 22.65 15.04
C TRP G 60 -12.07 22.29 16.14
N SER G 61 -12.14 23.09 17.21
CA SER G 61 -13.07 22.79 18.30
C SER G 61 -14.37 23.60 18.20
N PHE G 62 -15.49 22.99 18.57
CA PHE G 62 -16.80 23.56 18.38
C PHE G 62 -17.19 24.63 19.39
N TYR G 63 -18.17 25.46 19.03
CA TYR G 63 -18.79 26.44 19.93
C TYR G 63 -20.23 26.82 19.48
N LEU G 64 -21.15 26.93 20.42
CA LEU G 64 -22.47 27.49 20.11
C LEU G 64 -23.02 28.40 21.20
N LEU G 65 -23.95 29.26 20.81
CA LEU G 65 -24.55 30.25 21.70
C LEU G 65 -26.03 29.99 21.91
N TYR G 66 -26.40 29.70 23.16
CA TYR G 66 -27.79 29.55 23.54
C TYR G 66 -28.28 30.82 24.20
N TYR G 67 -29.49 31.24 23.84
CA TYR G 67 -30.09 32.45 24.42
C TYR G 67 -31.61 32.36 24.53
N THR G 68 -32.15 33.13 25.48
CA THR G 68 -33.60 33.25 25.68
C THR G 68 -33.94 34.66 26.20
N GLU G 69 -35.15 35.12 25.89
CA GLU G 69 -35.62 36.44 26.35
C GLU G 69 -36.23 36.31 27.74
N PHE G 70 -35.86 37.20 28.66
CA PHE G 70 -36.31 37.10 30.05
C PHE G 70 -36.46 38.45 30.77
N THR G 71 -36.92 38.38 32.02
CA THR G 71 -37.03 39.55 32.90
C THR G 71 -36.61 39.20 34.34
N PRO G 72 -35.48 39.76 34.79
CA PRO G 72 -34.94 39.38 36.09
C PRO G 72 -35.66 40.03 37.31
N THR G 73 -35.68 39.30 38.41
CA THR G 73 -36.09 39.84 39.71
C THR G 73 -35.03 39.47 40.74
N GLU G 74 -35.08 40.09 41.92
CA GLU G 74 -34.19 39.72 43.02
C GLU G 74 -34.49 38.30 43.51
N LYS G 75 -35.71 37.85 43.22
CA LYS G 75 -36.20 36.53 43.59
C LYS G 75 -35.39 35.39 42.95
N ASP G 76 -35.25 35.43 41.64
CA ASP G 76 -34.83 34.27 40.84
C ASP G 76 -33.33 34.06 40.72
N GLU G 77 -32.92 32.79 40.70
CA GLU G 77 -31.58 32.36 40.27
C GLU G 77 -31.65 31.75 38.84
N TYR G 78 -30.71 32.14 37.98
CA TYR G 78 -30.63 31.64 36.60
C TYR G 78 -29.32 30.93 36.28
N ALA G 79 -29.40 29.84 35.51
CA ALA G 79 -28.24 28.98 35.27
C ALA G 79 -28.17 28.38 33.86
N CYS G 80 -27.01 27.83 33.51
CA CYS G 80 -26.83 27.06 32.27
C CYS G 80 -26.27 25.66 32.57
N ARG G 81 -27.01 24.62 32.19
CA ARG G 81 -26.57 23.24 32.40
C ARG G 81 -26.16 22.57 31.09
N VAL G 82 -24.97 21.96 31.08
CA VAL G 82 -24.36 21.43 29.86
C VAL G 82 -23.94 19.97 30.02
N ASN G 83 -24.33 19.14 29.05
CA ASN G 83 -23.99 17.73 29.08
C ASN G 83 -23.14 17.25 27.88
N HIS G 84 -22.10 16.48 28.19
CA HIS G 84 -21.10 16.07 27.21
C HIS G 84 -20.36 14.81 27.67
N VAL G 85 -19.94 14.00 26.71
CA VAL G 85 -19.27 12.73 27.01
C VAL G 85 -17.93 12.86 27.77
N THR G 86 -17.46 14.10 27.94
CA THR G 86 -16.19 14.34 28.66
C THR G 86 -16.37 14.63 30.14
N LEU G 87 -17.62 14.71 30.60
CA LEU G 87 -17.86 14.92 32.03
C LEU G 87 -18.98 14.02 32.54
N SER G 88 -18.71 13.34 33.65
CA SER G 88 -19.57 12.24 34.16
C SER G 88 -20.83 12.71 34.88
N GLN G 89 -20.82 13.94 35.41
CA GLN G 89 -22.04 14.58 35.90
C GLN G 89 -22.24 15.96 35.24
N PRO G 90 -23.48 16.23 34.74
CA PRO G 90 -23.77 17.50 34.05
C PRO G 90 -23.23 18.71 34.83
N LYS G 91 -22.47 19.56 34.17
CA LYS G 91 -21.99 20.79 34.79
C LYS G 91 -23.05 21.90 34.73
N ILE G 92 -23.27 22.57 35.87
CA ILE G 92 -24.18 23.73 35.99
C ILE G 92 -23.35 24.95 36.40
N VAL G 93 -23.43 26.01 35.60
CA VAL G 93 -22.82 27.29 35.97
C VAL G 93 -23.90 28.31 36.34
N LYS G 94 -23.70 29.00 37.46
CA LYS G 94 -24.62 30.02 37.93
C LYS G 94 -24.45 31.38 37.22
N TRP G 95 -25.56 32.08 37.02
CA TRP G 95 -25.51 33.43 36.49
C TRP G 95 -25.14 34.38 37.62
N ASP G 96 -23.98 35.02 37.47
CA ASP G 96 -23.60 36.07 38.42
C ASP G 96 -23.86 37.45 37.81
N ARG G 97 -24.72 38.20 38.47
CA ARG G 97 -25.13 39.55 38.05
C ARG G 97 -24.15 40.63 38.49
N GLU H 1 1.88 -15.52 -18.85
CA GLU H 1 2.11 -16.32 -17.60
C GLU H 1 1.15 -15.92 -16.43
N ALA H 2 0.73 -14.65 -16.40
CA ALA H 2 -0.12 -14.11 -15.31
C ALA H 2 -1.58 -13.83 -15.74
N ASP H 3 -2.54 -14.46 -15.04
CA ASP H 3 -3.98 -14.40 -15.38
C ASP H 3 -4.86 -14.41 -14.10
N ILE H 4 -6.07 -14.95 -14.23
CA ILE H 4 -6.94 -15.25 -13.10
C ILE H 4 -7.61 -16.63 -13.30
N TYR H 5 -7.68 -17.42 -12.24
CA TYR H 5 -8.08 -18.82 -12.34
C TYR H 5 -9.14 -19.21 -11.32
N GLN H 6 -9.93 -20.22 -11.67
CA GLN H 6 -10.84 -20.81 -10.71
C GLN H 6 -10.80 -22.32 -10.91
N THR H 7 -10.82 -23.04 -9.78
CA THR H 7 -11.09 -24.47 -9.76
C THR H 7 -12.14 -24.77 -8.70
N PRO H 8 -12.98 -25.79 -8.96
CA PRO H 8 -12.99 -26.56 -10.20
C PRO H 8 -13.91 -25.96 -11.25
N ARG H 9 -13.72 -26.35 -12.51
CA ARG H 9 -14.59 -25.88 -13.59
C ARG H 9 -16.05 -26.16 -13.27
N TYR H 10 -16.34 -27.42 -12.97
CA TYR H 10 -17.66 -27.89 -12.54
C TYR H 10 -17.54 -28.59 -11.19
N LEU H 11 -18.66 -28.69 -10.46
CA LEU H 11 -18.70 -29.39 -9.17
C LEU H 11 -20.08 -29.95 -8.86
N VAL H 12 -20.19 -31.27 -8.72
CA VAL H 12 -21.42 -31.89 -8.20
C VAL H 12 -21.23 -32.31 -6.73
N ILE H 13 -22.14 -31.91 -5.87
CA ILE H 13 -21.99 -32.19 -4.44
C ILE H 13 -23.31 -32.49 -3.73
N GLY H 14 -23.26 -33.40 -2.76
CA GLY H 14 -24.43 -33.76 -1.93
C GLY H 14 -24.83 -32.67 -0.94
N THR H 15 -26.14 -32.53 -0.70
CA THR H 15 -26.64 -31.50 0.23
C THR H 15 -26.12 -31.72 1.63
N GLY H 16 -25.99 -30.66 2.40
CA GLY H 16 -25.45 -30.75 3.78
C GLY H 16 -23.93 -30.79 3.93
N LYS H 17 -23.20 -31.10 2.86
CA LYS H 17 -21.74 -31.14 2.91
C LYS H 17 -21.09 -29.75 2.72
N LYS H 18 -19.75 -29.73 2.64
CA LYS H 18 -18.97 -28.47 2.67
C LYS H 18 -18.24 -28.18 1.36
N ILE H 19 -18.59 -27.03 0.76
CA ILE H 19 -18.03 -26.59 -0.52
C ILE H 19 -17.02 -25.46 -0.30
N THR H 20 -15.91 -25.55 -1.03
CA THR H 20 -14.91 -24.49 -1.09
C THR H 20 -14.52 -24.27 -2.55
N LEU H 21 -14.89 -23.09 -3.07
CA LEU H 21 -14.56 -22.70 -4.44
C LEU H 21 -13.28 -21.88 -4.42
N GLU H 22 -12.26 -22.33 -5.15
CA GLU H 22 -10.93 -21.70 -5.13
C GLU H 22 -10.80 -20.64 -6.21
N CYS H 23 -10.26 -19.46 -5.85
CA CYS H 23 -9.95 -18.39 -6.80
C CYS H 23 -8.60 -17.76 -6.57
N SER H 24 -7.86 -17.59 -7.65
CA SER H 24 -6.44 -17.30 -7.60
C SER H 24 -6.05 -16.20 -8.61
N GLN H 25 -5.22 -15.25 -8.20
CA GLN H 25 -4.87 -14.11 -9.08
C GLN H 25 -3.38 -13.69 -9.04
N THR H 26 -2.69 -13.88 -10.15
CA THR H 26 -1.24 -13.65 -10.20
C THR H 26 -0.90 -12.37 -10.92
N MET H 27 -1.87 -11.46 -11.02
CA MET H 27 -1.59 -10.08 -11.37
C MET H 27 -1.40 -9.36 -10.04
N GLY H 28 -1.13 -8.07 -10.08
CA GLY H 28 -0.87 -7.34 -8.84
C GLY H 28 -2.08 -6.90 -8.04
N HIS H 29 -3.28 -7.16 -8.58
CA HIS H 29 -4.49 -6.40 -8.19
C HIS H 29 -4.90 -6.51 -6.74
N ASP H 30 -5.41 -5.40 -6.20
CA ASP H 30 -5.79 -5.32 -4.79
C ASP H 30 -7.24 -5.67 -4.53
N LYS H 31 -8.11 -5.15 -5.40
CA LYS H 31 -9.54 -5.32 -5.30
C LYS H 31 -10.00 -6.58 -5.99
N MET H 32 -10.89 -7.33 -5.34
CA MET H 32 -11.51 -8.53 -5.94
C MET H 32 -13.00 -8.69 -5.61
N TYR H 33 -13.73 -9.38 -6.49
CA TYR H 33 -15.15 -9.58 -6.34
C TYR H 33 -15.54 -11.05 -6.55
N TRP H 34 -16.64 -11.44 -5.91
CA TRP H 34 -17.35 -12.69 -6.21
C TRP H 34 -18.76 -12.38 -6.71
N TYR H 35 -19.04 -12.88 -7.89
CA TYR H 35 -20.38 -12.82 -8.45
C TYR H 35 -21.08 -14.18 -8.50
N GLN H 36 -22.41 -14.13 -8.50
CA GLN H 36 -23.26 -15.29 -8.64
C GLN H 36 -24.17 -15.03 -9.84
N GLN H 37 -24.25 -16.01 -10.73
CA GLN H 37 -25.00 -15.82 -11.97
C GLN H 37 -25.98 -16.97 -12.25
N ASP H 38 -27.18 -16.88 -11.68
CA ASP H 38 -28.27 -17.82 -12.01
C ASP H 38 -28.53 -17.68 -13.51
N PRO H 39 -28.88 -18.79 -14.20
CA PRO H 39 -28.95 -18.72 -15.68
C PRO H 39 -29.99 -17.70 -16.23
N GLY H 40 -29.63 -17.04 -17.32
CA GLY H 40 -30.48 -16.02 -17.93
C GLY H 40 -30.67 -14.76 -17.09
N MET H 41 -29.85 -14.58 -16.07
CA MET H 41 -29.95 -13.44 -15.19
C MET H 41 -28.64 -12.65 -15.19
N GLU H 42 -28.71 -11.42 -14.69
CA GLU H 42 -27.52 -10.56 -14.58
C GLU H 42 -26.61 -11.02 -13.45
N LEU H 43 -25.36 -10.57 -13.51
CA LEU H 43 -24.39 -10.79 -12.45
C LEU H 43 -24.77 -10.11 -11.13
N HIS H 44 -24.92 -10.91 -10.09
CA HIS H 44 -25.20 -10.43 -8.76
C HIS H 44 -23.92 -10.49 -7.90
N LEU H 45 -23.66 -9.41 -7.14
CA LEU H 45 -22.43 -9.30 -6.31
C LEU H 45 -22.65 -9.83 -4.90
N ILE H 46 -21.87 -10.85 -4.51
CA ILE H 46 -22.05 -11.47 -3.19
C ILE H 46 -21.02 -11.05 -2.15
N HIS H 47 -19.76 -10.93 -2.58
CA HIS H 47 -18.67 -10.44 -1.72
C HIS H 47 -17.68 -9.57 -2.47
N TYR H 48 -17.01 -8.67 -1.75
CA TYR H 48 -15.86 -8.00 -2.36
C TYR H 48 -14.79 -7.78 -1.32
N SER H 49 -13.54 -7.61 -1.76
CA SER H 49 -12.47 -7.31 -0.83
C SER H 49 -11.58 -6.17 -1.36
N TYR H 50 -11.22 -5.22 -0.48
CA TYR H 50 -10.37 -4.11 -0.90
C TYR H 50 -8.91 -4.51 -0.98
N GLY H 51 -8.58 -5.60 -0.28
CA GLY H 51 -7.22 -6.12 -0.21
C GLY H 51 -7.07 -7.11 0.93
N VAL H 52 -5.82 -7.35 1.34
CA VAL H 52 -5.55 -8.31 2.42
C VAL H 52 -6.27 -7.90 3.70
N ASN H 53 -7.02 -8.86 4.25
CA ASN H 53 -7.74 -8.72 5.52
C ASN H 53 -9.08 -8.02 5.46
N SER H 54 -9.39 -7.41 4.30
CA SER H 54 -10.71 -6.79 4.11
C SER H 54 -11.60 -7.72 3.31
N THR H 55 -12.71 -8.14 3.93
CA THR H 55 -13.70 -8.97 3.26
C THR H 55 -15.11 -8.49 3.58
N GLU H 56 -15.73 -7.86 2.59
CA GLU H 56 -17.07 -7.30 2.74
C GLU H 56 -18.12 -8.08 1.94
N LYS H 57 -19.40 -7.86 2.24
CA LYS H 57 -20.49 -8.48 1.49
C LYS H 57 -21.29 -7.44 0.68
N GLY H 58 -21.90 -7.88 -0.42
CA GLY H 58 -22.89 -7.08 -1.18
C GLY H 58 -24.35 -7.51 -1.00
N SER H 61 -28.19 -11.16 1.85
CA SER H 61 -28.76 -12.50 1.61
C SER H 61 -27.79 -13.71 1.75
N SER H 62 -26.83 -13.88 0.82
CA SER H 62 -25.97 -15.10 0.79
C SER H 62 -25.47 -15.59 2.17
N GLU H 63 -25.30 -16.90 2.29
CA GLU H 63 -24.84 -17.55 3.52
C GLU H 63 -23.38 -18.01 3.35
N SER H 64 -22.75 -17.53 2.28
CA SER H 64 -21.36 -17.88 1.95
C SER H 64 -20.39 -16.97 2.69
N THR H 65 -19.18 -17.47 2.97
CA THR H 65 -18.11 -16.63 3.50
C THR H 65 -16.82 -16.70 2.68
N VAL H 66 -16.07 -15.60 2.72
CA VAL H 66 -14.79 -15.47 2.02
C VAL H 66 -13.69 -15.00 2.97
N SER H 67 -12.45 -15.29 2.62
CA SER H 67 -11.33 -14.78 3.39
C SER H 67 -10.24 -14.30 2.45
N ARG H 68 -9.44 -13.36 2.92
CA ARG H 68 -8.36 -12.75 2.14
C ARG H 68 -7.17 -12.58 3.09
N ILE H 69 -6.21 -13.47 2.98
CA ILE H 69 -5.04 -13.39 3.85
C ILE H 69 -3.79 -13.23 3.02
N ARG H 70 -3.87 -13.67 1.77
CA ARG H 70 -2.83 -13.38 0.78
C ARG H 70 -3.49 -12.63 -0.36
N THR H 71 -2.75 -11.75 -1.01
CA THR H 71 -3.33 -10.94 -2.07
C THR H 71 -3.85 -11.83 -3.20
N GLU H 72 -3.17 -12.95 -3.42
CA GLU H 72 -3.46 -13.79 -4.58
C GLU H 72 -4.56 -14.84 -4.39
N HIS H 73 -5.05 -15.02 -3.17
CA HIS H 73 -6.11 -16.01 -2.92
C HIS H 73 -7.33 -15.39 -2.29
N PHE H 74 -8.50 -15.74 -2.81
CA PHE H 74 -9.78 -15.19 -2.35
C PHE H 74 -10.82 -16.29 -2.52
N PRO H 75 -10.84 -17.27 -1.59
CA PRO H 75 -11.65 -18.47 -1.74
C PRO H 75 -13.02 -18.38 -1.05
N LEU H 76 -14.03 -18.90 -1.74
CA LEU H 76 -15.43 -18.85 -1.30
C LEU H 76 -15.81 -20.18 -0.63
N THR H 77 -16.63 -20.08 0.42
CA THR H 77 -16.94 -21.24 1.25
C THR H 77 -18.43 -21.33 1.61
N LEU H 78 -19.00 -22.52 1.39
CA LEU H 78 -20.34 -22.85 1.87
C LEU H 78 -20.30 -23.94 2.92
N GLU H 79 -20.81 -23.61 4.11
CA GLU H 79 -20.66 -24.44 5.31
C GLU H 79 -21.49 -25.71 5.25
N SER H 80 -22.77 -25.56 4.92
CA SER H 80 -23.61 -26.71 4.59
C SER H 80 -24.40 -26.45 3.30
N ALA H 81 -24.09 -27.24 2.28
CA ALA H 81 -24.70 -27.10 0.96
C ALA H 81 -26.22 -27.21 0.99
N ARG H 82 -26.85 -26.75 -0.08
CA ARG H 82 -28.28 -26.68 -0.17
C ARG H 82 -28.64 -26.67 -1.64
N PRO H 83 -29.82 -27.20 -2.01
CA PRO H 83 -30.26 -27.08 -3.40
C PRO H 83 -30.22 -25.63 -3.91
N SER H 84 -30.59 -24.68 -3.06
CA SER H 84 -30.68 -23.25 -3.40
C SER H 84 -29.36 -22.61 -3.84
N HIS H 85 -28.26 -23.33 -3.61
CA HIS H 85 -26.91 -22.82 -3.92
C HIS H 85 -26.48 -23.08 -5.37
N THR H 86 -27.24 -23.87 -6.11
CA THR H 86 -26.96 -24.15 -7.52
C THR H 86 -26.91 -22.86 -8.33
N SER H 87 -25.79 -22.63 -9.01
CA SER H 87 -25.55 -21.42 -9.77
C SER H 87 -24.21 -21.50 -10.48
N GLN H 88 -23.91 -20.49 -11.30
CA GLN H 88 -22.54 -20.27 -11.75
C GLN H 88 -21.91 -19.20 -10.88
N TYR H 89 -20.66 -19.42 -10.48
CA TYR H 89 -19.92 -18.50 -9.60
C TYR H 89 -18.67 -17.93 -10.25
N LEU H 90 -18.65 -16.59 -10.38
CA LEU H 90 -17.62 -15.87 -11.14
C LEU H 90 -16.78 -14.95 -10.25
N CYS H 91 -15.46 -15.07 -10.40
CA CYS H 91 -14.47 -14.36 -9.60
C CYS H 91 -13.77 -13.30 -10.45
N ALA H 92 -13.47 -12.12 -9.89
CA ALA H 92 -12.80 -11.05 -10.68
C ALA H 92 -12.00 -10.01 -9.89
N SER H 93 -11.01 -9.41 -10.54
CA SER H 93 -10.16 -8.39 -9.93
C SER H 93 -10.07 -7.14 -10.79
N SER H 94 -9.48 -6.06 -10.26
CA SER H 94 -9.38 -4.78 -10.98
C SER H 94 -8.21 -3.88 -10.58
N GLU H 95 -7.80 -3.00 -11.49
CA GLU H 95 -6.64 -2.09 -11.33
C GLU H 95 -6.88 -0.71 -11.92
N PHE H 96 -5.89 0.17 -11.77
CA PHE H 96 -5.96 1.53 -12.33
C PHE H 96 -4.84 1.82 -13.31
N THR H 102 -5.92 4.81 -16.90
CA THR H 102 -6.53 6.03 -16.35
C THR H 102 -7.98 5.86 -15.80
N GLN H 103 -8.68 4.80 -16.23
CA GLN H 103 -9.96 4.35 -15.61
C GLN H 103 -9.78 2.94 -15.01
N GLU H 104 -10.71 2.50 -14.15
CA GLU H 104 -10.68 1.11 -13.60
C GLU H 104 -10.87 0.10 -14.72
N THR H 105 -10.44 -1.14 -14.50
CA THR H 105 -10.67 -2.20 -15.50
C THR H 105 -10.84 -3.51 -14.79
N GLN H 106 -11.82 -4.30 -15.21
CA GLN H 106 -12.19 -5.52 -14.52
C GLN H 106 -11.73 -6.75 -15.30
N TYR H 107 -11.15 -7.71 -14.59
CA TYR H 107 -10.71 -8.99 -15.19
C TYR H 107 -11.37 -10.23 -14.57
N PHE H 108 -12.14 -10.97 -15.37
CA PHE H 108 -12.97 -12.07 -14.88
C PHE H 108 -12.31 -13.44 -15.06
N GLY H 109 -12.62 -14.37 -14.17
CA GLY H 109 -12.12 -15.75 -14.26
C GLY H 109 -13.08 -16.68 -15.00
N PRO H 110 -12.63 -17.92 -15.27
CA PRO H 110 -13.47 -18.86 -16.03
C PRO H 110 -14.70 -19.38 -15.30
N GLY H 111 -14.81 -19.16 -14.00
CA GLY H 111 -16.05 -19.54 -13.28
C GLY H 111 -16.22 -21.00 -12.88
N THR H 112 -17.14 -21.22 -11.93
CA THR H 112 -17.47 -22.55 -11.44
C THR H 112 -18.96 -22.83 -11.53
N ARG H 113 -19.28 -23.99 -12.08
CA ARG H 113 -20.64 -24.44 -12.22
C ARG H 113 -20.94 -25.35 -11.06
N LEU H 114 -21.70 -24.85 -10.09
CA LEU H 114 -22.07 -25.64 -8.93
C LEU H 114 -23.49 -26.21 -9.03
N LEU H 115 -23.60 -27.53 -8.88
CA LEU H 115 -24.88 -28.25 -8.79
C LEU H 115 -24.93 -29.01 -7.48
N VAL H 116 -26.01 -28.83 -6.72
CA VAL H 116 -26.18 -29.48 -5.41
C VAL H 116 -27.41 -30.39 -5.38
N LEU H 117 -27.20 -31.68 -5.10
CA LEU H 117 -28.27 -32.67 -5.14
C LEU H 117 -28.66 -33.17 -3.73
N GLU H 118 -29.71 -33.98 -3.64
CA GLU H 118 -30.09 -34.60 -2.36
C GLU H 118 -29.19 -35.80 -2.05
N ASP H 119 -28.91 -36.62 -3.06
CA ASP H 119 -27.89 -37.67 -2.98
C ASP H 119 -27.44 -38.11 -4.37
N LEU H 120 -26.14 -38.16 -4.56
CA LEU H 120 -25.59 -38.38 -5.89
C LEU H 120 -25.56 -39.85 -6.26
N LYS H 121 -26.66 -40.54 -5.98
CA LYS H 121 -26.75 -41.99 -6.20
C LYS H 121 -26.86 -42.37 -7.69
N ASN H 122 -27.19 -41.37 -8.51
CA ASN H 122 -27.47 -41.56 -9.95
C ASN H 122 -26.49 -40.85 -10.92
N VAL H 123 -25.34 -40.43 -10.39
CA VAL H 123 -24.25 -39.88 -11.18
C VAL H 123 -23.68 -40.94 -12.13
N PHE H 124 -23.51 -40.58 -13.40
CA PHE H 124 -23.12 -41.52 -14.43
C PHE H 124 -22.10 -40.92 -15.39
N PRO H 125 -21.04 -41.66 -15.68
CA PRO H 125 -20.05 -41.26 -16.66
C PRO H 125 -20.53 -41.52 -18.09
N PRO H 126 -19.90 -40.86 -19.07
CA PRO H 126 -20.28 -40.95 -20.49
C PRO H 126 -19.98 -42.29 -21.12
N GLU H 127 -20.52 -42.51 -22.32
CA GLU H 127 -20.11 -43.61 -23.18
C GLU H 127 -19.88 -43.01 -24.57
N VAL H 128 -18.62 -42.93 -24.97
CA VAL H 128 -18.28 -42.27 -26.22
C VAL H 128 -18.25 -43.27 -27.36
N ALA H 129 -18.77 -42.87 -28.52
CA ALA H 129 -18.63 -43.63 -29.76
C ALA H 129 -18.27 -42.69 -30.91
N VAL H 130 -17.40 -43.16 -31.83
CA VAL H 130 -17.02 -42.40 -33.01
C VAL H 130 -17.61 -43.02 -34.29
N PHE H 131 -18.08 -42.16 -35.19
CA PHE H 131 -18.74 -42.60 -36.43
C PHE H 131 -17.98 -42.19 -37.69
N GLU H 132 -17.80 -43.15 -38.58
CA GLU H 132 -16.91 -43.01 -39.74
C GLU H 132 -17.61 -42.39 -40.96
N PRO H 133 -16.95 -41.41 -41.61
CA PRO H 133 -17.43 -40.67 -42.78
C PRO H 133 -18.16 -41.51 -43.82
N SER H 134 -19.22 -40.94 -44.40
CA SER H 134 -20.03 -41.58 -45.44
C SER H 134 -19.28 -41.62 -46.77
N GLU H 135 -19.44 -42.73 -47.50
CA GLU H 135 -18.83 -42.87 -48.83
C GLU H 135 -19.45 -41.90 -49.83
N ALA H 136 -20.79 -41.85 -49.86
CA ALA H 136 -21.51 -40.90 -50.72
C ALA H 136 -21.02 -39.47 -50.49
N GLU H 137 -20.80 -39.10 -49.23
CA GLU H 137 -20.31 -37.76 -48.87
C GLU H 137 -18.91 -37.52 -49.45
N ILE H 138 -18.09 -38.57 -49.49
CA ILE H 138 -16.72 -38.48 -49.97
C ILE H 138 -16.65 -38.21 -51.48
N SER H 139 -17.55 -38.82 -52.25
CA SER H 139 -17.54 -38.64 -53.71
C SER H 139 -18.27 -37.38 -54.14
N HIS H 140 -19.40 -37.10 -53.50
CA HIS H 140 -20.24 -35.95 -53.87
C HIS H 140 -19.60 -34.59 -53.55
N THR H 141 -18.86 -34.51 -52.45
CA THR H 141 -18.39 -33.21 -51.94
C THR H 141 -16.88 -33.07 -51.88
N GLN H 142 -16.17 -34.18 -51.96
CA GLN H 142 -14.71 -34.20 -51.81
C GLN H 142 -14.28 -33.85 -50.37
N LYS H 143 -15.20 -34.00 -49.42
CA LYS H 143 -14.88 -33.83 -48.00
C LYS H 143 -15.38 -35.01 -47.16
N ALA H 144 -15.02 -35.02 -45.87
CA ALA H 144 -15.37 -36.13 -44.98
C ALA H 144 -15.67 -35.71 -43.53
N THR H 145 -16.91 -35.96 -43.10
CA THR H 145 -17.39 -35.56 -41.77
C THR H 145 -17.31 -36.71 -40.76
N LEU H 146 -16.77 -36.40 -39.58
CA LEU H 146 -16.63 -37.37 -38.50
C LEU H 146 -17.52 -36.95 -37.32
N VAL H 147 -18.31 -37.90 -36.79
CA VAL H 147 -19.25 -37.62 -35.70
C VAL H 147 -18.86 -38.37 -34.44
N CYS H 148 -18.69 -37.63 -33.36
CA CYS H 148 -18.44 -38.17 -32.04
C CYS H 148 -19.69 -38.04 -31.20
N LEU H 149 -19.92 -38.98 -30.28
CA LEU H 149 -21.21 -39.06 -29.58
C LEU H 149 -21.14 -39.52 -28.12
N ALA H 150 -21.01 -38.56 -27.19
CA ALA H 150 -21.06 -38.86 -25.75
C ALA H 150 -22.52 -39.04 -25.32
N THR H 151 -22.84 -40.19 -24.72
CA THR H 151 -24.23 -40.55 -24.37
C THR H 151 -24.37 -41.22 -23.02
N GLY H 152 -25.44 -40.85 -22.31
CA GLY H 152 -25.81 -41.52 -21.08
C GLY H 152 -25.16 -41.04 -19.79
N PHE H 153 -24.81 -39.75 -19.74
CA PHE H 153 -24.12 -39.20 -18.59
C PHE H 153 -24.92 -38.20 -17.74
N TYR H 154 -24.55 -38.08 -16.47
CA TYR H 154 -25.21 -37.16 -15.54
C TYR H 154 -24.24 -36.81 -14.39
N PRO H 155 -24.14 -35.52 -14.02
CA PRO H 155 -24.87 -34.38 -14.58
C PRO H 155 -24.30 -33.90 -15.92
N ASP H 156 -24.81 -32.79 -16.42
CA ASP H 156 -24.36 -32.28 -17.72
C ASP H 156 -23.06 -31.45 -17.62
N HIS H 157 -22.06 -32.02 -16.94
CA HIS H 157 -20.79 -31.36 -16.65
C HIS H 157 -19.66 -32.04 -17.43
N VAL H 158 -19.37 -31.53 -18.62
CA VAL H 158 -18.49 -32.23 -19.55
C VAL H 158 -17.71 -31.30 -20.50
N GLU H 159 -16.51 -31.70 -20.92
CA GLU H 159 -15.77 -31.02 -21.99
C GLU H 159 -15.32 -32.00 -23.07
N LEU H 160 -15.77 -31.76 -24.30
CA LEU H 160 -15.41 -32.59 -25.43
C LEU H 160 -14.25 -32.03 -26.28
N SER H 161 -13.44 -32.90 -26.88
CA SER H 161 -12.33 -32.47 -27.73
C SER H 161 -11.83 -33.52 -28.72
N TRP H 162 -11.34 -33.04 -29.87
CA TRP H 162 -10.81 -33.88 -30.93
C TRP H 162 -9.29 -33.85 -30.99
N TRP H 163 -8.70 -35.01 -31.22
CA TRP H 163 -7.26 -35.13 -31.33
C TRP H 163 -6.87 -35.87 -32.61
N VAL H 164 -6.20 -35.15 -33.52
CA VAL H 164 -5.74 -35.73 -34.77
C VAL H 164 -4.25 -36.03 -34.64
N ASN H 165 -3.89 -37.28 -34.96
CA ASN H 165 -2.51 -37.76 -34.86
C ASN H 165 -1.82 -37.19 -33.61
N GLY H 166 -2.32 -37.59 -32.44
CA GLY H 166 -1.75 -37.19 -31.16
C GLY H 166 -2.05 -35.77 -30.70
N LYS H 167 -2.25 -34.86 -31.65
CA LYS H 167 -2.36 -33.42 -31.33
C LYS H 167 -3.80 -32.92 -31.38
N GLU H 168 -4.13 -31.99 -30.47
CA GLU H 168 -5.48 -31.40 -30.41
C GLU H 168 -5.75 -30.43 -31.56
N VAL H 169 -6.94 -30.51 -32.14
CA VAL H 169 -7.32 -29.62 -33.24
C VAL H 169 -8.50 -28.72 -32.83
N HIS H 170 -8.66 -27.59 -33.54
CA HIS H 170 -9.79 -26.68 -33.34
C HIS H 170 -10.55 -26.37 -34.64
N SER H 171 -9.82 -26.37 -35.74
CA SER H 171 -10.39 -26.05 -37.04
C SER H 171 -11.23 -27.19 -37.55
N GLY H 172 -12.41 -26.85 -38.05
CA GLY H 172 -13.32 -27.84 -38.62
C GLY H 172 -14.20 -28.54 -37.60
N VAL H 173 -14.24 -27.99 -36.39
CA VAL H 173 -14.95 -28.62 -35.28
C VAL H 173 -16.23 -27.91 -34.94
N CYS H 174 -17.23 -28.69 -34.53
CA CYS H 174 -18.51 -28.21 -34.04
C CYS H 174 -18.90 -29.01 -32.82
N THR H 175 -19.33 -28.34 -31.76
CA THR H 175 -19.87 -29.04 -30.61
C THR H 175 -21.10 -28.34 -30.10
N ASP H 176 -22.15 -29.12 -29.87
CA ASP H 176 -23.39 -28.65 -29.26
C ASP H 176 -23.07 -27.70 -28.12
N PRO H 177 -23.66 -26.50 -28.14
CA PRO H 177 -23.42 -25.56 -27.05
C PRO H 177 -24.00 -26.07 -25.75
N GLN H 178 -25.10 -26.81 -25.83
CA GLN H 178 -25.77 -27.40 -24.67
C GLN H 178 -26.10 -28.88 -24.88
N PRO H 179 -25.99 -29.70 -23.82
CA PRO H 179 -26.29 -31.11 -23.97
C PRO H 179 -27.81 -31.30 -23.95
N LEU H 180 -28.31 -32.34 -24.62
CA LEU H 180 -29.76 -32.56 -24.70
C LEU H 180 -30.19 -33.70 -23.80
N LYS H 181 -31.33 -33.53 -23.14
CA LYS H 181 -31.89 -34.51 -22.17
C LYS H 181 -32.36 -35.80 -22.84
N GLU H 182 -31.79 -36.92 -22.42
CA GLU H 182 -32.09 -38.24 -23.01
C GLU H 182 -33.51 -38.71 -22.71
N GLN H 183 -34.04 -38.23 -21.58
CA GLN H 183 -35.44 -38.48 -21.22
C GLN H 183 -36.00 -37.19 -20.64
N PRO H 184 -36.43 -36.26 -21.50
CA PRO H 184 -36.86 -34.97 -20.98
C PRO H 184 -38.08 -35.14 -20.09
N ALA H 185 -38.47 -34.06 -19.42
CA ALA H 185 -39.60 -34.06 -18.46
C ALA H 185 -39.37 -35.01 -17.25
N LEU H 186 -38.12 -35.41 -17.06
CA LEU H 186 -37.67 -36.10 -15.85
C LEU H 186 -36.52 -35.30 -15.27
N ASN H 187 -36.62 -35.01 -13.96
CA ASN H 187 -35.67 -34.18 -13.23
C ASN H 187 -34.27 -34.80 -13.07
N ASP H 188 -34.24 -36.11 -12.82
CA ASP H 188 -32.99 -36.85 -12.71
C ASP H 188 -32.55 -37.52 -14.03
N SER H 189 -32.88 -36.89 -15.16
CA SER H 189 -32.62 -37.44 -16.50
C SER H 189 -31.15 -37.40 -16.93
N ARG H 190 -30.78 -38.36 -17.77
CA ARG H 190 -29.44 -38.44 -18.34
C ARG H 190 -29.31 -37.56 -19.58
N TYR H 191 -28.07 -37.25 -19.98
CA TYR H 191 -27.79 -36.39 -21.15
C TYR H 191 -27.00 -37.07 -22.29
N ALA H 192 -27.00 -36.40 -23.44
CA ALA H 192 -26.13 -36.76 -24.56
C ALA H 192 -25.50 -35.48 -25.12
N LEU H 193 -24.57 -35.63 -26.07
CA LEU H 193 -23.84 -34.51 -26.68
C LEU H 193 -23.19 -34.96 -27.98
N SER H 194 -23.26 -34.15 -29.03
CA SER H 194 -22.66 -34.50 -30.33
C SER H 194 -21.60 -33.50 -30.75
N SER H 195 -20.68 -33.94 -31.61
CA SER H 195 -19.64 -33.08 -32.14
C SER H 195 -19.18 -33.54 -33.54
N ARG H 196 -18.88 -32.58 -34.41
CA ARG H 196 -18.39 -32.89 -35.76
C ARG H 196 -16.92 -32.54 -35.95
N LEU H 197 -16.27 -33.26 -36.86
CA LEU H 197 -14.98 -32.88 -37.40
C LEU H 197 -14.97 -33.13 -38.91
N ARG H 198 -14.57 -32.11 -39.69
CA ARG H 198 -14.62 -32.19 -41.15
C ARG H 198 -13.25 -31.98 -41.77
N VAL H 199 -12.88 -32.88 -42.69
CA VAL H 199 -11.53 -32.91 -43.26
C VAL H 199 -11.54 -33.25 -44.76
N SER H 200 -10.36 -33.19 -45.39
CA SER H 200 -10.19 -33.42 -46.83
C SER H 200 -10.41 -34.86 -47.29
N ALA H 201 -10.77 -35.02 -48.56
CA ALA H 201 -10.91 -36.35 -49.18
C ALA H 201 -9.67 -37.21 -49.01
N THR H 202 -8.49 -36.61 -49.19
CA THR H 202 -7.21 -37.29 -48.94
C THR H 202 -7.10 -37.69 -47.47
N PHE H 203 -7.01 -36.67 -46.62
CA PHE H 203 -6.70 -36.79 -45.20
C PHE H 203 -7.35 -37.99 -44.50
N TRP H 204 -8.60 -38.30 -44.86
CA TRP H 204 -9.31 -39.42 -44.27
C TRP H 204 -8.86 -40.73 -44.86
N GLN H 205 -8.82 -40.79 -46.19
CA GLN H 205 -8.48 -42.02 -46.91
C GLN H 205 -7.08 -42.57 -46.62
N ASN H 206 -6.09 -41.68 -46.45
CA ASN H 206 -4.72 -42.09 -46.10
C ASN H 206 -4.68 -42.83 -44.76
N PRO H 207 -4.34 -44.14 -44.78
CA PRO H 207 -4.56 -45.00 -43.62
C PRO H 207 -3.53 -44.85 -42.48
N ARG H 208 -2.61 -43.89 -42.61
CA ARG H 208 -1.73 -43.55 -41.47
C ARG H 208 -2.20 -42.32 -40.66
N ASN H 209 -3.48 -41.99 -40.81
CA ASN H 209 -4.13 -40.92 -40.05
C ASN H 209 -5.08 -41.41 -38.95
N HIS H 210 -4.85 -40.91 -37.73
CA HIS H 210 -5.50 -41.38 -36.51
C HIS H 210 -6.34 -40.31 -35.83
N PHE H 211 -7.64 -40.57 -35.75
CA PHE H 211 -8.59 -39.59 -35.24
C PHE H 211 -9.16 -39.99 -33.87
N ARG H 212 -9.00 -39.12 -32.88
CA ARG H 212 -9.41 -39.44 -31.51
C ARG H 212 -10.38 -38.43 -30.89
N CYS H 213 -11.50 -38.93 -30.38
CA CYS H 213 -12.49 -38.11 -29.70
C CYS H 213 -12.45 -38.35 -28.20
N GLN H 214 -12.33 -37.27 -27.44
CA GLN H 214 -12.07 -37.36 -26.01
C GLN H 214 -13.05 -36.53 -25.22
N VAL H 215 -13.59 -37.11 -24.15
CA VAL H 215 -14.58 -36.44 -23.30
C VAL H 215 -14.15 -36.41 -21.83
N GLN H 216 -14.12 -35.22 -21.26
CA GLN H 216 -13.72 -35.04 -19.86
C GLN H 216 -14.96 -34.96 -19.02
N PHE H 217 -15.07 -35.88 -18.07
CA PHE H 217 -16.22 -35.94 -17.18
C PHE H 217 -15.89 -35.40 -15.80
N TYR H 218 -16.78 -34.60 -15.23
CA TYR H 218 -16.59 -34.07 -13.89
C TYR H 218 -17.55 -34.74 -12.91
N GLY H 219 -17.06 -35.79 -12.26
CA GLY H 219 -17.89 -36.57 -11.36
C GLY H 219 -17.56 -36.50 -9.89
N LEU H 220 -17.26 -37.66 -9.32
CA LEU H 220 -17.12 -37.82 -7.88
C LEU H 220 -15.69 -37.86 -7.39
N SER H 221 -15.54 -37.46 -6.12
CA SER H 221 -14.24 -37.42 -5.45
C SER H 221 -14.07 -38.62 -4.52
N GLU H 222 -12.81 -38.92 -4.19
CA GLU H 222 -12.46 -39.99 -3.24
C GLU H 222 -13.02 -39.79 -1.81
N ASN H 223 -13.89 -38.80 -1.62
CA ASN H 223 -14.44 -38.52 -0.30
C ASN H 223 -15.97 -38.66 -0.25
N ASP H 224 -16.56 -38.93 -1.41
CA ASP H 224 -18.01 -39.21 -1.48
C ASP H 224 -18.20 -40.73 -1.32
N GLU H 225 -19.15 -41.13 -0.48
CA GLU H 225 -19.27 -42.52 -0.03
C GLU H 225 -20.06 -43.42 -0.98
N TRP H 226 -19.37 -44.01 -1.96
CA TRP H 226 -20.03 -44.83 -3.00
C TRP H 226 -20.29 -46.28 -2.56
N THR H 227 -21.57 -46.66 -2.53
CA THR H 227 -22.00 -48.03 -2.17
C THR H 227 -22.95 -48.61 -3.23
N GLN H 228 -22.42 -49.41 -4.16
CA GLN H 228 -23.20 -49.92 -5.29
C GLN H 228 -22.36 -50.88 -6.11
N ASP H 229 -23.04 -51.79 -6.81
CA ASP H 229 -22.36 -52.83 -7.59
C ASP H 229 -21.60 -52.32 -8.83
N ARG H 230 -22.03 -51.19 -9.39
CA ARG H 230 -21.30 -50.59 -10.54
C ARG H 230 -20.18 -49.68 -10.07
N ALA H 231 -19.16 -49.52 -10.94
CA ALA H 231 -17.95 -48.79 -10.62
C ALA H 231 -18.21 -47.35 -10.26
N LYS H 232 -17.50 -46.85 -9.25
CA LYS H 232 -17.63 -45.46 -8.80
C LYS H 232 -17.58 -44.48 -9.99
N PRO H 233 -18.59 -43.58 -10.09
CA PRO H 233 -18.68 -42.60 -11.18
C PRO H 233 -17.82 -41.34 -10.90
N VAL H 234 -16.54 -41.46 -11.18
CA VAL H 234 -15.57 -40.45 -10.78
C VAL H 234 -15.13 -39.61 -11.97
N THR H 235 -14.70 -38.38 -11.68
CA THR H 235 -13.98 -37.57 -12.64
C THR H 235 -13.05 -38.46 -13.45
N GLN H 236 -13.09 -38.34 -14.77
CA GLN H 236 -12.30 -39.20 -15.63
C GLN H 236 -12.42 -38.78 -17.09
N ILE H 237 -11.68 -39.47 -17.94
CA ILE H 237 -11.71 -39.23 -19.37
C ILE H 237 -12.11 -40.50 -20.08
N VAL H 238 -13.23 -40.45 -20.80
CA VAL H 238 -13.67 -41.55 -21.65
C VAL H 238 -13.39 -41.15 -23.07
N SER H 239 -12.96 -42.10 -23.90
CA SER H 239 -12.40 -41.79 -25.20
C SER H 239 -12.76 -42.83 -26.24
N ALA H 240 -12.85 -42.42 -27.50
CA ALA H 240 -13.00 -43.37 -28.61
C ALA H 240 -12.29 -42.83 -29.84
N GLU H 241 -11.83 -43.72 -30.72
CA GLU H 241 -10.94 -43.36 -31.83
C GLU H 241 -11.23 -44.11 -33.14
N ALA H 242 -10.67 -43.63 -34.24
CA ALA H 242 -10.81 -44.31 -35.54
C ALA H 242 -9.56 -44.13 -36.41
N TRP H 243 -9.44 -44.96 -37.44
CA TRP H 243 -8.27 -44.95 -38.33
C TRP H 243 -8.66 -44.67 -39.78
N GLY H 244 -7.79 -43.97 -40.50
CA GLY H 244 -7.98 -43.70 -41.94
C GLY H 244 -8.23 -44.96 -42.77
N ARG H 245 -9.10 -44.86 -43.78
CA ARG H 245 -9.64 -46.04 -44.45
C ARG H 245 -9.52 -45.91 -45.96
N ALA H 246 -8.71 -46.78 -46.56
CA ALA H 246 -8.33 -46.67 -47.98
C ALA H 246 -9.46 -46.92 -48.99
N ASP H 247 -10.24 -47.99 -48.78
CA ASP H 247 -11.41 -48.31 -49.63
C ASP H 247 -12.42 -49.23 -48.91
C1 GCY I . 6.92 -1.69 15.34
N1 GCY I . 17.44 -12.69 10.04
O1 GCY I . 16.70 -9.23 11.37
C2 GCY I . 6.42 -3.13 15.15
O2 GCY I . 19.75 -10.80 8.70
C3 GCY I . 6.86 -3.71 13.80
O3 GCY I . 22.96 -14.20 8.24
C4 GCY I . 6.08 -4.96 13.39
O4 GCY I . 21.03 -12.51 7.77
C5 GCY I . 6.68 -6.20 14.05
O5 GCY I . 21.46 -12.84 4.82
C6 GCY I . 7.57 -6.97 13.09
C7 GCY I . 7.53 -8.46 13.41
C8 GCY I . 8.94 -9.02 13.56
C9 GCY I . 8.88 -10.46 14.10
C10 GCY I . 9.50 -11.47 13.13
C11 GCY I . 11.01 -11.63 13.39
C12 GCY I . 11.88 -10.94 12.32
C13 GCY I . 13.33 -11.39 12.40
C14 GCY I . 14.12 -10.76 11.24
C15 GCY I . 15.37 -11.34 11.03
C16 GCY I . 16.52 -10.60 10.69
O16 GCY I . 18.88 -12.26 4.24
C17 GCY I . 17.83 -11.33 10.43
O17 GCY I . 18.05 -10.85 6.54
C18 GCY I . 18.47 -10.54 9.31
O18 GCY I . 18.04 -13.65 12.00
C19 GCY I . 19.74 -11.93 7.85
C20 GCY I . 20.94 -13.80 7.03
C21 GCY I . 22.29 -14.44 6.99
C22 GCY I . 20.44 -13.53 5.55
C35 GCY I . 19.16 -12.69 5.56
C36 GCY I . 19.29 -11.51 6.46
C37 GCY I . 17.55 -13.72 10.88
C38 GCY I . 17.03 -15.04 10.38
C39 GCY I . 16.87 -15.98 11.59
C40 GCY I . 15.62 -15.66 12.38
C41 GCY I . 15.26 -16.87 13.25
C42 GCY I . 15.01 -16.47 14.71
C43 GCY I . 14.32 -17.59 15.50
C44 GCY I . 14.55 -17.38 16.99
CAJ GCY I . 13.43 -18.01 17.86
CAK GCY I . 12.44 -16.95 18.38
CAL GCY I . 12.77 -16.62 19.83
CAM GCY I . 11.61 -17.04 20.74
C1 GCY J . -12.77 8.16 7.52
N1 GCY J . -18.00 13.95 -6.57
O1 GCY J . -18.66 11.83 -3.72
C2 GCY J . -11.64 9.02 6.93
O2 GCY J . -19.32 10.97 -7.77
C3 GCY J . -11.84 9.11 5.42
O3 GCY J . -21.54 13.66 -11.02
C4 GCY J . -11.21 10.37 4.87
O4 GCY J . -19.88 11.95 -9.90
C5 GCY J . -12.29 11.14 4.10
O5 GCY J . -18.65 11.28 -12.48
C6 GCY J . -11.61 12.06 3.08
C7 GCY J . -12.06 13.52 3.21
C8 GCY J . -13.17 13.79 2.22
C9 GCY J . -12.90 15.05 1.43
C10 GCY J . -12.72 14.75 -0.07
C11 GCY J . -13.99 15.02 -0.90
C12 GCY J . -14.75 13.71 -1.16
C13 GCY J . -15.96 13.96 -2.07
C14 GCY J . -16.12 12.80 -3.05
C15 GCY J . -16.82 13.19 -4.19
C16 GCY J . -17.85 12.38 -4.70
O16 GCY J . -16.25 10.79 -11.37
C17 GCY J . -18.61 12.76 -5.99
O17 GCY J . -16.89 10.39 -8.63
C18 GCY J . -18.34 11.61 -6.93
O18 GCY J . -19.27 15.38 -5.38
C19 GCY J . -18.94 11.60 -8.95
C20 GCY J . -19.30 12.93 -10.80
C21 GCY J . -20.33 13.39 -11.74
C22 GCY J . -18.13 12.27 -11.59
C35 GCY J . -17.13 11.61 -10.64
C36 GCY J . -17.81 10.79 -9.61
C37 GCY J . -18.38 15.17 -6.19
C38 GCY J . -17.58 16.32 -6.84
C39 GCY J . -17.87 17.70 -6.26
C40 GCY J . -17.09 17.95 -4.97
C41 GCY J . -16.96 19.45 -4.64
C42 GCY J . -17.97 19.91 -3.57
C43 GCY J . -17.53 21.19 -2.87
C44 GCY J . -17.96 21.20 -1.40
CAJ GCY J . -16.97 21.95 -0.50
CAK GCY J . -16.92 21.38 0.94
CAL GCY J . -17.82 22.12 1.96
CAM GCY J . -17.43 23.59 2.15
#